data_3WD8
#
_entry.id   3WD8
#
_cell.length_a   51.724
_cell.length_b   135.912
_cell.length_c   107.623
_cell.angle_alpha   90.00
_cell.angle_beta   90.05
_cell.angle_gamma   90.00
#
_symmetry.space_group_name_H-M   'P 1 21 1'
#
loop_
_entity.id
_entity.type
_entity.pdbx_description
1 polymer 'Type III polyketide synthase quinolone synthase'
2 non-polymer GLYCEROL
3 water water
#
_entity_poly.entity_id   1
_entity_poly.type   'polypeptide(L)'
_entity_poly.pdbx_seq_one_letter_code
;MRGSHHHHHHGSMAKVKNFLNAKRSKGPASILAIGTANPPTCFNQSDYPDFYFRVTDCEHKTELKDKFKRICDRSAVKKR
YLHVTEEVLKENPSMRSYNAPSLDARQALLIEQVPKLGKEAAAKAIKEWGQPLSKITHLVFSAMAGVDIPGADLRLMNLL
GLEPSVKRLMIYSQGCFIGGAAIRCAKDFAENNAGARVLVVFSDIMNMYFHEPQEAHLDILVGQAVFGDGAAAVIVGADP
EVSIERPLFHVVSSTQMSVPDTNKFIRAHVKEMGMELYLSKDVPATVGKNIEKLLVDAVSPFGISDWNSLFYSVHPGGRA
ILDQVELNLGLGKEKLRASRHVLSEYGNMGGSSVYFILDEIRKKSMQEAKPTTGDGLEWGVLFAIGPGLTVETVILLSVP
IDSAC
;
_entity_poly.pdbx_strand_id   A,B,C,D
#
loop_
_chem_comp.id
_chem_comp.type
_chem_comp.name
_chem_comp.formula
GOL non-polymer GLYCEROL 'C3 H8 O3'
#
# COMPACT_ATOMS: atom_id res chain seq x y z
N GLY A 11 -25.99 12.85 9.61
CA GLY A 11 -27.19 12.09 9.97
C GLY A 11 -27.00 11.28 11.23
N SER A 12 -26.02 10.39 11.24
CA SER A 12 -25.78 9.58 12.43
C SER A 12 -25.05 10.41 13.49
N MET A 13 -24.43 11.50 13.08
CA MET A 13 -23.84 12.43 14.03
C MET A 13 -24.96 12.94 14.95
N ALA A 14 -26.18 13.03 14.42
CA ALA A 14 -27.35 13.41 15.22
C ALA A 14 -27.59 12.38 16.32
N LYS A 15 -27.56 11.10 15.94
CA LYS A 15 -27.69 9.98 16.88
C LYS A 15 -26.60 10.04 17.96
N VAL A 16 -25.36 10.29 17.51
CA VAL A 16 -24.22 10.39 18.39
C VAL A 16 -24.43 11.53 19.39
N LYS A 17 -24.89 12.69 18.89
CA LYS A 17 -25.08 13.87 19.74
C LYS A 17 -26.20 13.70 20.76
N ASN A 18 -27.22 12.94 20.38
CA ASN A 18 -28.31 12.63 21.31
C ASN A 18 -27.79 11.67 22.38
N PHE A 19 -27.03 10.66 21.93
CA PHE A 19 -26.40 9.70 22.84
C PHE A 19 -25.48 10.39 23.85
N LEU A 20 -24.63 11.26 23.35
CA LEU A 20 -23.65 12.01 24.13
C LEU A 20 -24.36 12.92 25.14
N ASN A 21 -25.39 13.61 24.67
CA ASN A 21 -26.13 14.49 25.57
C ASN A 21 -26.87 13.72 26.67
N ALA A 22 -27.40 12.55 26.32
CA ALA A 22 -28.14 11.73 27.29
C ALA A 22 -27.25 11.13 28.37
N LYS A 23 -25.97 10.94 28.07
CA LYS A 23 -25.08 10.30 29.05
C LYS A 23 -24.22 11.28 29.86
N ARG A 24 -24.53 12.57 29.76
CA ARG A 24 -23.91 13.53 30.65
C ARG A 24 -24.61 13.55 31.99
N SER A 25 -23.87 13.98 33.00
CA SER A 25 -24.41 14.11 34.34
C SER A 25 -24.99 15.51 34.44
N LYS A 26 -25.93 15.71 35.37
CA LYS A 26 -26.50 17.04 35.60
C LYS A 26 -25.55 17.91 36.44
N GLY A 27 -24.93 17.31 37.45
CA GLY A 27 -24.07 18.08 38.34
C GLY A 27 -22.68 17.46 38.45
N PRO A 28 -21.90 17.94 39.42
CA PRO A 28 -20.48 17.62 39.60
C PRO A 28 -20.25 16.28 40.28
N ALA A 29 -19.08 15.69 40.02
CA ALA A 29 -18.69 14.47 40.70
C ALA A 29 -18.47 14.75 42.17
N SER A 30 -18.99 13.87 43.03
CA SER A 30 -18.68 14.04 44.43
C SER A 30 -18.13 12.74 45.03
N ILE A 31 -17.35 12.88 46.10
CA ILE A 31 -16.88 11.73 46.82
C ILE A 31 -18.03 11.24 47.70
N LEU A 32 -18.46 10.00 47.48
CA LEU A 32 -19.64 9.43 48.15
C LEU A 32 -19.28 8.55 49.34
N ALA A 33 -18.03 8.12 49.41
CA ALA A 33 -17.55 7.32 50.54
C ALA A 33 -16.03 7.21 50.51
N ILE A 34 -15.45 7.01 51.68
CA ILE A 34 -14.02 6.80 51.85
C ILE A 34 -13.75 5.70 52.85
N GLY A 35 -12.96 4.69 52.48
CA GLY A 35 -12.54 3.68 53.42
C GLY A 35 -11.02 3.59 53.43
N THR A 36 -10.43 3.29 54.59
CA THR A 36 -8.97 3.12 54.66
C THR A 36 -8.58 1.80 55.31
N ALA A 37 -7.34 1.38 55.12
CA ALA A 37 -6.87 0.11 55.67
C ALA A 37 -5.37 0.12 55.85
N ASN A 38 -4.91 -0.74 56.77
CA ASN A 38 -3.49 -0.91 57.04
C ASN A 38 -3.19 -2.39 57.36
N PRO A 39 -1.90 -2.80 57.21
CA PRO A 39 -1.40 -4.10 57.69
C PRO A 39 -1.42 -4.18 59.24
N PRO A 40 -1.46 -5.42 59.79
CA PRO A 40 -1.63 -5.62 61.24
C PRO A 40 -0.49 -5.06 62.11
N THR A 41 0.76 -5.13 61.67
CA THR A 41 1.89 -4.83 62.53
C THR A 41 2.21 -3.34 62.64
N CYS A 42 2.13 -2.84 63.86
CA CYS A 42 2.46 -1.45 64.17
C CYS A 42 3.93 -1.31 64.59
N PHE A 43 4.59 -0.27 64.09
CA PHE A 43 5.96 0.01 64.44
C PHE A 43 6.00 1.42 65.06
N ASN A 44 6.41 1.50 66.32
CA ASN A 44 6.48 2.82 66.93
C ASN A 44 7.83 3.46 66.70
N GLN A 45 7.79 4.73 66.31
CA GLN A 45 9.00 5.41 65.87
C GLN A 45 10.03 5.42 66.99
N SER A 46 9.55 5.44 68.23
CA SER A 46 10.46 5.46 69.37
C SER A 46 11.38 4.25 69.29
N ASP A 47 10.81 3.12 68.89
CA ASP A 47 11.56 1.86 68.81
C ASP A 47 12.22 1.65 67.45
N TYR A 48 11.95 2.53 66.48
CA TYR A 48 12.27 2.14 65.11
C TYR A 48 13.75 2.07 64.77
N PRO A 49 14.52 3.10 65.18
CA PRO A 49 15.97 2.97 64.92
C PRO A 49 16.60 1.70 65.54
N ASP A 50 16.13 1.24 66.71
CA ASP A 50 16.72 0.04 67.32
C ASP A 50 16.42 -1.19 66.50
N PHE A 51 15.16 -1.33 66.14
CA PHE A 51 14.72 -2.43 65.30
C PHE A 51 15.50 -2.45 63.96
N TYR A 52 15.51 -1.31 63.30
CA TYR A 52 16.09 -1.22 61.97
C TYR A 52 17.57 -1.58 61.94
N PHE A 53 18.38 -0.94 62.78
CA PHE A 53 19.82 -1.18 62.74
C PHE A 53 20.23 -2.56 63.27
N ARG A 54 19.33 -3.19 64.01
CA ARG A 54 19.58 -4.52 64.57
C ARG A 54 19.21 -5.61 63.56
N VAL A 55 18.03 -5.46 62.97
CA VAL A 55 17.51 -6.45 62.07
C VAL A 55 18.35 -6.52 60.80
N THR A 56 19.12 -5.48 60.55
CA THR A 56 19.97 -5.43 59.36
C THR A 56 21.43 -5.65 59.70
N ASP A 57 21.69 -6.13 60.92
CA ASP A 57 23.07 -6.39 61.38
C ASP A 57 23.98 -5.17 61.22
N CYS A 58 23.48 -4.01 61.60
CA CYS A 58 24.23 -2.77 61.37
C CYS A 58 24.46 -1.92 62.63
N GLU A 59 24.46 -2.58 63.78
CA GLU A 59 24.60 -1.91 65.05
C GLU A 59 25.97 -1.24 65.26
N HIS A 60 26.96 -1.63 64.46
CA HIS A 60 28.27 -0.97 64.54
C HIS A 60 28.25 0.42 63.84
N LYS A 61 27.29 0.62 62.93
CA LYS A 61 27.18 1.88 62.18
C LYS A 61 26.64 2.94 63.15
N THR A 62 27.44 3.33 64.15
CA THR A 62 26.93 4.18 65.22
C THR A 62 26.62 5.61 64.76
N GLU A 63 27.47 6.16 63.92
CA GLU A 63 27.26 7.50 63.37
C GLU A 63 26.00 7.55 62.51
N LEU A 64 25.88 6.54 61.65
CA LEU A 64 24.73 6.43 60.75
C LEU A 64 23.46 6.22 61.56
N LYS A 65 23.54 5.45 62.63
CA LYS A 65 22.36 5.23 63.47
C LYS A 65 21.97 6.48 64.25
N ASP A 66 22.97 7.24 64.71
CA ASP A 66 22.64 8.49 65.40
C ASP A 66 21.89 9.39 64.42
N LYS A 67 22.36 9.38 63.17
CA LYS A 67 21.74 10.17 62.12
C LYS A 67 20.29 9.77 61.94
N PHE A 68 20.05 8.47 61.83
CA PHE A 68 18.70 8.00 61.57
C PHE A 68 17.78 8.28 62.78
N LYS A 69 18.37 8.18 63.98
CA LYS A 69 17.63 8.44 65.21
C LYS A 69 17.18 9.91 65.23
N ARG A 70 18.07 10.80 64.83
CA ARG A 70 17.73 12.21 64.71
C ARG A 70 16.64 12.43 63.67
N ILE A 71 16.72 11.71 62.55
CA ILE A 71 15.70 11.93 61.54
C ILE A 71 14.34 11.49 62.08
N CYS A 72 14.32 10.40 62.84
CA CYS A 72 13.04 9.92 63.39
C CYS A 72 12.50 10.84 64.46
N ASP A 73 13.39 11.39 65.28
CA ASP A 73 12.98 12.26 66.37
C ASP A 73 12.29 13.49 65.80
N ARG A 74 12.82 13.97 64.68
CA ARG A 74 12.32 15.21 64.05
C ARG A 74 11.22 14.96 63.02
N SER A 75 10.79 13.71 62.88
CA SER A 75 9.93 13.29 61.78
C SER A 75 8.44 13.57 62.00
N ALA A 76 8.07 13.79 63.27
CA ALA A 76 6.65 13.90 63.63
C ALA A 76 5.86 12.68 63.16
N VAL A 77 6.54 11.53 63.08
CA VAL A 77 5.88 10.27 62.85
C VAL A 77 5.95 9.49 64.16
N LYS A 78 4.79 9.11 64.67
CA LYS A 78 4.73 8.43 65.97
C LYS A 78 4.57 6.91 65.79
N LYS A 79 3.88 6.48 64.72
CA LYS A 79 3.76 5.05 64.44
C LYS A 79 3.37 4.81 62.99
N ARG A 80 3.71 3.62 62.50
CA ARG A 80 3.43 3.25 61.10
C ARG A 80 3.00 1.81 61.02
N TYR A 81 2.31 1.44 59.95
CA TYR A 81 1.92 0.04 59.73
C TYR A 81 2.64 -0.52 58.53
N LEU A 82 3.40 -1.59 58.74
CA LEU A 82 4.31 -2.17 57.73
C LEU A 82 4.05 -3.66 57.45
N HIS A 83 4.18 -4.05 56.19
CA HIS A 83 4.15 -5.47 55.82
C HIS A 83 5.56 -6.04 56.07
N VAL A 84 6.59 -5.19 56.04
CA VAL A 84 7.96 -5.69 56.25
C VAL A 84 8.23 -5.95 57.73
N THR A 85 7.94 -7.18 58.10
CA THR A 85 8.07 -7.62 59.47
C THR A 85 9.38 -8.36 59.65
N GLU A 86 9.61 -8.75 60.89
CA GLU A 86 10.80 -9.49 61.22
C GLU A 86 10.74 -10.87 60.60
N GLU A 87 9.52 -11.43 60.55
CA GLU A 87 9.31 -12.73 59.93
C GLU A 87 9.68 -12.63 58.44
N VAL A 88 9.15 -11.61 57.77
CA VAL A 88 9.43 -11.39 56.35
C VAL A 88 10.93 -11.20 56.10
N LEU A 89 11.58 -10.44 56.99
CA LEU A 89 13.01 -10.19 56.85
C LEU A 89 13.83 -11.45 57.12
N LYS A 90 13.37 -12.32 58.00
CA LYS A 90 14.06 -13.61 58.22
C LYS A 90 13.88 -14.53 57.02
N GLU A 91 12.69 -14.57 56.45
CA GLU A 91 12.42 -15.43 55.30
C GLU A 91 13.14 -14.91 54.04
N ASN A 92 13.46 -13.62 54.00
CA ASN A 92 14.11 -13.05 52.82
C ASN A 92 15.37 -12.29 53.15
N PRO A 93 16.45 -13.01 53.44
CA PRO A 93 17.70 -12.37 53.86
C PRO A 93 18.30 -11.45 52.80
N SER A 94 17.93 -11.63 51.53
CA SER A 94 18.44 -10.78 50.47
C SER A 94 18.07 -9.32 50.71
N MET A 95 16.97 -9.10 51.44
CA MET A 95 16.57 -7.73 51.79
C MET A 95 17.52 -7.02 52.74
N ARG A 96 18.39 -7.78 53.42
CA ARG A 96 19.22 -7.18 54.48
C ARG A 96 20.65 -6.90 54.05
N SER A 97 20.98 -7.30 52.83
CA SER A 97 22.30 -6.94 52.32
C SER A 97 22.12 -5.98 51.15
N TYR A 98 22.63 -4.76 51.30
CA TYR A 98 22.44 -3.72 50.29
C TYR A 98 22.89 -4.19 48.91
N ASN A 99 22.08 -3.91 47.89
CA ASN A 99 22.36 -4.31 46.50
C ASN A 99 22.25 -5.78 46.15
N ALA A 100 21.84 -6.62 47.12
CA ALA A 100 21.60 -8.04 46.85
C ALA A 100 20.37 -8.20 45.95
N PRO A 101 20.39 -9.20 45.05
CA PRO A 101 19.18 -9.46 44.26
C PRO A 101 17.97 -9.86 45.12
N SER A 102 16.97 -8.99 45.19
CA SER A 102 15.83 -9.23 46.05
C SER A 102 14.51 -8.85 45.40
N LEU A 103 14.56 -8.38 44.15
CA LEU A 103 13.35 -7.91 43.47
C LEU A 103 12.27 -8.97 43.40
N ASP A 104 12.64 -10.21 43.05
CA ASP A 104 11.63 -11.28 42.93
C ASP A 104 10.88 -11.49 44.25
N ALA A 105 11.59 -11.50 45.37
CA ALA A 105 10.93 -11.67 46.67
C ALA A 105 9.97 -10.50 46.97
N ARG A 106 10.49 -9.27 46.82
CA ARG A 106 9.67 -8.09 47.08
C ARG A 106 8.38 -8.08 46.25
N GLN A 107 8.51 -8.46 44.97
CA GLN A 107 7.36 -8.55 44.06
C GLN A 107 6.40 -9.64 44.50
N ALA A 108 6.96 -10.75 44.96
CA ALA A 108 6.10 -11.82 45.45
C ALA A 108 5.24 -11.31 46.61
N LEU A 109 5.81 -10.52 47.52
CA LEU A 109 4.93 -10.00 48.58
C LEU A 109 3.90 -9.04 47.99
N LEU A 110 4.36 -8.16 47.09
CA LEU A 110 3.49 -7.09 46.59
C LEU A 110 2.26 -7.57 45.81
N ILE A 111 2.49 -8.53 44.92
CA ILE A 111 1.47 -9.02 44.00
C ILE A 111 0.32 -9.63 44.80
N GLU A 112 0.66 -10.12 45.98
CA GLU A 112 -0.32 -10.66 46.88
C GLU A 112 -0.96 -9.53 47.72
N GLN A 113 -0.13 -8.75 48.41
CA GLN A 113 -0.66 -7.85 49.44
C GLN A 113 -1.38 -6.60 48.92
N VAL A 114 -0.89 -6.06 47.81
CA VAL A 114 -1.45 -4.82 47.23
C VAL A 114 -2.95 -4.91 46.88
N PRO A 115 -3.36 -5.95 46.14
CA PRO A 115 -4.81 -6.00 45.94
C PRO A 115 -5.61 -6.37 47.20
N LYS A 116 -4.97 -7.09 48.13
CA LYS A 116 -5.66 -7.45 49.38
C LYS A 116 -5.88 -6.24 50.28
N LEU A 117 -4.83 -5.47 50.53
CA LEU A 117 -4.95 -4.25 51.33
C LEU A 117 -5.95 -3.29 50.68
N GLY A 118 -5.96 -3.27 49.34
CA GLY A 118 -6.90 -2.42 48.61
C GLY A 118 -8.32 -2.95 48.74
N LYS A 119 -8.44 -4.27 48.80
CA LYS A 119 -9.74 -4.87 49.01
C LYS A 119 -10.30 -4.46 50.37
N GLU A 120 -9.48 -4.54 51.41
CA GLU A 120 -9.93 -4.15 52.74
C GLU A 120 -10.41 -2.68 52.75
N ALA A 121 -9.63 -1.77 52.20
CA ALA A 121 -10.06 -0.38 52.16
C ALA A 121 -11.28 -0.18 51.24
N ALA A 122 -11.35 -0.95 50.14
CA ALA A 122 -12.50 -0.81 49.23
C ALA A 122 -13.80 -1.24 49.90
N ALA A 123 -13.74 -2.35 50.64
CA ALA A 123 -14.95 -2.93 51.27
C ALA A 123 -15.52 -1.98 52.31
N LYS A 124 -14.65 -1.33 53.08
CA LYS A 124 -15.13 -0.36 54.04
C LYS A 124 -15.80 0.79 53.29
N ALA A 125 -15.29 1.11 52.11
CA ALA A 125 -15.86 2.22 51.34
C ALA A 125 -17.23 1.84 50.81
N ILE A 126 -17.33 0.60 50.34
CA ILE A 126 -18.56 0.10 49.76
C ILE A 126 -19.69 -0.05 50.80
N LYS A 127 -19.32 -0.48 52.01
CA LYS A 127 -20.29 -0.60 53.10
C LYS A 127 -20.84 0.77 53.48
N GLU A 128 -19.96 1.76 53.62
CA GLU A 128 -20.41 3.12 53.90
C GLU A 128 -21.32 3.61 52.80
N TRP A 129 -20.94 3.30 51.57
CA TRP A 129 -21.67 3.74 50.38
C TRP A 129 -23.09 3.19 50.36
N GLY A 130 -23.21 1.89 50.61
CA GLY A 130 -24.51 1.26 50.81
C GLY A 130 -25.10 0.63 49.57
N GLN A 131 -24.59 0.98 48.39
CA GLN A 131 -25.14 0.45 47.14
C GLN A 131 -24.64 -0.94 46.81
N PRO A 132 -25.33 -1.62 45.89
CA PRO A 132 -24.83 -2.92 45.44
C PRO A 132 -23.56 -2.75 44.60
N LEU A 133 -22.66 -3.73 44.69
CA LEU A 133 -21.41 -3.73 43.95
C LEU A 133 -21.66 -3.60 42.46
N SER A 134 -22.78 -4.14 42.00
CA SER A 134 -23.06 -4.18 40.58
C SER A 134 -23.17 -2.79 39.94
N LYS A 135 -23.29 -1.76 40.77
CA LYS A 135 -23.43 -0.36 40.30
C LYS A 135 -22.10 0.36 40.08
N ILE A 136 -21.03 -0.33 40.43
CA ILE A 136 -19.67 0.11 40.18
C ILE A 136 -19.34 -0.13 38.72
N THR A 137 -19.05 0.95 37.99
CA THR A 137 -18.82 0.88 36.55
C THR A 137 -17.34 1.02 36.19
N HIS A 138 -16.62 1.70 37.06
CA HIS A 138 -15.24 2.03 36.76
C HIS A 138 -14.35 1.66 37.92
N LEU A 139 -13.21 1.05 37.61
CA LEU A 139 -12.19 0.84 38.64
C LEU A 139 -10.89 1.52 38.21
N VAL A 140 -10.39 2.39 39.09
CA VAL A 140 -9.07 2.97 38.94
C VAL A 140 -8.25 2.52 40.12
N PHE A 141 -7.24 1.70 39.85
CA PHE A 141 -6.38 1.20 40.91
C PHE A 141 -4.96 1.78 40.77
N SER A 142 -4.54 2.55 41.77
CA SER A 142 -3.19 3.10 41.81
C SER A 142 -2.35 2.46 42.93
N ALA A 143 -1.16 2.00 42.58
CA ALA A 143 -0.22 1.37 43.51
C ALA A 143 1.21 1.88 43.33
N MET A 144 1.86 2.17 44.45
CA MET A 144 3.27 2.53 44.50
C MET A 144 4.15 1.47 43.84
N ALA A 145 3.86 0.19 44.10
CA ALA A 145 4.72 -0.86 43.56
C ALA A 145 4.00 -2.18 43.44
N GLY A 146 4.60 -3.07 42.66
CA GLY A 146 4.07 -4.42 42.47
C GLY A 146 3.65 -4.71 41.03
N VAL A 147 4.33 -4.08 40.05
CA VAL A 147 3.96 -4.23 38.63
C VAL A 147 3.76 -5.72 38.28
N ASP A 148 2.57 -6.04 37.76
CA ASP A 148 2.26 -7.41 37.37
C ASP A 148 1.15 -7.40 36.34
N ILE A 149 1.19 -8.39 35.43
CA ILE A 149 0.22 -8.47 34.35
C ILE A 149 -0.44 -9.86 34.36
N PRO A 150 -1.77 -9.91 34.54
CA PRO A 150 -2.68 -8.79 34.81
C PRO A 150 -2.41 -8.22 36.20
N GLY A 151 -2.91 -7.02 36.48
CA GLY A 151 -2.47 -6.32 37.68
C GLY A 151 -3.38 -6.41 38.89
N ALA A 152 -3.17 -5.52 39.86
CA ALA A 152 -3.95 -5.54 41.08
C ALA A 152 -5.41 -5.17 40.82
N ASP A 153 -5.67 -4.43 39.74
CA ASP A 153 -7.02 -3.97 39.45
C ASP A 153 -7.94 -5.17 39.19
N LEU A 154 -7.46 -6.08 38.34
CA LEU A 154 -8.24 -7.27 38.06
C LEU A 154 -8.41 -8.12 39.32
N ARG A 155 -7.31 -8.30 40.07
CA ARG A 155 -7.34 -9.07 41.31
C ARG A 155 -8.39 -8.56 42.26
N LEU A 156 -8.48 -7.25 42.35
CA LEU A 156 -9.50 -6.57 43.13
C LEU A 156 -10.89 -6.90 42.62
N MET A 157 -11.08 -6.85 41.30
CA MET A 157 -12.38 -7.22 40.75
C MET A 157 -12.80 -8.66 41.13
N ASN A 158 -11.84 -9.56 41.11
CA ASN A 158 -12.15 -10.91 41.49
C ASN A 158 -12.46 -11.03 43.00
N LEU A 159 -11.64 -10.37 43.82
CA LEU A 159 -11.78 -10.45 45.27
C LEU A 159 -13.10 -9.84 45.75
N LEU A 160 -13.59 -8.84 45.02
CA LEU A 160 -14.80 -8.15 45.43
C LEU A 160 -15.99 -8.73 44.70
N GLY A 161 -15.76 -9.36 43.56
CA GLY A 161 -16.88 -9.79 42.75
C GLY A 161 -17.53 -8.61 42.05
N LEU A 162 -16.71 -7.72 41.49
CA LEU A 162 -17.27 -6.64 40.68
C LEU A 162 -17.70 -7.23 39.36
N GLU A 163 -18.63 -6.58 38.66
CA GLU A 163 -19.02 -7.04 37.32
C GLU A 163 -17.81 -7.12 36.37
N PRO A 164 -17.74 -8.19 35.57
CA PRO A 164 -16.61 -8.32 34.61
C PRO A 164 -16.59 -7.17 33.58
N SER A 165 -17.68 -6.43 33.53
CA SER A 165 -17.83 -5.36 32.57
C SER A 165 -17.44 -4.01 33.18
N VAL A 166 -16.86 -4.00 34.38
CA VAL A 166 -16.36 -2.74 34.91
C VAL A 166 -15.17 -2.30 34.08
N LYS A 167 -15.09 -0.99 33.82
CA LYS A 167 -13.98 -0.41 33.09
C LYS A 167 -12.84 -0.17 34.06
N ARG A 168 -11.86 -1.08 34.02
CA ARG A 168 -10.74 -1.01 34.95
C ARG A 168 -9.54 -0.23 34.40
N LEU A 169 -8.82 0.42 35.31
CA LEU A 169 -7.64 1.19 34.93
C LEU A 169 -6.60 1.00 36.04
N MET A 170 -5.45 0.48 35.64
CA MET A 170 -4.32 0.18 36.52
C MET A 170 -3.20 1.22 36.34
N ILE A 171 -2.75 1.81 37.47
CA ILE A 171 -1.69 2.83 37.45
C ILE A 171 -0.59 2.51 38.44
N TYR A 172 0.46 1.85 37.96
CA TYR A 172 1.62 1.49 38.80
C TYR A 172 2.66 2.62 38.79
N SER A 173 3.10 3.06 39.97
CA SER A 173 4.31 3.87 40.09
C SER A 173 4.29 5.20 39.32
N GLN A 174 3.14 5.87 39.37
CA GLN A 174 2.97 7.17 38.75
C GLN A 174 3.68 8.24 39.59
N GLY A 175 3.70 8.04 40.91
CA GLY A 175 4.19 9.06 41.83
C GLY A 175 3.05 9.57 42.69
N CYS A 176 3.36 10.05 43.88
CA CYS A 176 2.32 10.30 44.89
C CYS A 176 1.23 11.33 44.54
N PHE A 177 1.52 12.24 43.60
CA PHE A 177 0.50 13.19 43.13
C PHE A 177 -0.66 12.48 42.49
N ILE A 178 -0.49 11.19 42.22
CA ILE A 178 -1.56 10.38 41.70
C ILE A 178 -2.82 10.54 42.57
N GLY A 179 -2.60 10.80 43.86
CA GLY A 179 -3.69 11.02 44.80
C GLY A 179 -4.72 12.00 44.25
N GLY A 180 -4.23 13.07 43.62
CA GLY A 180 -5.10 14.06 43.02
C GLY A 180 -5.42 13.71 41.58
N ALA A 181 -4.42 13.21 40.86
CA ALA A 181 -4.59 12.94 39.43
C ALA A 181 -5.74 11.96 39.23
N ALA A 182 -5.72 10.88 39.99
CA ALA A 182 -6.78 9.88 39.92
C ALA A 182 -8.15 10.53 40.21
N ILE A 183 -8.22 11.44 41.18
CA ILE A 183 -9.53 12.00 41.48
C ILE A 183 -10.04 12.79 40.29
N ARG A 184 -9.16 13.50 39.60
CA ARG A 184 -9.62 14.27 38.44
C ARG A 184 -10.19 13.33 37.40
N CYS A 185 -9.49 12.21 37.19
CA CYS A 185 -9.91 11.28 36.16
C CYS A 185 -11.29 10.77 36.55
N ALA A 186 -11.45 10.48 37.86
CA ALA A 186 -12.70 9.96 38.36
C ALA A 186 -13.79 10.99 38.08
N LYS A 187 -13.47 12.26 38.35
CA LYS A 187 -14.40 13.34 38.08
C LYS A 187 -14.90 13.26 36.63
N ASP A 188 -13.95 13.17 35.70
CA ASP A 188 -14.34 13.16 34.30
C ASP A 188 -15.14 11.87 34.00
N PHE A 189 -14.70 10.74 34.58
CA PHE A 189 -15.37 9.47 34.27
C PHE A 189 -16.80 9.63 34.75
N ALA A 190 -16.95 10.25 35.93
CA ALA A 190 -18.27 10.32 36.50
C ALA A 190 -19.10 11.34 35.75
N GLU A 191 -18.46 12.44 35.35
CA GLU A 191 -19.28 13.54 34.85
C GLU A 191 -19.68 13.29 33.41
N ASN A 192 -18.92 12.45 32.71
CA ASN A 192 -19.23 12.21 31.31
C ASN A 192 -20.06 10.93 31.13
N ASN A 193 -20.36 10.27 32.24
CA ASN A 193 -21.14 9.04 32.19
C ASN A 193 -22.21 8.98 33.28
N ALA A 194 -23.44 9.28 32.87
CA ALA A 194 -24.57 9.24 33.77
C ALA A 194 -24.64 7.86 34.43
N GLY A 195 -24.76 7.87 35.76
CA GLY A 195 -24.91 6.64 36.49
C GLY A 195 -23.60 5.99 36.87
N ALA A 196 -22.50 6.48 36.31
CA ALA A 196 -21.21 5.84 36.57
C ALA A 196 -20.81 5.96 38.03
N ARG A 197 -20.33 4.84 38.57
CA ARG A 197 -19.81 4.89 39.91
C ARG A 197 -18.40 4.34 39.83
N VAL A 198 -17.46 5.20 40.22
CA VAL A 198 -16.06 4.91 40.08
C VAL A 198 -15.46 4.54 41.43
N LEU A 199 -14.97 3.30 41.50
CA LEU A 199 -14.18 2.88 42.65
C LEU A 199 -12.73 3.25 42.37
N VAL A 200 -12.18 4.11 43.22
CA VAL A 200 -10.79 4.48 43.09
C VAL A 200 -10.00 3.94 44.27
N VAL A 201 -8.98 3.13 43.99
CA VAL A 201 -8.24 2.50 45.07
C VAL A 201 -6.74 2.80 45.00
N PHE A 202 -6.21 3.30 46.12
CA PHE A 202 -4.78 3.52 46.31
C PHE A 202 -4.33 2.46 47.31
N SER A 203 -3.43 1.58 46.88
CA SER A 203 -2.84 0.59 47.78
C SER A 203 -1.32 0.74 47.69
N ASP A 204 -0.75 1.38 48.70
CA ASP A 204 0.67 1.72 48.68
C ASP A 204 1.46 0.97 49.74
N ILE A 205 2.31 0.07 49.28
CA ILE A 205 3.14 -0.76 50.14
C ILE A 205 4.59 -0.41 49.86
N MET A 206 5.35 -0.15 50.91
CA MET A 206 6.63 0.51 50.73
C MET A 206 7.80 -0.45 50.80
N ASN A 207 7.55 -1.74 50.57
CA ASN A 207 8.60 -2.70 50.83
C ASN A 207 9.79 -2.59 49.86
N MET A 208 9.54 -1.96 48.72
CA MET A 208 10.61 -1.84 47.74
C MET A 208 11.68 -0.83 48.16
N TYR A 209 11.36 -0.04 49.17
CA TYR A 209 12.28 0.98 49.66
C TYR A 209 13.15 0.51 50.84
N PHE A 210 12.87 -0.67 51.38
CA PHE A 210 13.68 -1.15 52.49
C PHE A 210 15.06 -1.64 52.05
N HIS A 211 16.10 -1.02 52.61
CA HIS A 211 17.45 -1.53 52.40
C HIS A 211 18.27 -1.42 53.66
N GLU A 212 19.35 -2.19 53.68
CA GLU A 212 20.32 -2.13 54.74
C GLU A 212 20.85 -0.69 54.74
N PRO A 213 20.97 -0.08 55.92
CA PRO A 213 21.52 1.29 55.94
C PRO A 213 22.97 1.37 55.43
N GLN A 214 23.25 2.37 54.60
CA GLN A 214 24.56 2.52 54.00
C GLN A 214 24.99 3.99 54.01
N GLU A 215 26.24 4.23 54.39
CA GLU A 215 26.78 5.59 54.44
C GLU A 215 26.82 6.21 53.05
N ALA A 216 26.88 5.35 52.03
CA ALA A 216 26.96 5.84 50.66
C ALA A 216 25.59 6.16 50.05
N HIS A 217 24.52 5.78 50.75
CA HIS A 217 23.16 6.03 50.23
C HIS A 217 22.23 6.63 51.30
N LEU A 218 22.32 7.92 51.54
CA LEU A 218 21.62 8.48 52.70
C LEU A 218 20.13 8.76 52.47
N ASP A 219 19.71 8.85 51.21
CA ASP A 219 18.32 9.15 50.88
C ASP A 219 17.41 8.07 51.47
N ILE A 220 17.89 6.83 51.48
CA ILE A 220 17.02 5.78 52.01
C ILE A 220 16.71 5.99 53.50
N LEU A 221 17.65 6.58 54.24
CA LEU A 221 17.37 6.88 55.65
C LEU A 221 16.18 7.83 55.72
N VAL A 222 16.18 8.84 54.84
CA VAL A 222 15.04 9.75 54.78
C VAL A 222 13.78 8.94 54.56
N GLY A 223 13.79 8.11 53.53
CA GLY A 223 12.62 7.32 53.21
C GLY A 223 12.25 6.46 54.38
N GLN A 224 13.25 5.83 54.97
CA GLN A 224 13.00 4.82 55.99
C GLN A 224 12.42 5.43 57.25
N ALA A 225 12.56 6.77 57.39
CA ALA A 225 12.01 7.38 58.58
C ALA A 225 10.52 7.53 58.44
N VAL A 226 10.03 7.77 57.23
CA VAL A 226 8.61 8.14 57.04
C VAL A 226 7.64 7.20 56.32
N PHE A 227 8.14 6.34 55.44
CA PHE A 227 7.22 5.53 54.64
C PHE A 227 6.45 4.55 55.49
N GLY A 228 5.13 4.54 55.30
CA GLY A 228 4.24 3.61 55.99
C GLY A 228 3.29 2.96 55.01
N ASP A 229 2.69 1.82 55.38
CA ASP A 229 1.75 1.18 54.46
C ASP A 229 0.32 1.61 54.72
N GLY A 230 -0.46 1.72 53.66
CA GLY A 230 -1.82 2.18 53.79
C GLY A 230 -2.54 2.01 52.46
N ALA A 231 -3.86 1.91 52.52
CA ALA A 231 -4.71 1.91 51.33
C ALA A 231 -5.96 2.74 51.56
N ALA A 232 -6.41 3.47 50.55
CA ALA A 232 -7.68 4.18 50.67
C ALA A 232 -8.51 3.98 49.40
N ALA A 233 -9.81 3.83 49.61
CA ALA A 233 -10.74 3.70 48.52
C ALA A 233 -11.77 4.81 48.62
N VAL A 234 -12.02 5.43 47.46
CA VAL A 234 -12.92 6.55 47.37
C VAL A 234 -13.91 6.17 46.30
N ILE A 235 -15.20 6.36 46.59
CA ILE A 235 -16.20 6.14 45.55
C ILE A 235 -16.64 7.49 44.99
N VAL A 236 -16.64 7.61 43.68
CA VAL A 236 -16.89 8.89 43.04
C VAL A 236 -18.10 8.72 42.14
N GLY A 237 -19.01 9.70 42.23
CA GLY A 237 -20.24 9.70 41.46
C GLY A 237 -20.86 11.08 41.40
N ALA A 238 -21.54 11.33 40.29
CA ALA A 238 -22.30 12.57 40.09
C ALA A 238 -23.78 12.21 40.17
N ASP A 239 -24.63 13.20 40.50
CA ASP A 239 -26.08 12.99 40.59
C ASP A 239 -26.38 11.85 41.58
N PRO A 240 -26.14 12.08 42.88
CA PRO A 240 -26.43 11.01 43.86
C PRO A 240 -27.92 10.78 44.04
N GLU A 241 -28.34 9.52 44.19
CA GLU A 241 -29.71 9.20 44.59
C GLU A 241 -29.99 9.67 46.02
N VAL A 242 -30.88 10.65 46.14
CA VAL A 242 -31.16 11.39 47.38
C VAL A 242 -31.40 10.54 48.66
N SER A 243 -31.87 9.31 48.47
CA SER A 243 -32.14 8.41 49.60
C SER A 243 -30.86 7.89 50.24
N ILE A 244 -30.18 7.02 49.52
CA ILE A 244 -29.08 6.22 50.07
C ILE A 244 -27.72 6.90 49.98
N GLU A 245 -27.45 7.55 48.85
CA GLU A 245 -26.15 8.16 48.65
C GLU A 245 -25.98 9.51 49.36
N ARG A 246 -24.85 9.67 50.02
CA ARG A 246 -24.55 10.87 50.80
C ARG A 246 -23.18 11.42 50.41
N PRO A 247 -23.16 12.47 49.60
CA PRO A 247 -21.89 13.08 49.21
C PRO A 247 -21.12 13.60 50.43
N LEU A 248 -19.82 13.33 50.44
CA LEU A 248 -18.97 13.82 51.52
C LEU A 248 -18.34 15.13 51.08
N PHE A 249 -17.76 15.16 49.89
CA PHE A 249 -17.17 16.37 49.32
C PHE A 249 -17.49 16.40 47.82
N HIS A 250 -17.63 17.59 47.26
CA HIS A 250 -17.79 17.71 45.81
C HIS A 250 -16.43 18.08 45.20
N VAL A 251 -16.06 17.39 44.14
CA VAL A 251 -14.81 17.65 43.43
C VAL A 251 -15.06 18.73 42.40
N VAL A 252 -14.69 19.97 42.73
CA VAL A 252 -15.05 21.12 41.92
C VAL A 252 -14.09 21.33 40.73
N SER A 253 -12.80 21.52 41.00
CA SER A 253 -11.88 21.54 39.85
C SER A 253 -10.48 21.10 40.19
N SER A 254 -9.72 20.61 39.21
CA SER A 254 -8.41 20.05 39.50
C SER A 254 -7.40 20.37 38.44
N THR A 255 -6.23 20.84 38.87
CA THR A 255 -5.13 21.22 37.97
C THR A 255 -3.80 20.55 38.35
N GLN A 256 -2.88 20.48 37.39
CA GLN A 256 -1.63 19.78 37.59
C GLN A 256 -0.47 20.65 37.15
N MET A 257 0.58 20.67 37.95
CA MET A 257 1.74 21.45 37.63
C MET A 257 3.00 20.62 37.84
N SER A 258 3.82 20.54 36.79
CA SER A 258 5.13 19.91 36.95
C SER A 258 6.20 21.01 36.88
N VAL A 259 6.76 21.34 38.05
CA VAL A 259 7.75 22.40 38.21
C VAL A 259 9.01 22.18 37.37
N PRO A 260 9.35 23.15 36.51
CA PRO A 260 10.47 23.06 35.56
C PRO A 260 11.81 22.81 36.26
N ASP A 261 12.63 21.93 35.68
CA ASP A 261 13.96 21.61 36.23
C ASP A 261 13.96 21.01 37.62
N THR A 262 12.94 20.23 37.96
CA THR A 262 12.95 19.59 39.27
C THR A 262 12.86 18.09 39.07
N ASN A 263 13.04 17.71 37.81
CA ASN A 263 12.92 16.33 37.32
C ASN A 263 13.66 15.31 38.19
N LYS A 264 14.75 15.74 38.80
CA LYS A 264 15.56 14.82 39.56
C LYS A 264 15.42 14.99 41.09
N PHE A 265 14.54 15.88 41.55
CA PHE A 265 14.46 16.10 42.99
C PHE A 265 14.05 14.80 43.70
N ILE A 266 13.10 14.06 43.12
CA ILE A 266 12.73 12.71 43.58
C ILE A 266 12.76 11.71 42.42
N ARG A 267 13.56 10.66 42.56
CA ARG A 267 13.59 9.59 41.57
C ARG A 267 13.47 8.27 42.32
N ALA A 268 12.91 7.26 41.66
CA ALA A 268 12.85 5.92 42.21
C ALA A 268 12.94 4.93 41.05
N HIS A 269 14.03 4.15 41.02
CA HIS A 269 14.26 3.25 39.91
C HIS A 269 13.96 1.86 40.38
N VAL A 270 13.24 1.11 39.55
CA VAL A 270 12.96 -0.29 39.81
C VAL A 270 14.18 -1.10 39.36
N LYS A 271 14.85 -1.76 40.31
CA LYS A 271 16.09 -2.48 40.00
C LYS A 271 16.09 -3.87 40.63
N GLU A 272 17.17 -4.62 40.42
CA GLU A 272 17.20 -5.99 40.89
C GLU A 272 17.26 -6.06 42.41
N MET A 273 17.73 -4.96 43.00
CA MET A 273 17.86 -4.86 44.45
C MET A 273 16.59 -4.27 45.11
N GLY A 274 15.61 -3.92 44.28
CA GLY A 274 14.42 -3.28 44.79
C GLY A 274 14.33 -1.86 44.24
N MET A 275 13.86 -0.93 45.06
CA MET A 275 13.76 0.42 44.57
C MET A 275 14.87 1.36 45.07
N GLU A 276 15.52 2.01 44.11
CA GLU A 276 16.66 2.90 44.36
C GLU A 276 16.14 4.33 44.39
N LEU A 277 16.25 4.96 45.56
CA LEU A 277 15.55 6.22 45.83
C LEU A 277 16.43 7.45 46.01
N TYR A 278 16.04 8.52 45.35
CA TYR A 278 16.66 9.81 45.54
C TYR A 278 15.58 10.79 45.97
N LEU A 279 15.81 11.46 47.10
CA LEU A 279 14.83 12.36 47.66
C LEU A 279 15.56 13.63 48.08
N SER A 280 15.47 14.67 47.25
CA SER A 280 16.22 15.90 47.50
C SER A 280 15.77 16.61 48.78
N LYS A 281 16.73 17.15 49.52
CA LYS A 281 16.41 17.83 50.77
C LYS A 281 15.66 19.12 50.49
N ASP A 282 15.67 19.53 49.22
CA ASP A 282 15.11 20.80 48.81
C ASP A 282 13.66 20.70 48.34
N VAL A 283 13.07 19.49 48.36
CA VAL A 283 11.67 19.34 47.91
C VAL A 283 10.70 20.25 48.66
N PRO A 284 10.71 20.24 50.02
CA PRO A 284 9.77 21.09 50.76
C PRO A 284 9.95 22.59 50.52
N ALA A 285 11.19 23.03 50.38
CA ALA A 285 11.44 24.43 50.05
C ALA A 285 10.83 24.80 48.68
N THR A 286 10.92 23.88 47.72
CA THR A 286 10.40 24.15 46.38
C THR A 286 8.88 24.26 46.37
N VAL A 287 8.26 23.28 47.05
CA VAL A 287 6.82 23.32 47.24
C VAL A 287 6.43 24.62 47.93
N GLY A 288 7.23 25.02 48.92
CA GLY A 288 6.97 26.25 49.63
C GLY A 288 6.93 27.41 48.66
N LYS A 289 7.92 27.48 47.77
CA LYS A 289 7.99 28.54 46.77
C LYS A 289 6.81 28.56 45.83
N ASN A 290 6.26 27.38 45.54
CA ASN A 290 5.21 27.28 44.51
C ASN A 290 3.75 27.21 44.95
N ILE A 291 3.54 26.87 46.22
CA ILE A 291 2.22 26.54 46.71
C ILE A 291 1.22 27.69 46.56
N GLU A 292 1.64 28.91 46.92
CA GLU A 292 0.72 30.06 46.82
C GLU A 292 0.25 30.35 45.40
N LYS A 293 1.17 30.32 44.42
CA LYS A 293 0.75 30.57 43.06
C LYS A 293 -0.19 29.45 42.59
N LEU A 294 0.16 28.22 42.95
CA LEU A 294 -0.69 27.11 42.55
C LEU A 294 -2.12 27.34 43.06
N LEU A 295 -2.24 27.67 44.34
CA LEU A 295 -3.55 27.90 44.95
C LEU A 295 -4.30 29.08 44.32
N VAL A 296 -3.57 30.20 44.16
CA VAL A 296 -4.15 31.41 43.58
C VAL A 296 -4.74 31.11 42.21
N ASP A 297 -4.00 30.40 41.37
CA ASP A 297 -4.52 30.03 40.06
C ASP A 297 -5.71 29.03 40.18
N ALA A 298 -5.64 28.12 41.15
CA ALA A 298 -6.67 27.10 41.34
C ALA A 298 -8.02 27.67 41.80
N VAL A 299 -8.00 28.69 42.65
CA VAL A 299 -9.22 29.26 43.14
C VAL A 299 -9.65 30.48 42.36
N SER A 300 -8.97 30.79 41.28
CA SER A 300 -9.27 31.98 40.50
C SER A 300 -10.67 32.03 39.93
N PRO A 301 -11.21 30.78 39.61
CA PRO A 301 -12.59 30.87 39.13
C PRO A 301 -13.61 31.12 40.19
N PHE A 302 -13.25 31.15 41.45
CA PHE A 302 -14.23 31.14 42.49
C PHE A 302 -14.23 32.32 43.46
N GLY A 303 -13.38 33.28 43.22
CA GLY A 303 -13.35 34.45 44.08
C GLY A 303 -13.01 34.08 45.51
N ILE A 304 -11.91 33.34 45.67
CA ILE A 304 -11.42 32.93 46.99
C ILE A 304 -10.07 33.57 47.21
N SER A 305 -9.89 34.16 48.37
CA SER A 305 -8.68 34.92 48.62
C SER A 305 -8.11 34.74 50.02
N ASP A 306 -8.96 34.29 50.95
CA ASP A 306 -8.51 34.08 52.32
C ASP A 306 -8.13 32.62 52.55
N TRP A 307 -6.82 32.37 52.60
CA TRP A 307 -6.32 31.00 52.64
C TRP A 307 -6.72 30.32 53.93
N ASN A 308 -6.95 31.11 54.99
CA ASN A 308 -7.40 30.53 56.25
C ASN A 308 -8.90 30.23 56.25
N SER A 309 -9.58 30.48 55.13
CA SER A 309 -11.01 30.14 55.05
C SER A 309 -11.22 28.78 54.38
N LEU A 310 -10.12 28.07 54.15
CA LEU A 310 -10.20 26.79 53.46
C LEU A 310 -9.85 25.64 54.40
N PHE A 311 -10.48 24.50 54.17
CA PHE A 311 -10.00 23.29 54.82
C PHE A 311 -8.96 22.64 53.92
N TYR A 312 -8.04 21.89 54.52
CA TYR A 312 -6.84 21.45 53.81
C TYR A 312 -6.60 19.97 53.90
N SER A 313 -6.28 19.35 52.76
CA SER A 313 -5.68 18.02 52.75
C SER A 313 -4.34 18.12 52.03
N VAL A 314 -3.24 18.09 52.79
CA VAL A 314 -1.92 18.19 52.16
C VAL A 314 -1.17 16.88 52.32
N HIS A 315 -0.71 16.34 51.18
CA HIS A 315 0.09 15.13 51.18
C HIS A 315 1.25 15.22 52.17
N PRO A 316 1.26 14.35 53.16
CA PRO A 316 2.28 14.43 54.22
C PRO A 316 3.58 13.76 53.81
N GLY A 317 4.28 14.31 52.83
CA GLY A 317 5.54 13.73 52.38
C GLY A 317 6.50 13.75 53.54
N GLY A 318 6.35 14.75 54.41
CA GLY A 318 7.09 14.81 55.65
C GLY A 318 6.67 16.02 56.47
N ARG A 319 7.27 16.19 57.64
CA ARG A 319 6.99 17.34 58.49
C ARG A 319 7.39 18.64 57.77
N ALA A 320 8.58 18.66 57.17
CA ALA A 320 9.02 19.88 56.49
C ALA A 320 8.04 20.28 55.37
N ILE A 321 7.44 19.31 54.68
CA ILE A 321 6.44 19.66 53.64
C ILE A 321 5.26 20.43 54.26
N LEU A 322 4.73 19.90 55.36
CA LEU A 322 3.59 20.53 56.03
C LEU A 322 3.99 21.93 56.58
N ASP A 323 5.16 22.00 57.21
CA ASP A 323 5.68 23.27 57.74
C ASP A 323 5.81 24.30 56.61
N GLN A 324 6.17 23.81 55.42
CA GLN A 324 6.44 24.69 54.31
C GLN A 324 5.15 25.24 53.68
N VAL A 325 4.16 24.38 53.55
CA VAL A 325 2.88 24.84 53.01
C VAL A 325 2.26 25.82 54.01
N GLU A 326 2.26 25.46 55.29
CA GLU A 326 1.74 26.33 56.36
C GLU A 326 2.38 27.72 56.33
N LEU A 327 3.70 27.75 56.23
CA LEU A 327 4.44 28.99 56.20
C LEU A 327 4.07 29.86 54.99
N ASN A 328 4.21 29.32 53.78
CA ASN A 328 4.04 30.14 52.60
C ASN A 328 2.60 30.55 52.25
N LEU A 329 1.62 29.92 52.91
CA LEU A 329 0.22 30.27 52.73
C LEU A 329 -0.29 31.08 53.92
N GLY A 330 0.57 31.33 54.89
CA GLY A 330 0.21 32.13 56.05
C GLY A 330 -0.95 31.52 56.83
N LEU A 331 -0.96 30.20 56.96
CA LEU A 331 -2.07 29.52 57.62
C LEU A 331 -1.92 29.57 59.14
N GLY A 332 -3.06 29.57 59.85
CA GLY A 332 -3.07 29.44 61.29
C GLY A 332 -2.61 28.06 61.73
N LYS A 333 -2.13 27.94 62.96
CA LYS A 333 -1.45 26.71 63.39
C LYS A 333 -2.30 25.42 63.41
N GLU A 334 -3.60 25.53 63.12
CA GLU A 334 -4.49 24.38 63.22
C GLU A 334 -4.96 23.92 61.85
N LYS A 335 -4.59 24.67 60.83
CA LYS A 335 -5.10 24.41 59.48
C LYS A 335 -4.68 23.05 58.95
N LEU A 336 -3.45 22.63 59.28
CA LEU A 336 -2.92 21.38 58.79
C LEU A 336 -3.00 20.25 59.83
N ARG A 337 -3.89 20.41 60.80
CA ARG A 337 -3.97 19.46 61.91
C ARG A 337 -4.33 18.06 61.45
N ALA A 338 -5.26 17.95 60.51
CA ALA A 338 -5.66 16.66 60.02
C ALA A 338 -4.49 15.98 59.27
N SER A 339 -3.74 16.79 58.52
CA SER A 339 -2.63 16.26 57.77
C SER A 339 -1.54 15.78 58.74
N ARG A 340 -1.22 16.62 59.73
CA ARG A 340 -0.21 16.24 60.71
C ARG A 340 -0.66 15.00 61.50
N HIS A 341 -1.95 14.89 61.74
CA HIS A 341 -2.48 13.74 62.45
C HIS A 341 -2.23 12.47 61.66
N VAL A 342 -2.55 12.48 60.37
CA VAL A 342 -2.31 11.29 59.55
C VAL A 342 -0.82 10.96 59.41
N LEU A 343 0.00 11.99 59.20
CA LEU A 343 1.44 11.81 59.21
C LEU A 343 1.91 11.15 60.52
N SER A 344 1.24 11.51 61.60
CA SER A 344 1.61 11.08 62.94
C SER A 344 1.26 9.63 63.22
N GLU A 345 0.05 9.25 62.82
CA GLU A 345 -0.48 7.94 63.15
C GLU A 345 -0.22 6.90 62.07
N TYR A 346 0.26 7.34 60.91
CA TYR A 346 0.40 6.40 59.79
C TYR A 346 1.67 6.60 59.00
N GLY A 347 2.30 7.76 59.13
CA GLY A 347 3.46 8.05 58.31
C GLY A 347 3.04 8.49 56.90
N ASN A 348 3.98 8.47 55.97
CA ASN A 348 3.70 8.80 54.58
C ASN A 348 3.32 7.52 53.85
N MET A 349 2.05 7.43 53.48
CA MET A 349 1.54 6.23 52.81
C MET A 349 1.35 6.48 51.33
N GLY A 350 2.15 7.38 50.77
CA GLY A 350 2.09 7.72 49.36
C GLY A 350 0.74 8.26 48.89
N GLY A 351 0.32 7.77 47.72
CA GLY A 351 -0.88 8.27 47.10
C GLY A 351 -2.14 8.19 47.95
N SER A 352 -2.23 7.19 48.81
CA SER A 352 -3.46 7.05 49.58
C SER A 352 -3.61 8.14 50.64
N SER A 353 -2.49 8.74 51.06
CA SER A 353 -2.50 9.59 52.26
C SER A 353 -3.56 10.67 52.34
N VAL A 354 -3.75 11.45 51.28
CA VAL A 354 -4.71 12.56 51.33
C VAL A 354 -6.12 12.07 51.62
N TYR A 355 -6.42 10.81 51.27
CA TYR A 355 -7.75 10.32 51.57
C TYR A 355 -7.89 9.93 53.02
N PHE A 356 -6.81 9.40 53.62
CA PHE A 356 -6.83 9.26 55.06
C PHE A 356 -7.14 10.67 55.61
N ILE A 357 -6.45 11.70 55.11
CA ILE A 357 -6.64 13.04 55.65
C ILE A 357 -8.10 13.45 55.49
N LEU A 358 -8.62 13.28 54.27
CA LEU A 358 -9.99 13.67 53.98
C LEU A 358 -10.93 12.97 54.99
N ASP A 359 -10.71 11.67 55.17
CA ASP A 359 -11.57 10.89 56.05
C ASP A 359 -11.53 11.51 57.44
N GLU A 360 -10.31 11.73 57.92
CA GLU A 360 -10.13 12.34 59.23
C GLU A 360 -10.88 13.67 59.36
N ILE A 361 -10.77 14.54 58.35
CA ILE A 361 -11.38 15.86 58.41
C ILE A 361 -12.88 15.68 58.60
N ARG A 362 -13.42 14.75 57.83
CA ARG A 362 -14.82 14.40 57.89
C ARG A 362 -15.16 13.94 59.31
N LYS A 363 -14.39 12.98 59.84
CA LYS A 363 -14.74 12.34 61.10
C LYS A 363 -14.78 13.34 62.26
N LYS A 364 -13.71 14.14 62.38
CA LYS A 364 -13.62 15.17 63.40
C LYS A 364 -14.76 16.18 63.19
N SER A 365 -15.13 16.41 61.93
CA SER A 365 -16.23 17.33 61.62
C SER A 365 -17.54 16.84 62.25
N MET A 366 -17.76 15.53 62.22
CA MET A 366 -18.95 14.95 62.84
C MET A 366 -18.80 15.02 64.36
N GLN A 367 -17.56 14.84 64.83
CA GLN A 367 -17.32 14.68 66.25
C GLN A 367 -17.56 16.01 66.94
N GLU A 368 -17.16 17.07 66.28
CA GLU A 368 -17.26 18.40 66.84
C GLU A 368 -18.55 19.08 66.42
N ALA A 369 -19.48 18.30 65.90
CA ALA A 369 -20.77 18.85 65.52
C ALA A 369 -20.59 20.07 64.63
N LYS A 370 -19.61 20.02 63.74
CA LYS A 370 -19.39 21.13 62.82
C LYS A 370 -20.51 21.25 61.80
N PRO A 371 -20.71 22.43 61.23
CA PRO A 371 -21.74 22.63 60.20
C PRO A 371 -21.49 21.91 58.86
N THR A 372 -20.23 21.72 58.48
CA THR A 372 -19.89 21.04 57.23
C THR A 372 -18.86 19.95 57.45
N THR A 373 -18.78 19.04 56.48
CA THR A 373 -17.78 17.97 56.47
C THR A 373 -16.36 18.49 56.34
N GLY A 374 -16.23 19.76 55.96
CA GLY A 374 -14.93 20.40 55.84
C GLY A 374 -14.64 21.34 56.99
N ASP A 375 -14.73 20.80 58.22
CA ASP A 375 -14.44 21.58 59.43
C ASP A 375 -15.29 22.83 59.57
N GLY A 376 -16.48 22.79 58.97
CA GLY A 376 -17.40 23.91 59.08
C GLY A 376 -17.18 24.91 57.96
N LEU A 377 -16.15 24.69 57.16
CA LEU A 377 -15.87 25.60 56.04
C LEU A 377 -16.51 25.00 54.81
N GLU A 378 -16.63 25.79 53.74
CA GLU A 378 -17.34 25.30 52.55
C GLU A 378 -16.39 24.89 51.42
N TRP A 379 -15.31 25.66 51.23
CA TRP A 379 -14.29 25.35 50.23
C TRP A 379 -13.04 24.71 50.84
N GLY A 380 -12.47 23.74 50.14
CA GLY A 380 -11.26 23.09 50.61
C GLY A 380 -10.30 22.81 49.47
N VAL A 381 -9.05 22.54 49.82
CA VAL A 381 -8.06 22.23 48.81
C VAL A 381 -7.25 21.00 49.24
N LEU A 382 -7.13 20.06 48.30
CA LEU A 382 -6.33 18.88 48.48
C LEU A 382 -5.08 19.06 47.64
N PHE A 383 -3.92 18.95 48.29
CA PHE A 383 -2.65 19.05 47.60
C PHE A 383 -1.99 17.67 47.52
N ALA A 384 -1.96 17.10 46.31
CA ALA A 384 -1.26 15.85 46.07
C ALA A 384 0.11 16.13 45.49
N ILE A 385 1.16 15.72 46.19
CA ILE A 385 2.51 16.08 45.80
C ILE A 385 3.36 14.83 45.51
N GLY A 386 4.11 14.84 44.41
CA GLY A 386 4.94 13.69 44.07
C GLY A 386 6.15 14.06 43.22
N PRO A 387 6.90 13.04 42.79
CA PRO A 387 8.05 13.17 41.87
C PRO A 387 7.65 13.86 40.56
N GLY A 388 8.52 14.75 40.09
CA GLY A 388 8.22 15.63 38.97
C GLY A 388 9.16 16.84 38.96
N LEU A 389 9.10 17.71 39.97
CA LEU A 389 8.06 17.68 41.01
C LEU A 389 6.72 18.07 40.46
N THR A 390 5.73 17.27 40.79
CA THR A 390 4.39 17.46 40.26
C THR A 390 3.39 17.60 41.40
N VAL A 391 2.55 18.62 41.30
CA VAL A 391 1.51 18.82 42.30
C VAL A 391 0.19 18.80 41.56
N GLU A 392 -0.76 18.04 42.09
CA GLU A 392 -2.13 18.17 41.65
C GLU A 392 -2.84 18.93 42.74
N THR A 393 -3.49 20.02 42.33
CA THR A 393 -4.28 20.84 43.24
C THR A 393 -5.78 20.60 42.95
N VAL A 394 -6.48 20.07 43.95
CA VAL A 394 -7.90 19.79 43.83
C VAL A 394 -8.73 20.75 44.68
N ILE A 395 -9.58 21.53 44.02
CA ILE A 395 -10.53 22.38 44.70
C ILE A 395 -11.77 21.58 45.00
N LEU A 396 -12.06 21.47 46.29
CA LEU A 396 -13.17 20.71 46.83
C LEU A 396 -14.21 21.64 47.45
N LEU A 397 -15.41 21.11 47.59
CA LEU A 397 -16.49 21.79 48.27
C LEU A 397 -17.05 20.85 49.34
N SER A 398 -17.22 21.36 50.55
CA SER A 398 -17.75 20.54 51.65
C SER A 398 -19.25 20.30 51.50
N VAL A 399 -19.80 19.48 52.37
CA VAL A 399 -21.24 19.14 52.37
C VAL A 399 -21.80 19.46 53.75
N PRO A 400 -23.02 20.06 53.80
CA PRO A 400 -23.60 20.42 55.11
C PRO A 400 -24.03 19.16 55.87
N ILE A 401 -23.78 19.17 57.18
CA ILE A 401 -24.13 18.06 58.06
C ILE A 401 -25.12 18.44 59.18
N GLY B 11 -25.30 27.25 47.87
CA GLY B 11 -25.04 28.62 47.46
C GLY B 11 -23.87 28.74 46.50
N SER B 12 -22.71 28.22 46.90
CA SER B 12 -21.51 28.19 46.04
C SER B 12 -21.68 27.09 45.00
N MET B 13 -22.63 26.20 45.27
CA MET B 13 -23.01 25.17 44.33
C MET B 13 -23.46 25.81 43.02
N ALA B 14 -24.00 27.03 43.08
CA ALA B 14 -24.37 27.75 41.86
C ALA B 14 -23.17 28.06 40.97
N LYS B 15 -22.13 28.62 41.58
CA LYS B 15 -20.86 28.90 40.90
C LYS B 15 -20.32 27.60 40.33
N VAL B 16 -20.38 26.52 41.13
CA VAL B 16 -19.88 25.24 40.68
C VAL B 16 -20.60 24.68 39.47
N LYS B 17 -21.93 24.71 39.50
CA LYS B 17 -22.73 24.14 38.43
C LYS B 17 -22.54 24.97 37.17
N ASN B 18 -22.29 26.27 37.37
CA ASN B 18 -22.02 27.14 36.24
C ASN B 18 -20.66 26.82 35.61
N PHE B 19 -19.65 26.67 36.46
CA PHE B 19 -18.29 26.32 36.03
C PHE B 19 -18.35 25.00 35.27
N LEU B 20 -19.04 24.01 35.84
CA LEU B 20 -19.21 22.69 35.23
C LEU B 20 -19.89 22.77 33.89
N ASN B 21 -20.96 23.55 33.83
CA ASN B 21 -21.72 23.67 32.60
C ASN B 21 -20.90 24.35 31.48
N ALA B 22 -20.10 25.35 31.86
CA ALA B 22 -19.27 26.11 30.91
C ALA B 22 -18.10 25.32 30.30
N LYS B 23 -17.58 24.34 31.01
CA LYS B 23 -16.40 23.63 30.53
C LYS B 23 -16.72 22.26 29.89
N ARG B 24 -17.98 22.04 29.56
CA ARG B 24 -18.36 20.87 28.76
C ARG B 24 -18.11 21.11 27.28
N SER B 25 -17.94 20.02 26.53
CA SER B 25 -17.76 20.12 25.08
C SER B 25 -19.14 20.11 24.46
N LYS B 26 -19.26 20.67 23.27
CA LYS B 26 -20.53 20.71 22.55
C LYS B 26 -20.82 19.36 21.89
N GLY B 27 -19.78 18.77 21.28
CA GLY B 27 -19.91 17.55 20.52
C GLY B 27 -18.94 16.46 20.95
N PRO B 28 -18.81 15.39 20.15
CA PRO B 28 -18.06 14.19 20.57
C PRO B 28 -16.57 14.32 20.42
N ALA B 29 -15.86 13.55 21.23
CA ALA B 29 -14.42 13.47 21.12
C ALA B 29 -14.10 12.75 19.82
N SER B 30 -13.12 13.30 19.09
CA SER B 30 -12.63 12.67 17.87
C SER B 30 -11.09 12.63 17.77
N ILE B 31 -10.60 11.65 17.01
CA ILE B 31 -9.19 11.53 16.70
C ILE B 31 -8.85 12.57 15.62
N LEU B 32 -7.92 13.47 15.96
CA LEU B 32 -7.53 14.57 15.10
C LEU B 32 -6.24 14.29 14.33
N ALA B 33 -5.48 13.31 14.80
CA ALA B 33 -4.24 12.93 14.14
C ALA B 33 -3.68 11.62 14.70
N ILE B 34 -2.92 10.93 13.86
CA ILE B 34 -2.22 9.71 14.21
C ILE B 34 -0.82 9.71 13.59
N GLY B 35 0.21 9.57 14.42
CA GLY B 35 1.55 9.41 13.90
C GLY B 35 2.12 8.13 14.50
N THR B 36 2.95 7.41 13.76
CA THR B 36 3.58 6.21 14.28
C THR B 36 5.11 6.24 14.10
N ALA B 37 5.81 5.39 14.83
CA ALA B 37 7.26 5.31 14.77
C ALA B 37 7.74 3.91 15.14
N ASN B 38 8.92 3.55 14.65
CA ASN B 38 9.54 2.25 14.90
C ASN B 38 11.06 2.45 15.03
N PRO B 39 11.76 1.52 15.72
CA PRO B 39 13.23 1.55 15.73
C PRO B 39 13.78 1.28 14.31
N PRO B 40 15.01 1.74 14.02
CA PRO B 40 15.65 1.76 12.69
C PRO B 40 15.90 0.40 12.07
N THR B 41 16.22 -0.59 12.89
CA THR B 41 16.70 -1.87 12.35
C THR B 41 15.56 -2.81 11.96
N CYS B 42 15.53 -3.14 10.68
CA CYS B 42 14.51 -4.02 10.17
C CYS B 42 14.99 -5.46 10.22
N PHE B 43 14.08 -6.34 10.61
CA PHE B 43 14.34 -7.75 10.72
C PHE B 43 13.36 -8.53 9.86
N ASN B 44 13.86 -9.29 8.89
CA ASN B 44 12.97 -10.12 8.04
C ASN B 44 12.69 -11.47 8.68
N GLN B 45 11.43 -11.89 8.69
CA GLN B 45 11.05 -13.11 9.43
C GLN B 45 11.83 -14.31 8.93
N SER B 46 12.16 -14.28 7.64
CA SER B 46 12.96 -15.32 7.03
C SER B 46 14.31 -15.44 7.72
N ASP B 47 14.89 -14.31 8.09
CA ASP B 47 16.22 -14.34 8.71
C ASP B 47 16.23 -14.49 10.24
N TYR B 48 15.07 -14.44 10.88
CA TYR B 48 15.06 -14.28 12.33
C TYR B 48 15.48 -15.51 13.16
N PRO B 49 14.98 -16.71 12.83
CA PRO B 49 15.49 -17.87 13.60
C PRO B 49 16.99 -17.98 13.56
N ASP B 50 17.59 -17.63 12.42
CA ASP B 50 19.04 -17.65 12.32
C ASP B 50 19.67 -16.58 13.23
N PHE B 51 19.14 -15.37 13.14
CA PHE B 51 19.58 -14.29 14.02
C PHE B 51 19.39 -14.68 15.48
N TYR B 52 18.16 -15.12 15.80
CA TYR B 52 17.76 -15.41 17.17
C TYR B 52 18.61 -16.53 17.76
N PHE B 53 18.69 -17.67 17.09
CA PHE B 53 19.44 -18.80 17.63
C PHE B 53 20.98 -18.64 17.60
N ARG B 54 21.47 -17.71 16.78
CA ARG B 54 22.89 -17.46 16.73
C ARG B 54 23.33 -16.47 17.82
N VAL B 55 22.65 -15.33 17.91
CA VAL B 55 23.05 -14.29 18.87
C VAL B 55 22.78 -14.77 20.28
N THR B 56 22.04 -15.87 20.39
CA THR B 56 21.71 -16.45 21.69
C THR B 56 22.59 -17.66 21.98
N ASP B 57 23.50 -17.96 21.07
CA ASP B 57 24.41 -19.09 21.21
C ASP B 57 23.67 -20.45 21.34
N CYS B 58 22.70 -20.67 20.48
CA CYS B 58 21.87 -21.88 20.55
C CYS B 58 21.80 -22.66 19.24
N GLU B 59 22.85 -22.57 18.42
CA GLU B 59 22.82 -23.21 17.11
C GLU B 59 22.79 -24.74 17.16
N HIS B 60 23.16 -25.28 18.31
CA HIS B 60 23.10 -26.71 18.55
C HIS B 60 21.67 -27.17 18.82
N LYS B 61 20.83 -26.24 19.22
CA LYS B 61 19.44 -26.55 19.52
C LYS B 61 18.65 -26.68 18.20
N THR B 62 18.99 -27.68 17.38
CA THR B 62 18.45 -27.73 16.02
C THR B 62 16.95 -28.05 15.97
N GLU B 63 16.51 -28.93 16.86
CA GLU B 63 15.09 -29.29 16.96
C GLU B 63 14.19 -28.11 17.39
N LEU B 64 14.65 -27.39 18.43
CA LEU B 64 13.94 -26.21 18.93
C LEU B 64 13.92 -25.15 17.84
N LYS B 65 15.03 -25.03 17.12
CA LYS B 65 15.14 -24.07 16.05
C LYS B 65 14.21 -24.42 14.88
N ASP B 66 14.07 -25.70 14.58
CA ASP B 66 13.12 -26.12 13.55
C ASP B 66 11.71 -25.76 14.01
N LYS B 67 11.41 -25.99 15.28
CA LYS B 67 10.09 -25.66 15.82
C LYS B 67 9.79 -24.15 15.72
N PHE B 68 10.78 -23.32 16.04
CA PHE B 68 10.63 -21.87 15.98
C PHE B 68 10.50 -21.37 14.55
N LYS B 69 11.28 -21.97 13.66
CA LYS B 69 11.22 -21.67 12.23
C LYS B 69 9.83 -21.99 11.71
N ARG B 70 9.30 -23.08 12.24
CA ARG B 70 7.98 -23.56 11.94
C ARG B 70 6.97 -22.51 12.37
N ILE B 71 7.15 -21.97 13.58
CA ILE B 71 6.27 -20.93 14.10
C ILE B 71 6.35 -19.63 13.28
N CYS B 72 7.55 -19.29 12.83
CA CYS B 72 7.77 -18.07 12.09
C CYS B 72 7.15 -18.15 10.71
N ASP B 73 7.19 -19.35 10.14
CA ASP B 73 6.67 -19.54 8.80
C ASP B 73 5.17 -19.30 8.79
N ARG B 74 4.48 -19.67 9.86
CA ARG B 74 3.03 -19.53 9.95
C ARG B 74 2.59 -18.22 10.57
N SER B 75 3.54 -17.33 10.84
CA SER B 75 3.24 -16.20 11.69
C SER B 75 2.45 -15.14 10.95
N ALA B 76 2.49 -15.23 9.62
CA ALA B 76 1.98 -14.15 8.78
C ALA B 76 2.66 -12.84 9.17
N VAL B 77 3.87 -12.94 9.69
CA VAL B 77 4.72 -11.77 9.93
C VAL B 77 5.89 -11.80 8.94
N LYS B 78 6.07 -10.71 8.20
CA LYS B 78 7.10 -10.62 7.17
C LYS B 78 8.34 -9.90 7.65
N LYS B 79 8.15 -8.88 8.47
CA LYS B 79 9.26 -8.11 9.01
C LYS B 79 8.86 -7.29 10.25
N ARG B 80 9.85 -6.95 11.09
CA ARG B 80 9.60 -6.22 12.34
C ARG B 80 10.72 -5.21 12.63
N TYR B 81 10.42 -4.22 13.46
CA TYR B 81 11.44 -3.27 13.90
C TYR B 81 11.73 -3.45 15.38
N LEU B 82 13.00 -3.78 15.66
CA LEU B 82 13.43 -4.21 16.98
C LEU B 82 14.55 -3.31 17.51
N HIS B 83 14.52 -3.03 18.81
CA HIS B 83 15.65 -2.39 19.46
C HIS B 83 16.71 -3.42 19.85
N VAL B 84 16.32 -4.67 20.05
CA VAL B 84 17.29 -5.68 20.50
C VAL B 84 18.15 -6.16 19.35
N THR B 85 19.28 -5.49 19.18
CA THR B 85 20.22 -5.76 18.10
C THR B 85 21.36 -6.63 18.58
N GLU B 86 22.26 -7.02 17.67
CA GLU B 86 23.41 -7.82 18.06
C GLU B 86 24.35 -6.96 18.91
N GLU B 87 24.48 -5.68 18.55
CA GLU B 87 25.30 -4.75 19.30
C GLU B 87 24.79 -4.65 20.73
N VAL B 88 23.49 -4.48 20.89
CA VAL B 88 22.88 -4.40 22.22
C VAL B 88 23.21 -5.65 23.05
N LEU B 89 23.10 -6.82 22.41
CA LEU B 89 23.37 -8.10 23.05
C LEU B 89 24.83 -8.35 23.40
N LYS B 90 25.74 -7.79 22.60
CA LYS B 90 27.17 -7.86 22.90
C LYS B 90 27.38 -6.99 24.12
N GLU B 91 26.72 -5.84 24.14
CA GLU B 91 26.83 -4.92 25.25
C GLU B 91 26.11 -5.41 26.51
N ASN B 92 25.04 -6.19 26.34
CA ASN B 92 24.31 -6.70 27.50
C ASN B 92 24.07 -8.19 27.35
N PRO B 93 25.15 -8.98 27.49
CA PRO B 93 25.08 -10.44 27.29
C PRO B 93 24.19 -11.12 28.30
N SER B 94 23.96 -10.50 29.45
CA SER B 94 23.07 -11.14 30.41
C SER B 94 21.69 -11.39 29.80
N MET B 95 21.29 -10.58 28.80
CA MET B 95 20.01 -10.77 28.10
C MET B 95 19.89 -12.08 27.27
N ARG B 96 21.03 -12.69 26.93
CA ARG B 96 21.05 -13.90 26.08
C ARG B 96 21.33 -15.20 26.82
N SER B 97 21.52 -15.12 28.14
CA SER B 97 21.65 -16.34 28.95
C SER B 97 20.44 -16.47 29.86
N TYR B 98 19.65 -17.51 29.64
CA TYR B 98 18.38 -17.66 30.32
C TYR B 98 18.47 -17.63 31.85
N ASN B 99 17.57 -16.83 32.43
CA ASN B 99 17.45 -16.60 33.87
C ASN B 99 18.61 -15.81 34.51
N ALA B 100 19.53 -15.34 33.68
CA ALA B 100 20.58 -14.48 34.21
C ALA B 100 19.93 -13.17 34.66
N PRO B 101 20.42 -12.62 35.78
CA PRO B 101 19.93 -11.32 36.24
C PRO B 101 20.21 -10.28 35.17
N SER B 102 19.18 -9.73 34.52
CA SER B 102 19.41 -8.81 33.39
C SER B 102 18.47 -7.62 33.46
N LEU B 103 17.67 -7.54 34.52
CA LEU B 103 16.67 -6.48 34.64
C LEU B 103 17.25 -5.07 34.63
N ASP B 104 18.34 -4.85 35.37
CA ASP B 104 18.90 -3.51 35.44
C ASP B 104 19.29 -3.03 34.03
N ALA B 105 19.87 -3.94 33.26
CA ALA B 105 20.28 -3.64 31.90
C ALA B 105 19.09 -3.31 31.00
N ARG B 106 18.09 -4.19 31.02
CA ARG B 106 16.88 -4.00 30.22
C ARG B 106 16.16 -2.69 30.57
N GLN B 107 16.06 -2.41 31.87
CA GLN B 107 15.43 -1.18 32.35
C GLN B 107 16.23 0.02 31.86
N ALA B 108 17.56 -0.10 31.85
CA ALA B 108 18.37 0.99 31.32
C ALA B 108 18.06 1.27 29.87
N LEU B 109 17.89 0.22 29.06
CA LEU B 109 17.53 0.43 27.65
C LEU B 109 16.11 1.04 27.51
N LEU B 110 15.16 0.52 28.29
CA LEU B 110 13.76 0.94 28.18
C LEU B 110 13.57 2.42 28.56
N ILE B 111 14.25 2.84 29.62
CA ILE B 111 14.07 4.20 30.16
C ILE B 111 14.49 5.23 29.10
N GLU B 112 15.44 4.83 28.25
CA GLU B 112 15.90 5.71 27.19
C GLU B 112 14.97 5.57 25.98
N GLN B 113 14.74 4.33 25.57
CA GLN B 113 14.07 4.04 24.31
C GLN B 113 12.57 4.37 24.29
N VAL B 114 11.89 4.13 25.41
CA VAL B 114 10.45 4.30 25.48
C VAL B 114 9.96 5.71 25.21
N PRO B 115 10.49 6.72 25.96
CA PRO B 115 9.99 8.08 25.67
C PRO B 115 10.51 8.63 24.34
N LYS B 116 11.67 8.17 23.90
CA LYS B 116 12.21 8.68 22.64
C LYS B 116 11.35 8.20 21.46
N LEU B 117 11.08 6.90 21.42
CA LEU B 117 10.24 6.31 20.37
C LEU B 117 8.86 6.95 20.38
N GLY B 118 8.38 7.28 21.57
CA GLY B 118 7.10 7.92 21.71
C GLY B 118 7.16 9.35 21.21
N LYS B 119 8.30 10.01 21.41
CA LYS B 119 8.49 11.38 20.89
C LYS B 119 8.42 11.42 19.37
N GLU B 120 9.08 10.44 18.73
CA GLU B 120 9.07 10.35 17.28
C GLU B 120 7.66 10.18 16.75
N ALA B 121 6.89 9.28 17.35
CA ALA B 121 5.49 9.11 16.94
C ALA B 121 4.66 10.36 17.28
N ALA B 122 4.94 10.95 18.43
CA ALA B 122 4.16 12.12 18.84
C ALA B 122 4.42 13.29 17.91
N ALA B 123 5.67 13.46 17.49
CA ALA B 123 6.01 14.57 16.62
C ALA B 123 5.31 14.47 15.27
N LYS B 124 5.26 13.26 14.72
CA LYS B 124 4.57 13.07 13.45
C LYS B 124 3.11 13.38 13.65
N ALA B 125 2.56 13.00 14.80
CA ALA B 125 1.13 13.24 15.03
C ALA B 125 0.86 14.74 15.17
N ILE B 126 1.73 15.41 15.93
CA ILE B 126 1.60 16.84 16.19
C ILE B 126 1.82 17.61 14.89
N LYS B 127 2.69 17.09 14.04
CA LYS B 127 2.91 17.75 12.77
C LYS B 127 1.63 17.74 11.92
N GLU B 128 0.98 16.58 11.83
CA GLU B 128 -0.29 16.46 11.11
C GLU B 128 -1.38 17.35 11.71
N TRP B 129 -1.41 17.40 13.05
CA TRP B 129 -2.43 18.16 13.77
C TRP B 129 -2.29 19.64 13.46
N GLY B 130 -1.06 20.15 13.53
CA GLY B 130 -0.78 21.50 13.05
C GLY B 130 -0.82 22.60 14.10
N GLN B 131 -1.40 22.30 15.26
CA GLN B 131 -1.61 23.33 16.28
C GLN B 131 -0.34 23.57 17.11
N PRO B 132 -0.28 24.70 17.82
CA PRO B 132 0.86 24.86 18.73
C PRO B 132 0.80 23.87 19.94
N LEU B 133 1.95 23.39 20.37
CA LEU B 133 2.03 22.42 21.46
C LEU B 133 1.28 22.89 22.69
N SER B 134 1.28 24.20 22.92
CA SER B 134 0.69 24.75 24.13
C SER B 134 -0.80 24.45 24.29
N LYS B 135 -1.46 23.98 23.23
CA LYS B 135 -2.90 23.68 23.28
C LYS B 135 -3.11 22.23 23.71
N ILE B 136 -1.99 21.50 23.84
CA ILE B 136 -2.07 20.18 24.45
C ILE B 136 -2.26 20.38 25.96
N THR B 137 -3.37 19.89 26.49
CA THR B 137 -3.72 20.06 27.90
C THR B 137 -3.51 18.78 28.68
N HIS B 138 -3.56 17.66 27.95
CA HIS B 138 -3.53 16.33 28.54
C HIS B 138 -2.52 15.44 27.81
N LEU B 139 -1.73 14.72 28.59
CA LEU B 139 -0.87 13.65 28.11
C LEU B 139 -1.25 12.33 28.76
N VAL B 140 -1.57 11.33 27.95
CA VAL B 140 -1.71 9.95 28.43
C VAL B 140 -0.65 9.10 27.75
N PHE B 141 0.30 8.61 28.54
CA PHE B 141 1.40 7.79 28.01
C PHE B 141 1.23 6.35 28.45
N SER B 142 1.08 5.42 27.51
CA SER B 142 1.02 4.00 27.89
C SER B 142 2.25 3.27 27.36
N ALA B 143 2.90 2.51 28.24
CA ALA B 143 4.08 1.77 27.86
C ALA B 143 3.98 0.33 28.33
N MET B 144 4.31 -0.59 27.42
CA MET B 144 4.37 -2.01 27.72
C MET B 144 5.22 -2.30 28.95
N ALA B 145 6.36 -1.63 29.02
CA ALA B 145 7.33 -1.87 30.08
C ALA B 145 8.25 -0.66 30.24
N GLY B 146 9.00 -0.60 31.34
CA GLY B 146 9.97 0.45 31.57
C GLY B 146 9.64 1.32 32.77
N VAL B 147 8.97 0.71 33.76
CA VAL B 147 8.52 1.40 34.96
C VAL B 147 9.64 2.21 35.60
N ASP B 148 9.41 3.50 35.79
CA ASP B 148 10.41 4.39 36.38
C ASP B 148 9.70 5.63 36.93
N ILE B 149 10.27 6.25 37.96
CA ILE B 149 9.69 7.45 38.58
C ILE B 149 10.71 8.60 38.59
N PRO B 150 10.42 9.71 37.91
CA PRO B 150 9.26 9.98 37.05
C PRO B 150 9.39 9.14 35.80
N GLY B 151 8.29 8.97 35.06
CA GLY B 151 8.23 7.97 34.00
C GLY B 151 8.46 8.51 32.61
N ALA B 152 8.03 7.74 31.62
CA ALA B 152 8.20 8.12 30.23
C ALA B 152 7.39 9.37 29.92
N ASP B 153 6.28 9.55 30.63
CA ASP B 153 5.42 10.69 30.36
C ASP B 153 6.11 12.04 30.66
N LEU B 154 6.76 12.14 31.82
CA LEU B 154 7.43 13.41 32.13
C LEU B 154 8.53 13.66 31.11
N ARG B 155 9.27 12.59 30.82
CA ARG B 155 10.33 12.65 29.80
C ARG B 155 9.82 13.13 28.43
N LEU B 156 8.67 12.65 27.98
CA LEU B 156 8.05 13.11 26.72
C LEU B 156 7.71 14.58 26.77
N MET B 157 7.14 15.02 27.90
CA MET B 157 6.84 16.45 28.04
C MET B 157 8.12 17.29 27.85
N ASN B 158 9.23 16.78 28.39
CA ASN B 158 10.51 17.45 28.23
C ASN B 158 11.08 17.35 26.80
N LEU B 159 10.98 16.18 26.20
CA LEU B 159 11.51 15.94 24.86
C LEU B 159 10.76 16.77 23.80
N LEU B 160 9.48 17.03 24.06
CA LEU B 160 8.61 17.76 23.13
C LEU B 160 8.44 19.24 23.45
N GLY B 161 8.75 19.65 24.68
CA GLY B 161 8.50 21.01 25.12
C GLY B 161 7.02 21.25 25.43
N LEU B 162 6.38 20.29 26.08
CA LEU B 162 4.99 20.50 26.49
C LEU B 162 4.93 21.46 27.69
N GLU B 163 3.78 22.11 27.86
CA GLU B 163 3.53 22.96 29.04
C GLU B 163 3.66 22.20 30.36
N PRO B 164 4.29 22.83 31.37
CA PRO B 164 4.39 22.17 32.68
C PRO B 164 3.02 21.94 33.32
N SER B 165 1.99 22.59 32.80
CA SER B 165 0.66 22.47 33.38
C SER B 165 -0.22 21.45 32.65
N VAL B 166 0.38 20.65 31.78
CA VAL B 166 -0.35 19.56 31.12
C VAL B 166 -0.61 18.42 32.09
N LYS B 167 -1.85 17.95 32.15
CA LYS B 167 -2.23 16.88 33.03
C LYS B 167 -1.64 15.60 32.50
N ARG B 168 -0.57 15.15 33.12
CA ARG B 168 0.08 13.96 32.62
C ARG B 168 -0.48 12.73 33.34
N LEU B 169 -0.48 11.61 32.64
CA LEU B 169 -0.96 10.35 33.16
C LEU B 169 -0.12 9.24 32.58
N MET B 170 0.57 8.50 33.45
CA MET B 170 1.46 7.42 33.05
C MET B 170 0.86 6.06 33.35
N ILE B 171 0.84 5.16 32.36
CA ILE B 171 0.29 3.81 32.53
C ILE B 171 1.30 2.72 32.12
N TYR B 172 2.01 2.15 33.09
CA TYR B 172 2.98 1.09 32.81
C TYR B 172 2.36 -0.31 32.85
N SER B 173 2.57 -1.09 31.80
CA SER B 173 2.32 -2.53 31.87
C SER B 173 0.87 -2.89 32.20
N GLN B 174 -0.08 -2.17 31.58
CA GLN B 174 -1.49 -2.41 31.79
C GLN B 174 -1.97 -3.65 31.03
N GLY B 175 -1.40 -3.87 29.88
CA GLY B 175 -1.85 -4.91 29.00
C GLY B 175 -2.49 -4.32 27.77
N CYS B 176 -2.24 -4.97 26.64
CA CYS B 176 -2.60 -4.46 25.32
C CYS B 176 -3.92 -3.70 25.29
N PHE B 177 -4.95 -4.28 25.88
CA PHE B 177 -6.27 -3.72 25.77
C PHE B 177 -6.26 -2.23 26.08
N ILE B 178 -5.18 -1.74 26.65
CA ILE B 178 -4.99 -0.31 26.89
C ILE B 178 -5.20 0.50 25.59
N GLY B 179 -4.88 -0.09 24.43
CA GLY B 179 -5.10 0.55 23.14
C GLY B 179 -6.48 1.15 23.01
N GLY B 180 -7.48 0.43 23.52
CA GLY B 180 -8.85 0.93 23.53
C GLY B 180 -9.13 1.73 24.79
N ALA B 181 -8.60 1.22 25.91
CA ALA B 181 -8.90 1.80 27.22
C ALA B 181 -8.51 3.27 27.29
N ALA B 182 -7.28 3.54 26.88
CA ALA B 182 -6.75 4.90 26.87
C ALA B 182 -7.64 5.82 26.03
N ILE B 183 -8.15 5.31 24.92
CA ILE B 183 -8.93 6.18 24.04
C ILE B 183 -10.23 6.57 24.75
N ARG B 184 -10.83 5.63 25.49
CA ARG B 184 -12.07 5.97 26.21
C ARG B 184 -11.72 7.10 27.20
N CYS B 185 -10.58 6.96 27.86
CA CYS B 185 -10.23 7.95 28.88
C CYS B 185 -10.08 9.31 28.19
N ALA B 186 -9.45 9.29 27.01
CA ALA B 186 -9.22 10.51 26.26
C ALA B 186 -10.56 11.14 25.94
N LYS B 187 -11.50 10.30 25.50
CA LYS B 187 -12.85 10.79 25.19
C LYS B 187 -13.43 11.57 26.39
N ASP B 188 -13.31 11.01 27.60
CA ASP B 188 -13.92 11.72 28.73
C ASP B 188 -13.19 13.03 28.96
N PHE B 189 -11.87 12.96 28.84
CA PHE B 189 -11.03 14.11 29.14
C PHE B 189 -11.43 15.16 28.13
N ALA B 190 -11.67 14.70 26.89
CA ALA B 190 -11.93 15.65 25.84
C ALA B 190 -13.32 16.24 26.00
N GLU B 191 -14.27 15.40 26.38
CA GLU B 191 -15.67 15.84 26.37
C GLU B 191 -16.00 16.61 27.64
N ASN B 192 -15.27 16.34 28.71
CA ASN B 192 -15.61 17.01 29.97
C ASN B 192 -14.80 18.26 30.15
N ASN B 193 -13.94 18.56 29.18
CA ASN B 193 -13.10 19.74 29.27
C ASN B 193 -13.02 20.47 27.94
N ALA B 194 -13.92 21.46 27.76
CA ALA B 194 -13.98 22.23 26.51
C ALA B 194 -12.61 22.82 26.19
N GLY B 195 -12.15 22.57 24.97
CA GLY B 195 -10.88 23.07 24.50
C GLY B 195 -9.69 22.15 24.75
N ALA B 196 -9.91 21.15 25.58
CA ALA B 196 -8.83 20.23 25.91
C ALA B 196 -8.43 19.44 24.68
N ARG B 197 -7.13 19.25 24.55
CA ARG B 197 -6.59 18.41 23.50
C ARG B 197 -5.72 17.37 24.18
N VAL B 198 -6.05 16.11 23.94
CA VAL B 198 -5.36 15.01 24.59
C VAL B 198 -4.38 14.32 23.67
N LEU B 199 -3.11 14.40 24.03
CA LEU B 199 -2.08 13.57 23.40
C LEU B 199 -2.00 12.21 24.11
N VAL B 200 -2.28 11.14 23.35
CA VAL B 200 -2.22 9.78 23.86
C VAL B 200 -1.09 9.07 23.17
N VAL B 201 -0.17 8.50 23.93
CA VAL B 201 0.98 7.87 23.31
C VAL B 201 1.20 6.47 23.83
N PHE B 202 1.29 5.53 22.90
CA PHE B 202 1.63 4.13 23.19
C PHE B 202 3.03 3.88 22.64
N SER B 203 3.99 3.58 23.51
CA SER B 203 5.37 3.26 23.10
C SER B 203 5.71 1.90 23.64
N ASP B 204 5.67 0.89 22.75
CA ASP B 204 5.78 -0.51 23.15
C ASP B 204 7.06 -1.13 22.64
N ILE B 205 7.96 -1.35 23.58
CA ILE B 205 9.29 -1.88 23.30
C ILE B 205 9.40 -3.18 24.03
N MET B 206 9.76 -4.22 23.29
CA MET B 206 9.54 -5.59 23.77
C MET B 206 10.79 -6.28 24.31
N ASN B 207 11.82 -5.54 24.70
CA ASN B 207 13.07 -6.24 25.05
C ASN B 207 12.98 -7.08 26.32
N MET B 208 11.98 -6.82 27.15
CA MET B 208 11.79 -7.60 28.38
C MET B 208 11.31 -9.01 28.04
N TYR B 209 10.82 -9.20 26.82
CA TYR B 209 10.35 -10.52 26.43
C TYR B 209 11.44 -11.31 25.71
N PHE B 210 12.57 -10.68 25.42
CA PHE B 210 13.67 -11.38 24.75
C PHE B 210 14.45 -12.31 25.70
N HIS B 211 14.43 -13.61 25.41
CA HIS B 211 15.21 -14.55 26.20
C HIS B 211 15.78 -15.63 25.31
N GLU B 212 16.79 -16.33 25.81
CA GLU B 212 17.34 -17.50 25.13
C GLU B 212 16.25 -18.53 25.03
N PRO B 213 16.09 -19.12 23.83
CA PRO B 213 15.06 -20.12 23.56
C PRO B 213 15.25 -21.34 24.44
N GLN B 214 14.15 -21.87 24.96
CA GLN B 214 14.20 -22.97 25.91
C GLN B 214 13.08 -23.95 25.57
N GLU B 215 13.39 -25.26 25.55
CA GLU B 215 12.35 -26.26 25.27
C GLU B 215 11.27 -26.29 26.37
N ALA B 216 11.63 -25.86 27.58
CA ALA B 216 10.68 -25.91 28.68
C ALA B 216 9.76 -24.70 28.66
N HIS B 217 10.06 -23.72 27.81
CA HIS B 217 9.27 -22.49 27.76
C HIS B 217 8.92 -22.15 26.31
N LEU B 218 7.86 -22.76 25.81
CA LEU B 218 7.55 -22.62 24.39
C LEU B 218 6.68 -21.40 24.04
N ASP B 219 6.00 -20.83 25.04
CA ASP B 219 5.17 -19.66 24.77
C ASP B 219 6.07 -18.52 24.33
N ILE B 220 7.23 -18.44 24.96
CA ILE B 220 8.16 -17.35 24.65
C ILE B 220 8.64 -17.42 23.21
N LEU B 221 8.66 -18.61 22.64
CA LEU B 221 8.99 -18.76 21.22
C LEU B 221 7.96 -18.05 20.34
N VAL B 222 6.68 -18.26 20.65
CA VAL B 222 5.60 -17.60 19.95
C VAL B 222 5.77 -16.08 20.04
N GLY B 223 6.00 -15.63 21.27
CA GLY B 223 6.18 -14.21 21.48
C GLY B 223 7.29 -13.69 20.59
N GLN B 224 8.40 -14.45 20.56
CA GLN B 224 9.60 -14.06 19.83
C GLN B 224 9.38 -14.07 18.33
N ALA B 225 8.37 -14.82 17.89
CA ALA B 225 8.00 -14.82 16.49
C ALA B 225 7.17 -13.60 16.13
N VAL B 226 6.35 -13.09 17.06
CA VAL B 226 5.43 -11.99 16.68
C VAL B 226 5.70 -10.57 17.23
N PHE B 227 6.38 -10.45 18.37
CA PHE B 227 6.54 -9.13 19.00
C PHE B 227 7.45 -8.20 18.19
N GLY B 228 6.96 -6.99 17.91
CA GLY B 228 7.78 -5.99 17.25
C GLY B 228 7.69 -4.72 18.07
N ASP B 229 8.65 -3.82 17.95
CA ASP B 229 8.61 -2.56 18.72
C ASP B 229 7.88 -1.51 17.93
N GLY B 230 7.15 -0.65 18.63
CA GLY B 230 6.41 0.35 17.92
C GLY B 230 5.81 1.40 18.82
N ALA B 231 5.59 2.57 18.26
CA ALA B 231 4.92 3.61 19.00
C ALA B 231 3.89 4.23 18.08
N ALA B 232 2.77 4.63 18.68
CA ALA B 232 1.70 5.36 18.03
C ALA B 232 1.27 6.51 18.93
N ALA B 233 0.99 7.66 18.33
CA ALA B 233 0.49 8.81 19.08
C ALA B 233 -0.79 9.29 18.41
N VAL B 234 -1.75 9.58 19.25
CA VAL B 234 -3.06 9.96 18.79
C VAL B 234 -3.43 11.27 19.43
N ILE B 235 -3.92 12.21 18.64
CA ILE B 235 -4.46 13.42 19.24
C ILE B 235 -5.99 13.34 19.24
N VAL B 236 -6.58 13.61 20.40
CA VAL B 236 -8.01 13.44 20.63
C VAL B 236 -8.59 14.75 21.14
N GLY B 237 -9.71 15.18 20.56
CA GLY B 237 -10.29 16.46 20.92
C GLY B 237 -11.77 16.57 20.54
N ALA B 238 -12.51 17.39 21.28
CA ALA B 238 -13.90 17.63 20.93
C ALA B 238 -14.02 19.05 20.38
N ASP B 239 -15.06 19.27 19.57
CA ASP B 239 -15.33 20.56 18.96
C ASP B 239 -14.10 21.11 18.24
N PRO B 240 -13.70 20.42 17.15
CA PRO B 240 -12.49 20.87 16.43
C PRO B 240 -12.82 22.16 15.70
N GLU B 241 -11.88 23.10 15.67
CA GLU B 241 -12.03 24.32 14.89
C GLU B 241 -12.17 23.93 13.42
N VAL B 242 -13.38 24.14 12.90
CA VAL B 242 -13.82 23.61 11.62
C VAL B 242 -12.81 23.82 10.50
N SER B 243 -12.07 24.90 10.62
CA SER B 243 -11.10 25.26 9.63
C SER B 243 -9.86 24.39 9.70
N ILE B 244 -9.07 24.61 10.75
CA ILE B 244 -7.69 24.13 10.85
C ILE B 244 -7.54 22.71 11.40
N GLU B 245 -8.34 22.36 12.40
CA GLU B 245 -8.38 20.98 12.90
C GLU B 245 -9.29 20.14 12.02
N ARG B 246 -8.86 18.94 11.66
CA ARG B 246 -9.71 18.05 10.86
C ARG B 246 -9.79 16.64 11.45
N PRO B 247 -10.95 16.29 12.02
CA PRO B 247 -11.18 14.95 12.58
C PRO B 247 -11.00 13.83 11.59
N LEU B 248 -10.35 12.76 12.03
CA LEU B 248 -10.17 11.54 11.23
C LEU B 248 -11.26 10.53 11.57
N PHE B 249 -11.45 10.29 12.87
CA PHE B 249 -12.48 9.38 13.35
C PHE B 249 -13.14 9.96 14.57
N HIS B 250 -14.42 9.64 14.78
CA HIS B 250 -15.09 10.02 16.01
C HIS B 250 -15.12 8.83 16.96
N VAL B 251 -14.77 9.07 18.22
CA VAL B 251 -14.86 8.04 19.24
C VAL B 251 -16.28 8.11 19.83
N VAL B 252 -17.14 7.20 19.40
CA VAL B 252 -18.56 7.27 19.71
C VAL B 252 -18.89 6.68 21.07
N SER B 253 -18.55 5.39 21.25
CA SER B 253 -18.63 4.84 22.63
C SER B 253 -17.74 3.62 22.86
N SER B 254 -17.43 3.32 24.11
CA SER B 254 -16.47 2.26 24.37
C SER B 254 -16.87 1.36 25.55
N THR B 255 -16.70 0.05 25.39
CA THR B 255 -17.03 -0.90 26.45
C THR B 255 -15.83 -1.77 26.78
N GLN B 256 -15.85 -2.36 27.97
CA GLN B 256 -14.73 -3.18 28.43
C GLN B 256 -15.29 -4.44 29.06
N MET B 257 -14.69 -5.56 28.72
CA MET B 257 -15.09 -6.84 29.30
C MET B 257 -13.84 -7.62 29.69
N SER B 258 -13.80 -8.07 30.94
CA SER B 258 -12.74 -8.97 31.35
C SER B 258 -13.40 -10.33 31.49
N VAL B 259 -13.16 -11.21 30.51
CA VAL B 259 -13.81 -12.53 30.45
C VAL B 259 -13.51 -13.37 31.69
N PRO B 260 -14.58 -13.78 32.40
CA PRO B 260 -14.42 -14.50 33.67
C PRO B 260 -13.60 -15.76 33.47
N ASP B 261 -12.75 -16.04 34.45
CA ASP B 261 -11.97 -17.28 34.48
C ASP B 261 -10.97 -17.43 33.34
N THR B 262 -10.41 -16.30 32.88
CA THR B 262 -9.36 -16.34 31.85
C THR B 262 -8.11 -15.63 32.36
N ASN B 263 -8.08 -15.36 33.65
CA ASN B 263 -7.03 -14.62 34.34
C ASN B 263 -5.63 -15.11 34.05
N LYS B 264 -5.49 -16.41 33.78
CA LYS B 264 -4.17 -16.98 33.63
C LYS B 264 -3.83 -17.26 32.18
N PHE B 265 -4.70 -16.86 31.26
CA PHE B 265 -4.41 -17.10 29.85
C PHE B 265 -3.18 -16.33 29.38
N ILE B 266 -3.08 -15.07 29.80
CA ILE B 266 -1.88 -14.31 29.52
C ILE B 266 -1.36 -13.66 30.80
N ARG B 267 -0.14 -13.99 31.17
CA ARG B 267 0.53 -13.34 32.30
C ARG B 267 1.91 -12.88 31.92
N ALA B 268 2.38 -11.83 32.58
CA ALA B 268 3.75 -11.39 32.41
C ALA B 268 4.21 -10.85 33.76
N HIS B 269 5.22 -11.50 34.32
CA HIS B 269 5.71 -11.14 35.64
C HIS B 269 7.03 -10.39 35.48
N VAL B 270 7.20 -9.28 36.19
CA VAL B 270 8.44 -8.52 36.16
C VAL B 270 9.44 -9.19 37.10
N LYS B 271 10.54 -9.69 36.57
CA LYS B 271 11.48 -10.44 37.42
C LYS B 271 12.93 -10.02 37.20
N GLU B 272 13.85 -10.64 37.93
CA GLU B 272 15.23 -10.22 37.88
C GLU B 272 15.87 -10.56 36.54
N MET B 273 15.29 -11.54 35.85
CA MET B 273 15.79 -11.97 34.54
C MET B 273 15.10 -11.24 33.38
N GLY B 274 14.16 -10.35 33.70
CA GLY B 274 13.35 -9.65 32.71
C GLY B 274 11.89 -10.01 32.88
N MET B 275 11.15 -10.14 31.79
CA MET B 275 9.74 -10.50 31.93
C MET B 275 9.40 -11.96 31.61
N GLU B 276 8.73 -12.59 32.55
CA GLU B 276 8.39 -14.00 32.42
C GLU B 276 6.99 -14.07 31.82
N LEU B 277 6.89 -14.67 30.64
CA LEU B 277 5.68 -14.60 29.83
C LEU B 277 4.95 -15.95 29.71
N TYR B 278 3.65 -15.93 29.97
CA TYR B 278 2.80 -17.08 29.71
C TYR B 278 1.73 -16.62 28.73
N LEU B 279 1.62 -17.34 27.62
CA LEU B 279 0.74 -17.01 26.51
C LEU B 279 -0.01 -18.27 26.07
N SER B 280 -1.24 -18.40 26.55
CA SER B 280 -2.04 -19.60 26.30
C SER B 280 -2.41 -19.79 24.82
N LYS B 281 -2.39 -21.04 24.36
CA LYS B 281 -2.72 -21.34 22.97
C LYS B 281 -4.22 -21.18 22.72
N ASP B 282 -4.99 -21.11 23.79
CA ASP B 282 -6.44 -21.03 23.70
C ASP B 282 -6.99 -19.60 23.60
N VAL B 283 -6.11 -18.60 23.62
CA VAL B 283 -6.56 -17.20 23.52
C VAL B 283 -7.35 -16.83 22.24
N PRO B 284 -6.83 -17.19 21.05
CA PRO B 284 -7.60 -16.78 19.86
C PRO B 284 -8.98 -17.43 19.82
N ALA B 285 -9.09 -18.69 20.24
CA ALA B 285 -10.40 -19.37 20.31
C ALA B 285 -11.38 -18.67 21.26
N THR B 286 -10.85 -18.17 22.38
CA THR B 286 -11.70 -17.52 23.37
C THR B 286 -12.19 -16.17 22.83
N VAL B 287 -11.26 -15.45 22.19
CA VAL B 287 -11.61 -14.21 21.53
C VAL B 287 -12.71 -14.47 20.50
N GLY B 288 -12.54 -15.56 19.75
CA GLY B 288 -13.55 -15.97 18.78
C GLY B 288 -14.91 -16.18 19.41
N LYS B 289 -14.95 -16.92 20.52
CA LYS B 289 -16.22 -17.18 21.22
C LYS B 289 -16.91 -15.94 21.77
N ASN B 290 -16.16 -14.94 22.20
CA ASN B 290 -16.81 -13.82 22.90
C ASN B 290 -17.04 -12.59 22.01
N ILE B 291 -16.38 -12.58 20.86
CA ILE B 291 -16.35 -11.40 20.01
C ILE B 291 -17.72 -10.89 19.50
N GLU B 292 -18.56 -11.79 19.01
CA GLU B 292 -19.90 -11.39 18.51
C GLU B 292 -20.74 -10.77 19.64
N LYS B 293 -20.67 -11.35 20.83
CA LYS B 293 -21.43 -10.80 21.94
C LYS B 293 -20.94 -9.41 22.31
N LEU B 294 -19.62 -9.26 22.39
CA LEU B 294 -19.02 -7.97 22.70
C LEU B 294 -19.49 -6.89 21.73
N LEU B 295 -19.45 -7.23 20.44
CA LEU B 295 -19.84 -6.32 19.37
C LEU B 295 -21.32 -5.93 19.47
N VAL B 296 -22.18 -6.94 19.64
CA VAL B 296 -23.62 -6.67 19.77
C VAL B 296 -23.92 -5.73 20.93
N ASP B 297 -23.30 -5.99 22.08
CA ASP B 297 -23.58 -5.12 23.22
C ASP B 297 -23.05 -3.69 22.99
N ALA B 298 -21.88 -3.55 22.37
CA ALA B 298 -21.30 -2.22 22.15
C ALA B 298 -22.12 -1.41 21.15
N VAL B 299 -22.70 -2.13 20.21
CA VAL B 299 -23.43 -1.51 19.11
C VAL B 299 -24.94 -1.34 19.39
N SER B 300 -25.43 -1.90 20.49
CA SER B 300 -26.88 -1.92 20.77
C SER B 300 -27.66 -0.58 20.71
N PRO B 301 -27.08 0.55 21.17
CA PRO B 301 -27.92 1.75 21.07
C PRO B 301 -27.89 2.39 19.69
N PHE B 302 -27.29 1.73 18.71
CA PHE B 302 -27.09 2.36 17.41
C PHE B 302 -27.70 1.61 16.24
N GLY B 303 -28.28 0.44 16.52
CA GLY B 303 -29.00 -0.29 15.50
C GLY B 303 -28.13 -0.71 14.34
N ILE B 304 -27.03 -1.40 14.65
CA ILE B 304 -26.16 -1.94 13.61
C ILE B 304 -26.20 -3.46 13.77
N SER B 305 -26.34 -4.16 12.65
CA SER B 305 -26.51 -5.61 12.70
C SER B 305 -25.70 -6.33 11.64
N ASP B 306 -25.30 -5.60 10.59
CA ASP B 306 -24.54 -6.21 9.50
C ASP B 306 -23.04 -5.99 9.69
N TRP B 307 -22.33 -7.04 10.08
CA TRP B 307 -20.93 -6.92 10.45
C TRP B 307 -20.05 -6.46 9.29
N ASN B 308 -20.47 -6.77 8.07
CA ASN B 308 -19.67 -6.37 6.93
C ASN B 308 -19.89 -4.94 6.48
N SER B 309 -20.72 -4.20 7.22
CA SER B 309 -20.92 -2.77 6.93
C SER B 309 -20.01 -1.91 7.83
N LEU B 310 -19.03 -2.56 8.46
CA LEU B 310 -18.15 -1.87 9.39
C LEU B 310 -16.71 -1.83 8.89
N PHE B 311 -15.97 -0.79 9.23
CA PHE B 311 -14.52 -0.87 9.07
C PHE B 311 -13.90 -1.39 10.38
N TYR B 312 -12.76 -2.07 10.28
CA TYR B 312 -12.21 -2.80 11.42
C TYR B 312 -10.75 -2.49 11.71
N SER B 313 -10.48 -2.26 12.99
CA SER B 313 -9.13 -2.28 13.51
C SER B 313 -9.11 -3.35 14.61
N VAL B 314 -8.51 -4.49 14.30
CA VAL B 314 -8.45 -5.63 15.22
C VAL B 314 -7.02 -5.84 15.68
N HIS B 315 -6.82 -5.89 16.99
CA HIS B 315 -5.49 -6.11 17.55
C HIS B 315 -4.82 -7.33 16.95
N PRO B 316 -3.71 -7.10 16.25
CA PRO B 316 -3.03 -8.22 15.60
C PRO B 316 -2.12 -8.95 16.59
N GLY B 317 -2.71 -9.57 17.61
CA GLY B 317 -1.93 -10.29 18.61
C GLY B 317 -1.19 -11.42 17.94
N GLY B 318 -1.83 -11.95 16.89
CA GLY B 318 -1.27 -12.97 16.04
C GLY B 318 -2.22 -13.25 14.88
N ARG B 319 -1.82 -14.18 14.01
CA ARG B 319 -2.64 -14.58 12.87
C ARG B 319 -3.95 -15.21 13.32
N ALA B 320 -3.86 -16.13 14.29
CA ALA B 320 -5.03 -16.86 14.72
C ALA B 320 -6.12 -15.97 15.31
N ILE B 321 -5.74 -14.95 16.08
CA ILE B 321 -6.72 -14.05 16.64
C ILE B 321 -7.51 -13.41 15.49
N LEU B 322 -6.79 -12.96 14.47
CA LEU B 322 -7.43 -12.35 13.31
C LEU B 322 -8.37 -13.31 12.60
N ASP B 323 -7.88 -14.53 12.39
CA ASP B 323 -8.70 -15.53 11.76
C ASP B 323 -9.97 -15.75 12.55
N GLN B 324 -9.85 -15.71 13.86
CA GLN B 324 -10.94 -16.06 14.74
C GLN B 324 -12.02 -14.98 14.80
N VAL B 325 -11.59 -13.71 14.81
CA VAL B 325 -12.53 -12.61 14.78
C VAL B 325 -13.25 -12.58 13.44
N GLU B 326 -12.47 -12.72 12.36
CA GLU B 326 -13.02 -12.80 11.02
C GLU B 326 -14.09 -13.89 10.87
N LEU B 327 -13.74 -15.09 11.34
CA LEU B 327 -14.63 -16.23 11.29
C LEU B 327 -15.90 -15.95 12.07
N ASN B 328 -15.75 -15.64 13.36
CA ASN B 328 -16.93 -15.57 14.23
C ASN B 328 -17.81 -14.32 14.03
N LEU B 329 -17.34 -13.37 13.23
CA LEU B 329 -18.17 -12.23 12.87
C LEU B 329 -18.66 -12.38 11.43
N GLY B 330 -18.25 -13.48 10.80
CA GLY B 330 -18.64 -13.75 9.44
C GLY B 330 -18.17 -12.68 8.47
N LEU B 331 -16.94 -12.22 8.66
CA LEU B 331 -16.43 -11.15 7.82
C LEU B 331 -15.93 -11.69 6.47
N GLY B 332 -16.12 -10.92 5.42
CA GLY B 332 -15.57 -11.24 4.12
C GLY B 332 -14.06 -11.13 4.22
N LYS B 333 -13.35 -11.88 3.39
CA LYS B 333 -11.92 -12.08 3.58
C LYS B 333 -10.99 -10.86 3.39
N GLU B 334 -11.56 -9.71 3.04
CA GLU B 334 -10.76 -8.53 2.76
C GLU B 334 -10.98 -7.54 3.91
N LYS B 335 -11.83 -7.95 4.85
CA LYS B 335 -12.23 -7.08 5.94
C LYS B 335 -11.09 -6.70 6.88
N LEU B 336 -10.21 -7.67 7.13
CA LEU B 336 -9.12 -7.52 8.10
C LEU B 336 -7.81 -7.18 7.40
N ARG B 337 -7.96 -6.59 6.23
CA ARG B 337 -6.84 -6.28 5.34
C ARG B 337 -5.83 -5.36 5.98
N ALA B 338 -6.30 -4.30 6.63
CA ALA B 338 -5.41 -3.32 7.27
C ALA B 338 -4.71 -3.92 8.50
N SER B 339 -5.46 -4.75 9.24
CA SER B 339 -4.94 -5.37 10.44
C SER B 339 -3.85 -6.38 10.09
N ARG B 340 -4.16 -7.23 9.12
CA ARG B 340 -3.22 -8.24 8.65
C ARG B 340 -2.02 -7.53 8.05
N HIS B 341 -2.28 -6.37 7.42
CA HIS B 341 -1.20 -5.63 6.82
C HIS B 341 -0.21 -5.21 7.90
N VAL B 342 -0.74 -4.65 8.98
CA VAL B 342 0.13 -4.22 10.08
C VAL B 342 0.87 -5.39 10.73
N LEU B 343 0.18 -6.50 10.96
CA LEU B 343 0.86 -7.71 11.42
C LEU B 343 2.00 -8.13 10.48
N SER B 344 1.82 -7.96 9.17
CA SER B 344 2.83 -8.39 8.20
C SER B 344 4.03 -7.48 8.20
N GLU B 345 3.75 -6.18 8.22
CA GLU B 345 4.80 -5.20 8.04
C GLU B 345 5.45 -4.71 9.32
N TYR B 346 4.88 -5.10 10.47
CA TYR B 346 5.39 -4.62 11.78
C TYR B 346 5.40 -5.64 12.91
N GLY B 347 4.56 -6.68 12.81
CA GLY B 347 4.39 -7.64 13.89
C GLY B 347 3.41 -7.12 14.93
N ASN B 348 3.39 -7.73 16.10
CA ASN B 348 2.55 -7.31 17.22
C ASN B 348 3.29 -6.34 18.12
N MET B 349 2.87 -5.08 18.04
CA MET B 349 3.52 -4.00 18.79
C MET B 349 2.67 -3.60 19.97
N GLY B 350 1.92 -4.55 20.54
CA GLY B 350 1.07 -4.25 21.69
C GLY B 350 0.03 -3.15 21.52
N GLY B 351 -0.07 -2.28 22.53
CA GLY B 351 -1.09 -1.25 22.54
C GLY B 351 -1.11 -0.34 21.32
N SER B 352 0.05 -0.08 20.73
CA SER B 352 0.11 0.84 19.61
C SER B 352 -0.46 0.26 18.31
N SER B 353 -0.56 -1.08 18.26
CA SER B 353 -0.86 -1.78 17.00
C SER B 353 -2.15 -1.28 16.33
N VAL B 354 -3.22 -1.24 17.11
CA VAL B 354 -4.54 -0.87 16.59
C VAL B 354 -4.53 0.52 15.97
N TYR B 355 -3.59 1.38 16.35
CA TYR B 355 -3.57 2.69 15.70
C TYR B 355 -2.80 2.72 14.39
N PHE B 356 -1.76 1.88 14.27
CA PHE B 356 -1.10 1.71 12.98
C PHE B 356 -2.18 1.37 11.95
N ILE B 357 -3.02 0.43 12.36
CA ILE B 357 -4.10 -0.10 11.54
C ILE B 357 -5.02 1.06 11.18
N LEU B 358 -5.41 1.84 12.19
CA LEU B 358 -6.29 2.98 11.99
C LEU B 358 -5.65 3.89 10.93
N ASP B 359 -4.35 4.16 11.12
CA ASP B 359 -3.62 5.05 10.24
C ASP B 359 -3.74 4.47 8.84
N GLU B 360 -3.43 3.18 8.71
CA GLU B 360 -3.50 2.52 7.43
C GLU B 360 -4.92 2.68 6.81
N ILE B 361 -5.95 2.44 7.61
CA ILE B 361 -7.30 2.47 7.06
C ILE B 361 -7.57 3.84 6.51
N ARG B 362 -7.16 4.83 7.27
CA ARG B 362 -7.33 6.22 6.87
C ARG B 362 -6.61 6.42 5.54
N LYS B 363 -5.36 6.00 5.49
CA LYS B 363 -4.53 6.31 4.34
C LYS B 363 -5.08 5.67 3.07
N LYS B 364 -5.39 4.38 3.13
CA LYS B 364 -5.96 3.69 1.98
C LYS B 364 -7.27 4.38 1.61
N SER B 365 -8.00 4.85 2.62
CA SER B 365 -9.26 5.50 2.35
C SER B 365 -9.05 6.76 1.48
N MET B 366 -8.04 7.55 1.81
CA MET B 366 -7.79 8.79 1.07
C MET B 366 -7.31 8.41 -0.30
N GLN B 367 -6.56 7.32 -0.33
CA GLN B 367 -5.79 6.97 -1.50
C GLN B 367 -6.69 6.41 -2.60
N GLU B 368 -7.70 5.65 -2.20
CA GLU B 368 -8.62 5.02 -3.13
C GLU B 368 -9.87 5.91 -3.31
N ALA B 369 -9.73 7.19 -2.95
CA ALA B 369 -10.79 8.19 -3.13
C ALA B 369 -12.14 7.77 -2.55
N LYS B 370 -12.08 7.11 -1.40
CA LYS B 370 -13.30 6.66 -0.73
C LYS B 370 -14.15 7.82 -0.20
N PRO B 371 -15.46 7.58 -0.06
CA PRO B 371 -16.33 8.64 0.49
C PRO B 371 -16.04 8.94 1.96
N THR B 372 -15.55 7.95 2.72
CA THR B 372 -15.20 8.18 4.14
C THR B 372 -13.79 7.71 4.52
N THR B 373 -13.29 8.24 5.65
CA THR B 373 -11.98 7.86 6.18
C THR B 373 -11.93 6.43 6.65
N GLY B 374 -13.09 5.80 6.83
CA GLY B 374 -13.13 4.40 7.22
C GLY B 374 -13.49 3.48 6.08
N ASP B 375 -12.74 3.52 4.98
CA ASP B 375 -13.03 2.66 3.81
C ASP B 375 -14.39 2.90 3.16
N GLY B 376 -14.93 4.10 3.28
CA GLY B 376 -16.18 4.42 2.64
C GLY B 376 -17.38 4.06 3.50
N LEU B 377 -17.11 3.38 4.62
CA LEU B 377 -18.16 2.98 5.55
C LEU B 377 -18.23 4.02 6.64
N GLU B 378 -19.34 4.06 7.36
CA GLU B 378 -19.49 5.10 8.37
C GLU B 378 -19.25 4.59 9.79
N TRP B 379 -19.64 3.35 10.08
CA TRP B 379 -19.40 2.79 11.39
C TRP B 379 -18.19 1.86 11.40
N GLY B 380 -17.45 1.91 12.51
CA GLY B 380 -16.27 1.07 12.68
C GLY B 380 -16.04 0.55 14.09
N VAL B 381 -15.18 -0.46 14.18
CA VAL B 381 -14.85 -1.06 15.45
C VAL B 381 -13.37 -1.21 15.60
N LEU B 382 -12.87 -0.76 16.73
CA LEU B 382 -11.50 -1.04 17.11
C LEU B 382 -11.61 -1.99 18.31
N PHE B 383 -11.03 -3.18 18.16
CA PHE B 383 -11.02 -4.19 19.21
C PHE B 383 -9.64 -4.24 19.81
N ALA B 384 -9.52 -3.75 21.04
CA ALA B 384 -8.26 -3.80 21.78
C ALA B 384 -8.25 -5.00 22.68
N ILE B 385 -7.30 -5.90 22.44
CA ILE B 385 -7.26 -7.19 23.13
C ILE B 385 -5.99 -7.35 23.93
N GLY B 386 -6.12 -7.76 25.20
CA GLY B 386 -4.96 -7.96 26.05
C GLY B 386 -5.21 -8.94 27.18
N PRO B 387 -4.19 -9.12 28.05
CA PRO B 387 -4.21 -10.00 29.22
C PRO B 387 -5.39 -9.66 30.17
N GLY B 388 -6.03 -10.69 30.72
CA GLY B 388 -7.27 -10.51 31.45
C GLY B 388 -8.10 -11.80 31.57
N LEU B 389 -8.58 -12.34 30.44
CA LEU B 389 -8.48 -11.73 29.13
C LEU B 389 -9.40 -10.53 29.05
N THR B 390 -8.86 -9.39 28.62
CA THR B 390 -9.65 -8.16 28.59
C THR B 390 -9.71 -7.57 27.20
N VAL B 391 -10.94 -7.27 26.78
CA VAL B 391 -11.20 -6.67 25.50
C VAL B 391 -11.91 -5.35 25.72
N GLU B 392 -11.40 -4.29 25.10
CA GLU B 392 -12.09 -3.01 25.02
C GLU B 392 -12.64 -2.89 23.58
N THR B 393 -13.92 -2.59 23.47
CA THR B 393 -14.55 -2.42 22.17
C THR B 393 -14.84 -0.93 21.92
N VAL B 394 -14.20 -0.34 20.92
CA VAL B 394 -14.43 1.06 20.60
C VAL B 394 -15.23 1.21 19.31
N ILE B 395 -16.42 1.78 19.47
CA ILE B 395 -17.31 2.10 18.36
C ILE B 395 -16.98 3.51 17.89
N LEU B 396 -16.53 3.53 16.63
CA LEU B 396 -16.05 4.72 15.95
C LEU B 396 -16.99 5.08 14.82
N LEU B 397 -16.93 6.34 14.41
CA LEU B 397 -17.69 6.84 13.28
C LEU B 397 -16.70 7.48 12.31
N SER B 398 -16.77 7.12 11.05
CA SER B 398 -15.80 7.64 10.08
C SER B 398 -16.10 9.09 9.81
N VAL B 399 -15.21 9.70 9.03
CA VAL B 399 -15.37 11.10 8.64
C VAL B 399 -15.42 11.09 7.12
N PRO B 400 -16.38 11.84 6.56
CA PRO B 400 -16.53 11.94 5.11
C PRO B 400 -15.41 12.75 4.49
N ILE B 401 -14.93 12.34 3.32
CA ILE B 401 -13.86 13.07 2.61
C ILE B 401 -14.32 13.60 1.27
N GLY C 11 -5.41 -28.88 -59.82
CA GLY C 11 -5.30 -30.14 -59.10
C GLY C 11 -4.88 -29.96 -57.64
N SER C 12 -3.74 -29.33 -57.41
CA SER C 12 -3.34 -29.06 -56.03
C SER C 12 -4.14 -27.88 -55.50
N MET C 13 -4.71 -27.09 -56.41
CA MET C 13 -5.66 -26.05 -56.03
C MET C 13 -6.89 -26.64 -55.32
N ALA C 14 -7.23 -27.87 -55.69
CA ALA C 14 -8.33 -28.58 -55.05
C ALA C 14 -7.99 -28.80 -53.59
N LYS C 15 -6.76 -29.28 -53.34
CA LYS C 15 -6.23 -29.44 -52.00
C LYS C 15 -6.25 -28.11 -51.23
N VAL C 16 -5.81 -27.03 -51.89
CA VAL C 16 -5.76 -25.72 -51.25
C VAL C 16 -7.16 -25.22 -50.85
N LYS C 17 -8.11 -25.29 -51.78
CA LYS C 17 -9.48 -24.85 -51.52
C LYS C 17 -10.19 -25.76 -50.50
N ASN C 18 -9.79 -27.03 -50.49
CA ASN C 18 -10.35 -28.02 -49.55
C ASN C 18 -9.90 -27.70 -48.12
N PHE C 19 -8.59 -27.46 -48.01
CA PHE C 19 -7.94 -27.07 -46.77
C PHE C 19 -8.56 -25.76 -46.28
N LEU C 20 -8.74 -24.84 -47.22
CA LEU C 20 -9.31 -23.54 -46.98
C LEU C 20 -10.74 -23.61 -46.44
N ASN C 21 -11.56 -24.46 -47.07
CA ASN C 21 -12.95 -24.64 -46.62
C ASN C 21 -13.05 -25.32 -45.27
N ALA C 22 -12.11 -26.23 -45.00
CA ALA C 22 -12.14 -26.98 -43.75
C ALA C 22 -11.88 -26.13 -42.51
N LYS C 23 -11.12 -25.04 -42.65
CA LYS C 23 -10.76 -24.20 -41.50
C LYS C 23 -11.54 -22.90 -41.32
N ARG C 24 -12.61 -22.70 -42.09
CA ARG C 24 -13.47 -21.54 -41.86
C ARG C 24 -14.37 -21.81 -40.69
N SER C 25 -14.79 -20.77 -39.99
CA SER C 25 -15.64 -20.97 -38.83
C SER C 25 -17.08 -21.01 -39.26
N LYS C 26 -17.92 -21.68 -38.48
CA LYS C 26 -19.35 -21.78 -38.76
C LYS C 26 -20.07 -20.49 -38.40
N GLY C 27 -19.67 -19.86 -37.31
CA GLY C 27 -20.36 -18.65 -36.86
C GLY C 27 -19.41 -17.47 -36.69
N PRO C 28 -19.90 -16.42 -36.03
CA PRO C 28 -19.16 -15.15 -35.86
C PRO C 28 -18.21 -15.19 -34.68
N ALA C 29 -17.17 -14.35 -34.72
CA ALA C 29 -16.28 -14.21 -33.56
C ALA C 29 -16.99 -13.45 -32.43
N SER C 30 -16.85 -13.95 -31.21
CA SER C 30 -17.41 -13.30 -30.04
C SER C 30 -16.38 -13.19 -28.95
N ILE C 31 -16.59 -12.23 -28.04
CA ILE C 31 -15.77 -12.13 -26.84
C ILE C 31 -16.23 -13.14 -25.79
N LEU C 32 -15.34 -14.05 -25.40
CA LEU C 32 -15.69 -15.16 -24.51
C LEU C 32 -15.32 -14.85 -23.05
N ALA C 33 -14.47 -13.85 -22.86
CA ALA C 33 -14.09 -13.39 -21.51
C ALA C 33 -13.34 -12.06 -21.55
N ILE C 34 -13.43 -11.31 -20.46
CA ILE C 34 -12.75 -10.03 -20.30
C ILE C 34 -12.13 -9.95 -18.89
N GLY C 35 -10.81 -9.73 -18.83
CA GLY C 35 -10.13 -9.51 -17.57
C GLY C 35 -9.40 -8.17 -17.55
N THR C 36 -9.32 -7.54 -16.39
CA THR C 36 -8.63 -6.25 -16.30
C THR C 36 -7.59 -6.30 -15.20
N ALA C 37 -6.67 -5.33 -15.22
CA ALA C 37 -5.64 -5.24 -14.21
C ALA C 37 -5.17 -3.80 -14.08
N ASN C 38 -4.64 -3.47 -12.91
CA ASN C 38 -4.08 -2.15 -12.61
C ASN C 38 -2.84 -2.27 -11.73
N PRO C 39 -1.96 -1.26 -11.76
CA PRO C 39 -0.84 -1.24 -10.82
C PRO C 39 -1.41 -1.07 -9.40
N PRO C 40 -0.65 -1.48 -8.36
CA PRO C 40 -1.12 -1.53 -6.98
C PRO C 40 -1.48 -0.17 -6.40
N THR C 41 -0.72 0.87 -6.77
CA THR C 41 -0.84 2.17 -6.11
C THR C 41 -1.90 3.06 -6.72
N CYS C 42 -2.91 3.36 -5.90
CA CYS C 42 -4.03 4.19 -6.30
C CYS C 42 -3.73 5.64 -5.95
N PHE C 43 -4.09 6.53 -6.86
CA PHE C 43 -3.87 7.96 -6.68
C PHE C 43 -5.24 8.64 -6.79
N ASN C 44 -5.65 9.32 -5.72
CA ASN C 44 -6.94 10.01 -5.74
C ASN C 44 -6.79 11.44 -6.27
N GLN C 45 -7.70 11.83 -7.19
CA GLN C 45 -7.56 13.07 -7.96
C GLN C 45 -7.48 14.36 -7.13
N SER C 46 -8.18 14.36 -6.00
CA SER C 46 -8.19 15.50 -5.10
C SER C 46 -6.78 15.85 -4.60
N ASP C 47 -6.00 14.81 -4.30
CA ASP C 47 -4.63 15.02 -3.79
C ASP C 47 -3.54 15.05 -4.87
N TYR C 48 -3.89 14.80 -6.13
CA TYR C 48 -2.88 14.61 -7.18
C TYR C 48 -2.11 15.90 -7.56
N PRO C 49 -2.83 17.04 -7.71
CA PRO C 49 -2.03 18.24 -7.97
C PRO C 49 -0.95 18.50 -6.92
N ASP C 50 -1.23 18.17 -5.66
CA ASP C 50 -0.25 18.35 -4.61
C ASP C 50 0.90 17.37 -4.77
N PHE C 51 0.55 16.10 -4.98
CA PHE C 51 1.55 15.06 -5.19
C PHE C 51 2.47 15.40 -6.36
N TYR C 52 1.87 15.77 -7.48
CA TYR C 52 2.57 16.04 -8.74
C TYR C 52 3.54 17.20 -8.61
N PHE C 53 3.05 18.34 -8.14
CA PHE C 53 3.88 19.52 -8.07
C PHE C 53 4.95 19.40 -6.97
N ARG C 54 4.74 18.46 -6.04
CA ARG C 54 5.71 18.29 -4.99
C ARG C 54 6.86 17.39 -5.45
N VAL C 55 6.54 16.23 -6.01
CA VAL C 55 7.56 15.26 -6.39
C VAL C 55 8.39 15.76 -7.58
N THR C 56 7.89 16.79 -8.25
CA THR C 56 8.59 17.33 -9.41
C THR C 56 9.35 18.61 -9.04
N ASP C 57 9.42 18.88 -7.73
CA ASP C 57 10.13 20.05 -7.21
C ASP C 57 9.55 21.35 -7.83
N CYS C 58 8.22 21.42 -7.93
CA CYS C 58 7.58 22.54 -8.61
C CYS C 58 6.52 23.25 -7.78
N GLU C 59 6.66 23.19 -6.45
CA GLU C 59 5.66 23.77 -5.57
C GLU C 59 5.57 25.30 -5.66
N HIS C 60 6.62 25.92 -6.21
CA HIS C 60 6.63 27.35 -6.44
C HIS C 60 5.84 27.76 -7.69
N LYS C 61 5.62 26.80 -8.60
CA LYS C 61 4.94 27.07 -9.86
C LYS C 61 3.42 27.21 -9.63
N THR C 62 2.99 28.19 -8.85
CA THR C 62 1.59 28.23 -8.40
C THR C 62 0.53 28.61 -9.44
N GLU C 63 0.82 29.50 -10.37
CA GLU C 63 -0.16 29.82 -11.42
C GLU C 63 -0.45 28.53 -12.20
N LEU C 64 0.64 27.84 -12.56
CA LEU C 64 0.57 26.58 -13.29
C LEU C 64 -0.15 25.52 -12.46
N LYS C 65 0.10 25.53 -11.15
CA LYS C 65 -0.53 24.56 -10.28
C LYS C 65 -2.04 24.79 -10.19
N ASP C 66 -2.46 26.06 -10.12
CA ASP C 66 -3.89 26.37 -10.15
C ASP C 66 -4.47 25.89 -11.46
N LYS C 67 -3.74 26.10 -12.54
CA LYS C 67 -4.19 25.70 -13.87
C LYS C 67 -4.45 24.19 -13.91
N PHE C 68 -3.52 23.43 -13.33
CA PHE C 68 -3.65 21.96 -13.27
C PHE C 68 -4.77 21.49 -12.33
N LYS C 69 -4.97 22.21 -11.22
CA LYS C 69 -6.07 21.92 -10.27
C LYS C 69 -7.40 22.15 -10.96
N ARG C 70 -7.43 23.19 -11.78
CA ARG C 70 -8.58 23.58 -12.57
C ARG C 70 -8.88 22.45 -13.53
N ILE C 71 -7.83 21.91 -14.16
CA ILE C 71 -8.03 20.81 -15.10
C ILE C 71 -8.51 19.54 -14.40
N CYS C 72 -7.96 19.28 -13.22
CA CYS C 72 -8.33 18.08 -12.48
C CYS C 72 -9.75 18.15 -11.96
N ASP C 73 -10.16 19.35 -11.52
CA ASP C 73 -11.49 19.53 -10.93
C ASP C 73 -12.53 19.21 -11.97
N ARG C 74 -12.21 19.50 -13.23
CA ARG C 74 -13.16 19.29 -14.30
C ARG C 74 -13.07 17.92 -14.99
N SER C 75 -12.19 17.05 -14.49
CA SER C 75 -11.83 15.84 -15.24
C SER C 75 -12.84 14.68 -15.17
N ALA C 76 -13.74 14.69 -14.19
CA ALA C 76 -14.61 13.54 -13.91
C ALA C 76 -13.78 12.27 -13.71
N VAL C 77 -12.54 12.44 -13.25
CA VAL C 77 -11.72 11.30 -12.84
C VAL C 77 -11.57 11.33 -11.32
N LYS C 78 -11.98 10.26 -10.64
CA LYS C 78 -11.94 10.32 -9.19
C LYS C 78 -10.66 9.68 -8.71
N LYS C 79 -10.20 8.68 -9.44
CA LYS C 79 -8.93 8.01 -9.08
C LYS C 79 -8.30 7.24 -10.23
N ARG C 80 -6.99 7.07 -10.14
CA ARG C 80 -6.26 6.36 -11.16
C ARG C 80 -5.21 5.46 -10.53
N TYR C 81 -4.81 4.40 -11.22
CA TYR C 81 -3.75 3.53 -10.73
C TYR C 81 -2.52 3.75 -11.61
N LEU C 82 -1.43 4.19 -10.99
CA LEU C 82 -0.25 4.64 -11.71
C LEU C 82 0.99 3.84 -11.29
N HIS C 83 1.86 3.51 -12.25
CA HIS C 83 3.14 2.88 -11.91
C HIS C 83 4.18 3.90 -11.45
N VAL C 84 4.03 5.15 -11.87
CA VAL C 84 5.00 6.17 -11.48
C VAL C 84 4.72 6.67 -10.07
N THR C 85 5.38 6.03 -9.10
CA THR C 85 5.20 6.36 -7.69
C THR C 85 6.35 7.25 -7.29
N GLU C 86 6.34 7.74 -6.06
CA GLU C 86 7.39 8.62 -5.55
C GLU C 86 8.72 7.87 -5.46
N GLU C 87 8.62 6.60 -5.08
CA GLU C 87 9.77 5.71 -4.99
C GLU C 87 10.44 5.61 -6.36
N VAL C 88 9.62 5.38 -7.38
CA VAL C 88 10.11 5.30 -8.76
C VAL C 88 10.81 6.59 -9.17
N LEU C 89 10.21 7.73 -8.81
CA LEU C 89 10.79 9.03 -9.14
C LEU C 89 12.10 9.32 -8.36
N LYS C 90 12.20 8.79 -7.14
CA LYS C 90 13.41 8.89 -6.35
C LYS C 90 14.49 8.08 -7.05
N GLU C 91 14.11 6.88 -7.48
CA GLU C 91 15.06 5.97 -8.15
C GLU C 91 15.45 6.43 -9.56
N ASN C 92 14.56 7.16 -10.23
CA ASN C 92 14.80 7.63 -11.58
C ASN C 92 14.54 9.12 -11.66
N PRO C 93 15.42 9.93 -11.05
CA PRO C 93 15.18 11.37 -10.97
C PRO C 93 15.21 12.06 -12.33
N SER C 94 15.79 11.43 -13.35
CA SER C 94 15.85 12.07 -14.68
C SER C 94 14.45 12.37 -15.18
N MET C 95 13.48 11.58 -14.72
CA MET C 95 12.07 11.75 -15.10
C MET C 95 11.44 13.05 -14.59
N ARG C 96 12.01 13.67 -13.57
CA ARG C 96 11.38 14.86 -12.98
C ARG C 96 12.12 16.13 -13.42
N SER C 97 13.16 15.97 -14.22
CA SER C 97 13.83 17.14 -14.78
C SER C 97 13.50 17.21 -16.26
N TYR C 98 12.76 18.26 -16.64
CA TYR C 98 12.27 18.37 -18.01
C TYR C 98 13.36 18.36 -19.07
N ASN C 99 13.13 17.54 -20.10
CA ASN C 99 14.03 17.37 -21.24
C ASN C 99 15.36 16.68 -20.94
N ALA C 100 15.55 16.24 -19.71
CA ALA C 100 16.72 15.42 -19.36
C ALA C 100 16.54 14.03 -19.96
N PRO C 101 17.65 13.42 -20.39
CA PRO C 101 17.61 12.04 -20.89
C PRO C 101 17.10 11.05 -19.83
N SER C 102 15.94 10.48 -20.10
CA SER C 102 15.27 9.60 -19.14
C SER C 102 14.73 8.39 -19.86
N LEU C 103 14.96 8.34 -21.18
CA LEU C 103 14.38 7.27 -21.99
C LEU C 103 14.80 5.88 -21.54
N ASP C 104 16.10 5.67 -21.28
CA ASP C 104 16.60 4.34 -20.86
C ASP C 104 15.94 3.90 -19.57
N ALA C 105 15.76 4.86 -18.67
CA ALA C 105 15.11 4.57 -17.40
C ALA C 105 13.66 4.14 -17.61
N ARG C 106 12.94 4.97 -18.37
CA ARG C 106 11.54 4.70 -18.67
C ARG C 106 11.35 3.36 -19.38
N GLN C 107 12.24 3.06 -20.33
CA GLN C 107 12.21 1.81 -21.08
C GLN C 107 12.44 0.64 -20.14
N ALA C 108 13.36 0.81 -19.19
CA ALA C 108 13.61 -0.25 -18.20
C ALA C 108 12.37 -0.53 -17.35
N LEU C 109 11.66 0.54 -16.93
CA LEU C 109 10.43 0.34 -16.17
C LEU C 109 9.37 -0.37 -17.05
N LEU C 110 9.26 0.06 -18.30
CA LEU C 110 8.27 -0.45 -19.26
C LEU C 110 8.47 -1.92 -19.67
N ILE C 111 9.73 -2.32 -19.92
CA ILE C 111 10.02 -3.67 -20.42
C ILE C 111 9.59 -4.70 -19.40
N GLU C 112 9.64 -4.29 -18.14
CA GLU C 112 9.23 -5.15 -17.04
C GLU C 112 7.72 -5.03 -16.78
N GLN C 113 7.24 -3.80 -16.64
CA GLN C 113 5.86 -3.56 -16.21
C GLN C 113 4.81 -3.88 -17.26
N VAL C 114 5.11 -3.58 -18.51
CA VAL C 114 4.11 -3.76 -19.56
C VAL C 114 3.62 -5.22 -19.67
N PRO C 115 4.54 -6.19 -19.81
CA PRO C 115 4.01 -7.57 -19.89
C PRO C 115 3.48 -8.13 -18.56
N LYS C 116 3.96 -7.62 -17.43
CA LYS C 116 3.52 -8.15 -16.14
C LYS C 116 2.04 -7.82 -15.90
N LEU C 117 1.66 -6.55 -16.09
CA LEU C 117 0.27 -6.10 -15.97
C LEU C 117 -0.66 -6.80 -16.96
N GLY C 118 -0.14 -7.10 -18.15
CA GLY C 118 -0.90 -7.83 -19.16
C GLY C 118 -1.13 -9.27 -18.77
N LYS C 119 -0.14 -9.85 -18.08
CA LYS C 119 -0.23 -11.22 -17.55
C LYS C 119 -1.34 -11.26 -16.53
N GLU C 120 -1.37 -10.23 -15.68
CA GLU C 120 -2.41 -10.09 -14.66
C GLU C 120 -3.78 -10.00 -15.33
N ALA C 121 -3.88 -9.20 -16.39
CA ALA C 121 -5.16 -9.09 -17.10
C ALA C 121 -5.54 -10.38 -17.82
N ALA C 122 -4.55 -11.03 -18.41
CA ALA C 122 -4.80 -12.24 -19.18
C ALA C 122 -5.27 -13.38 -18.29
N ALA C 123 -4.65 -13.49 -17.13
CA ALA C 123 -4.96 -14.57 -16.21
C ALA C 123 -6.40 -14.50 -15.72
N LYS C 124 -6.87 -13.29 -15.40
CA LYS C 124 -8.26 -13.11 -14.99
C LYS C 124 -9.20 -13.50 -16.10
N ALA C 125 -8.78 -13.22 -17.34
CA ALA C 125 -9.60 -13.55 -18.48
C ALA C 125 -9.62 -15.05 -18.70
N ILE C 126 -8.44 -15.66 -18.59
CA ILE C 126 -8.28 -17.09 -18.85
C ILE C 126 -9.03 -17.91 -17.79
N LYS C 127 -9.09 -17.37 -16.57
CA LYS C 127 -9.83 -17.99 -15.50
C LYS C 127 -11.32 -18.06 -15.81
N GLU C 128 -11.90 -16.93 -16.22
CA GLU C 128 -13.29 -16.86 -16.60
C GLU C 128 -13.54 -17.77 -17.79
N TRP C 129 -12.62 -17.72 -18.73
CA TRP C 129 -12.75 -18.46 -19.96
C TRP C 129 -12.83 -19.94 -19.65
N GLY C 130 -11.93 -20.40 -18.79
CA GLY C 130 -12.06 -21.73 -18.25
C GLY C 130 -11.31 -22.76 -19.06
N GLN C 131 -10.95 -22.42 -20.27
CA GLN C 131 -10.32 -23.44 -21.11
C GLN C 131 -8.82 -23.62 -20.79
N PRO C 132 -8.24 -24.75 -21.21
CA PRO C 132 -6.79 -24.91 -21.04
C PRO C 132 -6.00 -23.92 -21.90
N LEU C 133 -4.85 -23.49 -21.40
CA LEU C 133 -4.00 -22.55 -22.11
C LEU C 133 -3.68 -23.07 -23.49
N SER C 134 -3.61 -24.39 -23.61
CA SER C 134 -3.22 -25.03 -24.86
C SER C 134 -4.17 -24.69 -26.01
N LYS C 135 -5.33 -24.12 -25.69
CA LYS C 135 -6.33 -23.82 -26.72
C LYS C 135 -6.19 -22.43 -27.33
N ILE C 136 -5.33 -21.61 -26.74
CA ILE C 136 -5.00 -20.31 -27.31
C ILE C 136 -4.05 -20.50 -28.49
N THR C 137 -4.48 -20.04 -29.66
CA THR C 137 -3.70 -20.23 -30.88
C THR C 137 -3.04 -18.92 -31.29
N HIS C 138 -3.64 -17.81 -30.82
CA HIS C 138 -3.28 -16.46 -31.25
C HIS C 138 -3.10 -15.51 -30.06
N LEU C 139 -2.03 -14.72 -30.13
CA LEU C 139 -1.83 -13.60 -29.20
C LEU C 139 -1.70 -12.27 -29.95
N VAL C 140 -2.55 -11.30 -29.60
CA VAL C 140 -2.35 -9.95 -30.11
C VAL C 140 -2.13 -9.05 -28.91
N PHE C 141 -0.91 -8.51 -28.80
CA PHE C 141 -0.52 -7.66 -27.68
C PHE C 141 -0.34 -6.24 -28.19
N SER C 142 -1.14 -5.33 -27.68
CA SER C 142 -1.00 -3.92 -28.01
C SER C 142 -0.51 -3.19 -26.76
N ALA C 143 0.51 -2.34 -26.91
CA ALA C 143 1.03 -1.58 -25.79
C ALA C 143 1.24 -0.10 -26.16
N MET C 144 0.78 0.82 -25.31
CA MET C 144 0.98 2.26 -25.55
C MET C 144 2.46 2.57 -25.78
N ALA C 145 3.32 1.94 -24.96
CA ALA C 145 4.77 2.22 -24.99
C ALA C 145 5.56 1.05 -24.45
N GLY C 146 6.87 1.05 -24.75
CA GLY C 146 7.77 0.04 -24.26
C GLY C 146 8.43 -0.79 -25.35
N VAL C 147 8.60 -0.20 -26.54
CA VAL C 147 9.19 -0.92 -27.68
C VAL C 147 10.48 -1.67 -27.31
N ASP C 148 10.49 -2.96 -27.55
CA ASP C 148 11.65 -3.79 -27.30
C ASP C 148 11.58 -5.07 -28.14
N ILE C 149 12.75 -5.61 -28.51
CA ILE C 149 12.80 -6.84 -29.32
C ILE C 149 13.60 -7.93 -28.60
N PRO C 150 12.96 -9.10 -28.34
CA PRO C 150 11.53 -9.37 -28.56
C PRO C 150 10.67 -8.59 -27.57
N GLY C 151 9.38 -8.48 -27.85
CA GLY C 151 8.52 -7.55 -27.14
C GLY C 151 7.67 -8.10 -26.00
N ALA C 152 6.64 -7.34 -25.64
CA ALA C 152 5.80 -7.73 -24.53
C ALA C 152 5.03 -9.02 -24.89
N ASP C 153 4.84 -9.28 -26.18
CA ASP C 153 4.07 -10.44 -26.60
C ASP C 153 4.75 -11.78 -26.25
N LEU C 154 6.03 -11.89 -26.59
CA LEU C 154 6.80 -13.10 -26.27
C LEU C 154 6.92 -13.29 -24.78
N ARG C 155 7.23 -12.19 -24.09
CA ARG C 155 7.33 -12.22 -22.65
C ARG C 155 6.02 -12.72 -22.05
N LEU C 156 4.88 -12.25 -22.59
CA LEU C 156 3.57 -12.71 -22.09
C LEU C 156 3.44 -14.21 -22.31
N MET C 157 3.88 -14.69 -23.47
CA MET C 157 3.89 -16.13 -23.72
C MET C 157 4.70 -16.89 -22.68
N ASN C 158 5.83 -16.32 -22.27
CA ASN C 158 6.65 -16.97 -21.25
C ASN C 158 5.99 -16.95 -19.86
N LEU C 159 5.42 -15.81 -19.50
CA LEU C 159 4.73 -15.64 -18.22
C LEU C 159 3.49 -16.51 -18.07
N LEU C 160 2.81 -16.81 -19.17
CA LEU C 160 1.57 -17.59 -19.13
C LEU C 160 1.85 -19.06 -19.41
N GLY C 161 2.96 -19.35 -20.06
CA GLY C 161 3.24 -20.71 -20.46
C GLY C 161 2.37 -21.08 -21.65
N LEU C 162 2.23 -20.15 -22.59
CA LEU C 162 1.50 -20.43 -23.82
C LEU C 162 2.35 -21.35 -24.72
N GLU C 163 1.69 -22.03 -25.65
CA GLU C 163 2.37 -22.87 -26.64
C GLU C 163 3.35 -22.06 -27.50
N PRO C 164 4.55 -22.63 -27.75
CA PRO C 164 5.55 -21.93 -28.58
C PRO C 164 5.04 -21.70 -30.00
N SER C 165 3.97 -22.41 -30.35
CA SER C 165 3.41 -22.33 -31.67
C SER C 165 2.21 -21.37 -31.76
N VAL C 166 1.96 -20.60 -30.71
CA VAL C 166 0.93 -19.56 -30.78
C VAL C 166 1.38 -18.42 -31.70
N LYS C 167 0.51 -18.04 -32.64
CA LYS C 167 0.83 -16.98 -33.59
C LYS C 167 0.79 -15.69 -32.83
N ARG C 168 1.98 -15.12 -32.56
CA ARG C 168 2.05 -13.90 -31.80
C ARG C 168 2.09 -12.69 -32.72
N LEU C 169 1.55 -11.59 -32.21
CA LEU C 169 1.54 -10.32 -32.92
C LEU C 169 1.66 -9.17 -31.92
N MET C 170 2.71 -8.36 -32.07
CA MET C 170 3.02 -7.22 -31.20
C MET C 170 2.74 -5.89 -31.87
N ILE C 171 1.99 -5.03 -31.18
CA ILE C 171 1.63 -3.71 -31.69
C ILE C 171 1.96 -2.59 -30.67
N TYR C 172 3.12 -1.95 -30.85
CA TYR C 172 3.56 -0.87 -29.99
C TYR C 172 3.09 0.46 -30.55
N SER C 173 2.45 1.28 -29.70
CA SER C 173 2.22 2.69 -30.03
C SER C 173 1.42 2.90 -31.31
N GLN C 174 0.33 2.15 -31.50
CA GLN C 174 -0.52 2.33 -32.69
C GLN C 174 -1.40 3.58 -32.55
N GLY C 175 -1.78 3.90 -31.31
CA GLY C 175 -2.76 4.94 -31.05
C GLY C 175 -3.96 4.26 -30.42
N CYS C 176 -4.72 5.01 -29.63
CA CYS C 176 -5.79 4.44 -28.82
C CYS C 176 -6.75 3.55 -29.61
N PHE C 177 -7.08 3.98 -30.83
CA PHE C 177 -8.05 3.27 -31.64
C PHE C 177 -7.72 1.78 -31.81
N ILE C 178 -6.49 1.38 -31.46
CA ILE C 178 -6.11 -0.02 -31.48
C ILE C 178 -7.14 -0.88 -30.74
N GLY C 179 -7.78 -0.31 -29.71
CA GLY C 179 -8.84 -1.00 -28.97
C GLY C 179 -9.89 -1.65 -29.85
N GLY C 180 -10.27 -0.95 -30.93
CA GLY C 180 -11.21 -1.53 -31.87
C GLY C 180 -10.48 -2.32 -32.94
N ALA C 181 -9.37 -1.76 -33.41
CA ALA C 181 -8.66 -2.34 -34.55
C ALA C 181 -8.23 -3.75 -34.23
N ALA C 182 -7.62 -3.91 -33.05
CA ALA C 182 -7.14 -5.21 -32.60
C ALA C 182 -8.30 -6.20 -32.59
N ILE C 183 -9.47 -5.74 -32.14
CA ILE C 183 -10.63 -6.66 -32.09
C ILE C 183 -11.05 -7.09 -33.50
N ARG C 184 -11.00 -6.17 -34.47
CA ARG C 184 -11.38 -6.55 -35.83
C ARG C 184 -10.43 -7.63 -36.26
N CYS C 185 -9.15 -7.45 -35.92
CA CYS C 185 -8.15 -8.39 -36.35
C CYS C 185 -8.45 -9.74 -35.72
N ALA C 186 -8.83 -9.72 -34.45
CA ALA C 186 -9.16 -10.95 -33.75
C ALA C 186 -10.34 -11.61 -34.44
N LYS C 187 -11.32 -10.79 -34.81
CA LYS C 187 -12.49 -11.28 -35.51
C LYS C 187 -12.07 -12.04 -36.75
N ASP C 188 -11.19 -11.44 -37.56
CA ASP C 188 -10.81 -12.09 -38.79
C ASP C 188 -10.02 -13.34 -38.47
N PHE C 189 -9.20 -13.26 -37.42
CA PHE C 189 -8.37 -14.40 -37.07
C PHE C 189 -9.32 -15.54 -36.66
N ALA C 190 -10.38 -15.20 -35.92
CA ALA C 190 -11.24 -16.23 -35.33
C ALA C 190 -12.10 -16.90 -36.38
N GLU C 191 -12.64 -16.10 -37.29
CA GLU C 191 -13.62 -16.56 -38.27
C GLU C 191 -12.95 -17.26 -39.45
N ASN C 192 -11.67 -16.96 -39.70
CA ASN C 192 -10.99 -17.63 -40.82
C ASN C 192 -10.17 -18.83 -40.36
N ASN C 193 -10.18 -19.09 -39.06
CA ASN C 193 -9.46 -20.22 -38.50
C ASN C 193 -10.35 -20.94 -37.50
N ALA C 194 -10.98 -22.01 -37.99
CA ALA C 194 -11.86 -22.84 -37.18
C ALA C 194 -11.12 -23.31 -35.95
N GLY C 195 -11.73 -23.08 -34.78
CA GLY C 195 -11.17 -23.52 -33.51
C GLY C 195 -10.24 -22.56 -32.81
N ALA C 196 -9.82 -21.51 -33.52
CA ALA C 196 -8.84 -20.55 -32.99
C ALA C 196 -9.39 -19.77 -31.83
N ARG C 197 -8.56 -19.60 -30.83
CA ARG C 197 -8.88 -18.76 -29.69
C ARG C 197 -7.80 -17.70 -29.60
N VAL C 198 -8.24 -16.46 -29.70
CA VAL C 198 -7.37 -15.31 -29.77
C VAL C 198 -7.37 -14.60 -28.43
N LEU C 199 -6.19 -14.58 -27.79
CA LEU C 199 -5.98 -13.74 -26.63
C LEU C 199 -5.56 -12.37 -27.16
N VAL C 200 -6.35 -11.34 -26.86
CA VAL C 200 -6.00 -9.99 -27.23
C VAL C 200 -5.74 -9.25 -25.95
N VAL C 201 -4.54 -8.67 -25.81
CA VAL C 201 -4.13 -8.01 -24.58
C VAL C 201 -3.65 -6.59 -24.83
N PHE C 202 -4.22 -5.64 -24.12
CA PHE C 202 -3.82 -4.22 -24.14
C PHE C 202 -3.18 -3.87 -22.80
N SER C 203 -1.90 -3.49 -22.78
CA SER C 203 -1.25 -3.05 -21.54
C SER C 203 -0.72 -1.64 -21.77
N ASP C 204 -1.41 -0.67 -21.17
CA ASP C 204 -1.12 0.72 -21.43
C ASP C 204 -0.58 1.40 -20.16
N ILE C 205 0.71 1.70 -20.18
CA ILE C 205 1.37 2.30 -19.03
C ILE C 205 1.88 3.66 -19.47
N MET C 206 1.55 4.69 -18.71
CA MET C 206 1.67 6.04 -19.23
C MET C 206 2.91 6.75 -18.75
N ASN C 207 3.92 6.02 -18.31
CA ASN C 207 5.05 6.70 -17.67
C ASN C 207 5.84 7.58 -18.62
N MET C 208 5.74 7.28 -19.92
CA MET C 208 6.47 8.04 -20.91
C MET C 208 5.82 9.43 -21.04
N TYR C 209 4.59 9.56 -20.54
CA TYR C 209 3.92 10.85 -20.61
C TYR C 209 4.11 11.68 -19.36
N PHE C 210 4.72 11.10 -18.33
CA PHE C 210 5.07 11.87 -17.12
C PHE C 210 6.28 12.76 -17.38
N HIS C 211 6.11 14.06 -17.13
CA HIS C 211 7.20 15.02 -17.15
C HIS C 211 6.98 16.08 -16.09
N GLU C 212 8.03 16.83 -15.79
CA GLU C 212 7.93 17.99 -14.93
C GLU C 212 6.97 18.99 -15.58
N PRO C 213 6.02 19.55 -14.80
CA PRO C 213 5.07 20.53 -15.35
C PRO C 213 5.77 21.78 -15.87
N GLN C 214 5.36 22.24 -17.06
CA GLN C 214 6.04 23.33 -17.78
C GLN C 214 5.02 24.30 -18.37
N GLU C 215 5.33 25.58 -18.23
CA GLU C 215 4.49 26.68 -18.69
C GLU C 215 4.30 26.73 -20.21
N ALA C 216 5.31 26.27 -20.93
CA ALA C 216 5.27 26.33 -22.39
C ALA C 216 4.57 25.14 -22.99
N HIS C 217 4.29 24.16 -22.14
CA HIS C 217 3.72 22.89 -22.60
C HIS C 217 2.50 22.50 -21.77
N LEU C 218 1.34 23.05 -22.12
CA LEU C 218 0.16 22.84 -21.31
C LEU C 218 -0.60 21.54 -21.64
N ASP C 219 -0.32 20.94 -22.81
CA ASP C 219 -0.99 19.69 -23.19
C ASP C 219 -0.63 18.56 -22.24
N ILE C 220 0.63 18.52 -21.83
CA ILE C 220 1.05 17.45 -20.93
C ILE C 220 0.30 17.55 -19.60
N LEU C 221 -0.15 18.75 -19.23
CA LEU C 221 -1.02 18.94 -18.06
C LEU C 221 -2.38 18.23 -18.24
N VAL C 222 -2.96 18.35 -19.42
CA VAL C 222 -4.19 17.62 -19.74
C VAL C 222 -3.95 16.11 -19.55
N GLY C 223 -2.89 15.62 -20.22
CA GLY C 223 -2.51 14.21 -20.13
C GLY C 223 -2.24 13.72 -18.72
N GLN C 224 -1.57 14.57 -17.95
CA GLN C 224 -1.20 14.26 -16.57
C GLN C 224 -2.42 14.28 -15.66
N ALA C 225 -3.48 14.94 -16.14
CA ALA C 225 -4.74 14.95 -15.42
C ALA C 225 -5.55 13.68 -15.70
N VAL C 226 -5.45 13.12 -16.91
CA VAL C 226 -6.35 11.99 -17.23
C VAL C 226 -5.73 10.59 -17.40
N PHE C 227 -4.45 10.51 -17.74
CA PHE C 227 -3.85 9.20 -18.04
C PHE C 227 -3.78 8.26 -16.82
N GLY C 228 -4.29 7.03 -16.96
CA GLY C 228 -4.18 6.03 -15.91
C GLY C 228 -3.62 4.73 -16.47
N ASP C 229 -2.99 3.91 -15.63
CA ASP C 229 -2.38 2.68 -16.14
C ASP C 229 -3.36 1.52 -16.01
N GLY C 230 -3.35 0.61 -17.00
CA GLY C 230 -4.30 -0.48 -16.99
C GLY C 230 -4.04 -1.52 -18.06
N ALA C 231 -4.57 -2.72 -17.84
CA ALA C 231 -4.46 -3.78 -18.83
C ALA C 231 -5.79 -4.47 -18.99
N ALA C 232 -6.09 -4.85 -20.24
CA ALA C 232 -7.30 -5.55 -20.55
C ALA C 232 -6.96 -6.75 -21.38
N ALA C 233 -7.61 -7.85 -21.07
CA ALA C 233 -7.46 -9.06 -21.82
C ALA C 233 -8.86 -9.50 -22.27
N VAL C 234 -8.97 -9.88 -23.53
CA VAL C 234 -10.27 -10.25 -24.08
C VAL C 234 -10.12 -11.46 -24.97
N ILE C 235 -10.74 -12.58 -24.59
CA ILE C 235 -10.61 -13.79 -25.38
C ILE C 235 -11.68 -13.83 -26.47
N VAL C 236 -11.24 -14.09 -27.69
CA VAL C 236 -12.09 -14.00 -28.88
C VAL C 236 -12.08 -15.34 -29.63
N GLY C 237 -13.25 -15.81 -30.03
CA GLY C 237 -13.33 -17.09 -30.70
C GLY C 237 -14.63 -17.24 -31.44
N ALA C 238 -14.60 -18.05 -32.50
CA ALA C 238 -15.83 -18.38 -33.22
C ALA C 238 -16.24 -19.82 -32.89
N ASP C 239 -17.54 -20.09 -32.99
CA ASP C 239 -18.12 -21.41 -32.72
C ASP C 239 -17.73 -21.98 -31.34
N PRO C 240 -18.21 -21.35 -30.26
CA PRO C 240 -17.88 -21.83 -28.90
C PRO C 240 -18.60 -23.12 -28.56
N GLU C 241 -17.95 -24.02 -27.81
CA GLU C 241 -18.62 -25.21 -27.29
C GLU C 241 -19.77 -24.80 -26.36
N VAL C 242 -21.00 -25.05 -26.82
CA VAL C 242 -22.24 -24.50 -26.23
C VAL C 242 -22.38 -24.68 -24.71
N SER C 243 -21.80 -25.74 -24.20
CA SER C 243 -21.85 -26.02 -22.78
C SER C 243 -20.91 -25.08 -22.04
N ILE C 244 -19.60 -25.28 -22.22
CA ILE C 244 -18.59 -24.69 -21.34
C ILE C 244 -18.13 -23.25 -21.67
N GLU C 245 -17.87 -22.94 -22.93
CA GLU C 245 -17.54 -21.57 -23.30
C GLU C 245 -18.84 -20.79 -23.38
N ARG C 246 -18.86 -19.59 -22.80
CA ARG C 246 -20.08 -18.78 -22.87
C ARG C 246 -19.80 -17.35 -23.33
N PRO C 247 -20.14 -17.07 -24.60
CA PRO C 247 -19.96 -15.76 -25.23
C PRO C 247 -20.63 -14.63 -24.48
N LEU C 248 -19.95 -13.49 -24.36
CA LEU C 248 -20.47 -12.31 -23.69
C LEU C 248 -21.09 -11.33 -24.69
N PHE C 249 -20.35 -11.06 -25.76
CA PHE C 249 -20.77 -10.18 -26.85
C PHE C 249 -20.34 -10.81 -28.17
N HIS C 250 -21.11 -10.61 -29.25
CA HIS C 250 -20.71 -11.04 -30.59
C HIS C 250 -20.17 -9.87 -31.40
N VAL C 251 -19.03 -10.05 -32.04
CA VAL C 251 -18.42 -9.00 -32.84
C VAL C 251 -18.97 -9.06 -34.27
N VAL C 252 -19.90 -8.15 -34.55
CA VAL C 252 -20.70 -8.25 -35.78
C VAL C 252 -19.99 -7.63 -36.96
N SER C 253 -19.67 -6.34 -36.86
CA SER C 253 -18.83 -5.74 -37.91
C SER C 253 -18.06 -4.51 -37.44
N SER C 254 -16.96 -4.19 -38.11
CA SER C 254 -16.14 -3.09 -37.64
C SER C 254 -15.60 -2.23 -38.80
N THR C 255 -15.63 -0.92 -38.60
CA THR C 255 -15.12 -0.02 -39.63
C THR C 255 -14.07 0.94 -39.04
N GLN C 256 -13.25 1.52 -39.90
CA GLN C 256 -12.19 2.42 -39.45
C GLN C 256 -12.15 3.66 -40.33
N MET C 257 -12.09 4.81 -39.69
CA MET C 257 -12.03 6.08 -40.40
C MET C 257 -10.96 6.97 -39.81
N SER C 258 -10.08 7.46 -40.67
CA SER C 258 -9.05 8.42 -40.28
C SER C 258 -9.46 9.78 -40.84
N VAL C 259 -9.98 10.65 -39.98
CA VAL C 259 -10.50 11.96 -40.39
C VAL C 259 -9.46 12.86 -41.06
N PRO C 260 -9.74 13.29 -42.29
CA PRO C 260 -8.81 14.08 -43.11
C PRO C 260 -8.35 15.37 -42.44
N ASP C 261 -7.07 15.71 -42.63
CA ASP C 261 -6.49 16.95 -42.12
C ASP C 261 -6.52 17.05 -40.59
N THR C 262 -6.43 15.90 -39.93
CA THR C 262 -6.39 15.87 -38.48
C THR C 262 -5.10 15.18 -38.02
N ASN C 263 -4.16 15.01 -38.96
CA ASN C 263 -2.86 14.36 -38.69
C ASN C 263 -2.17 14.88 -37.45
N LYS C 264 -2.40 16.15 -37.13
CA LYS C 264 -1.68 16.80 -36.06
C LYS C 264 -2.48 17.02 -34.80
N PHE C 265 -3.72 16.54 -34.79
CA PHE C 265 -4.58 16.76 -33.62
C PHE C 265 -4.01 16.05 -32.37
N ILE C 266 -3.52 14.83 -32.52
CA ILE C 266 -2.82 14.19 -31.42
C ILE C 266 -1.49 13.63 -31.96
N ARG C 267 -0.38 14.04 -31.35
CA ARG C 267 0.91 13.45 -31.71
C ARG C 267 1.65 13.00 -30.46
N ALA C 268 2.50 11.99 -30.63
CA ALA C 268 3.37 11.55 -29.56
C ALA C 268 4.67 11.10 -30.18
N HIS C 269 5.74 11.79 -29.82
CA HIS C 269 7.05 11.50 -30.39
C HIS C 269 7.89 10.77 -29.36
N VAL C 270 8.54 9.71 -29.79
CA VAL C 270 9.46 8.96 -28.92
C VAL C 270 10.80 9.68 -28.93
N LYS C 271 11.19 10.20 -27.78
CA LYS C 271 12.43 10.98 -27.73
C LYS C 271 13.28 10.63 -26.53
N GLU C 272 14.42 11.30 -26.43
CA GLU C 272 15.39 11.02 -25.38
C GLU C 272 14.88 11.48 -24.02
N MET C 273 13.92 12.41 -24.02
CA MET C 273 13.34 12.91 -22.78
C MET C 273 12.12 12.08 -22.38
N GLY C 274 11.78 11.13 -23.24
CA GLY C 274 10.59 10.31 -23.05
C GLY C 274 9.64 10.62 -24.18
N MET C 275 8.35 10.64 -23.87
CA MET C 275 7.39 10.92 -24.92
C MET C 275 6.88 12.35 -24.93
N GLU C 276 6.99 12.95 -26.11
CA GLU C 276 6.61 14.32 -26.33
C GLU C 276 5.19 14.34 -26.90
N LEU C 277 4.25 14.95 -26.16
CA LEU C 277 2.82 14.84 -26.44
C LEU C 277 2.19 16.15 -26.93
N TYR C 278 1.36 16.07 -27.97
CA TYR C 278 0.50 17.17 -28.37
C TYR C 278 -0.94 16.67 -28.38
N LEU C 279 -1.82 17.37 -27.66
CA LEU C 279 -3.21 16.92 -27.51
C LEU C 279 -4.15 18.11 -27.74
N SER C 280 -4.72 18.16 -28.93
CA SER C 280 -5.53 19.29 -29.38
C SER C 280 -6.84 19.46 -28.60
N LYS C 281 -7.21 20.73 -28.38
CA LYS C 281 -8.45 21.08 -27.69
C LYS C 281 -9.67 20.76 -28.57
N ASP C 282 -9.42 20.59 -29.87
CA ASP C 282 -10.50 20.45 -30.85
C ASP C 282 -10.89 19.00 -31.09
N VAL C 283 -10.23 18.10 -30.37
CA VAL C 283 -10.50 16.68 -30.47
C VAL C 283 -11.96 16.33 -30.15
N PRO C 284 -12.48 16.79 -29.00
CA PRO C 284 -13.86 16.38 -28.78
C PRO C 284 -14.88 16.97 -29.77
N ALA C 285 -14.76 18.24 -30.15
CA ALA C 285 -15.69 18.82 -31.12
C ALA C 285 -15.62 18.08 -32.47
N THR C 286 -14.44 17.64 -32.85
CA THR C 286 -14.26 16.93 -34.12
C THR C 286 -14.91 15.54 -34.05
N VAL C 287 -14.66 14.85 -32.94
CA VAL C 287 -15.30 13.58 -32.68
C VAL C 287 -16.83 13.75 -32.71
N GLY C 288 -17.30 14.83 -32.12
CA GLY C 288 -18.71 15.19 -32.11
C GLY C 288 -19.25 15.37 -33.52
N LYS C 289 -18.49 16.08 -34.36
CA LYS C 289 -18.91 16.30 -35.74
C LYS C 289 -19.00 15.01 -36.53
N ASN C 290 -18.14 14.05 -36.24
CA ASN C 290 -18.07 12.87 -37.09
C ASN C 290 -18.82 11.61 -36.59
N ILE C 291 -19.16 11.60 -35.30
CA ILE C 291 -19.64 10.38 -34.66
C ILE C 291 -20.94 9.80 -35.25
N GLU C 292 -21.92 10.68 -35.50
CA GLU C 292 -23.21 10.30 -36.06
C GLU C 292 -23.02 9.70 -37.44
N LYS C 293 -22.16 10.33 -38.21
CA LYS C 293 -21.91 9.84 -39.55
C LYS C 293 -21.32 8.45 -39.46
N LEU C 294 -20.32 8.30 -38.60
CA LEU C 294 -19.68 7.00 -38.39
C LEU C 294 -20.68 5.91 -38.03
N LEU C 295 -21.55 6.23 -37.08
CA LEU C 295 -22.52 5.27 -36.58
C LEU C 295 -23.49 4.85 -37.69
N VAL C 296 -23.95 5.85 -38.44
CA VAL C 296 -24.85 5.62 -39.58
C VAL C 296 -24.21 4.67 -40.59
N ASP C 297 -22.94 4.88 -40.91
CA ASP C 297 -22.28 3.99 -41.87
C ASP C 297 -22.14 2.58 -41.29
N ALA C 298 -21.84 2.50 -40.00
CA ALA C 298 -21.60 1.19 -39.39
C ALA C 298 -22.86 0.32 -39.30
N VAL C 299 -24.00 0.95 -39.00
CA VAL C 299 -25.23 0.17 -38.79
C VAL C 299 -26.06 -0.01 -40.05
N SER C 300 -25.61 0.58 -41.14
CA SER C 300 -26.33 0.54 -42.41
C SER C 300 -26.74 -0.86 -42.89
N PRO C 301 -25.89 -1.89 -42.66
CA PRO C 301 -26.41 -3.17 -43.16
C PRO C 301 -27.35 -3.86 -42.17
N PHE C 302 -27.70 -3.19 -41.08
CA PHE C 302 -28.43 -3.89 -40.04
C PHE C 302 -29.75 -3.22 -39.69
N GLY C 303 -30.05 -2.10 -40.35
CA GLY C 303 -31.33 -1.46 -40.15
C GLY C 303 -31.51 -0.94 -38.75
N ILE C 304 -30.57 -0.12 -38.32
CA ILE C 304 -30.64 0.51 -37.02
C ILE C 304 -30.67 2.02 -37.25
N SER C 305 -31.54 2.73 -36.54
CA SER C 305 -31.68 4.18 -36.72
C SER C 305 -31.92 4.94 -35.40
N ASP C 306 -32.34 4.23 -34.36
CA ASP C 306 -32.57 4.86 -33.04
C ASP C 306 -31.33 4.72 -32.17
N TRP C 307 -30.61 5.82 -32.00
CA TRP C 307 -29.34 5.75 -31.31
C TRP C 307 -29.50 5.34 -29.84
N ASN C 308 -30.66 5.58 -29.26
CA ASN C 308 -30.88 5.19 -27.87
C ASN C 308 -31.28 3.73 -27.67
N SER C 309 -31.33 2.94 -28.75
CA SER C 309 -31.65 1.53 -28.58
C SER C 309 -30.36 0.69 -28.46
N LEU C 310 -29.23 1.37 -28.33
CA LEU C 310 -27.92 0.71 -28.28
C LEU C 310 -27.24 0.89 -26.92
N PHE C 311 -26.45 -0.11 -26.53
CA PHE C 311 -25.51 0.07 -25.43
C PHE C 311 -24.16 0.56 -25.96
N TYR C 312 -23.45 1.28 -25.11
CA TYR C 312 -22.32 2.03 -25.59
C TYR C 312 -21.05 1.75 -24.79
N SER C 313 -19.97 1.52 -25.54
CA SER C 313 -18.62 1.57 -24.99
C SER C 313 -17.88 2.68 -25.72
N VAL C 314 -17.71 3.81 -25.05
CA VAL C 314 -17.07 4.96 -25.69
C VAL C 314 -15.74 5.21 -25.04
N HIS C 315 -14.68 5.24 -25.86
CA HIS C 315 -13.34 5.54 -25.34
C HIS C 315 -13.30 6.81 -24.50
N PRO C 316 -12.93 6.66 -23.22
CA PRO C 316 -12.93 7.80 -22.30
C PRO C 316 -11.66 8.61 -22.43
N GLY C 317 -11.44 9.20 -23.60
CA GLY C 317 -10.26 9.99 -23.85
C GLY C 317 -10.25 11.16 -22.91
N GLY C 318 -11.45 11.63 -22.54
CA GLY C 318 -11.66 12.70 -21.56
C GLY C 318 -13.14 12.94 -21.33
N ARG C 319 -13.47 13.88 -20.43
CA ARG C 319 -14.86 14.22 -20.15
C ARG C 319 -15.55 14.84 -21.37
N ALA C 320 -14.85 15.77 -22.01
CA ALA C 320 -15.39 16.49 -23.16
C ALA C 320 -15.76 15.57 -24.33
N ILE C 321 -14.93 14.54 -24.56
CA ILE C 321 -15.19 13.60 -25.63
C ILE C 321 -16.52 12.88 -25.40
N LEU C 322 -16.71 12.41 -24.17
CA LEU C 322 -17.95 11.72 -23.81
C LEU C 322 -19.14 12.67 -23.95
N ASP C 323 -18.99 13.89 -23.46
CA ASP C 323 -20.06 14.88 -23.58
C ASP C 323 -20.41 15.11 -25.05
N GLN C 324 -19.41 15.05 -25.92
CA GLN C 324 -19.62 15.34 -27.32
C GLN C 324 -20.35 14.20 -28.02
N VAL C 325 -19.95 12.96 -27.70
CA VAL C 325 -20.60 11.78 -28.26
C VAL C 325 -22.05 11.66 -27.80
N GLU C 326 -22.25 11.90 -26.50
CA GLU C 326 -23.59 11.97 -25.90
C GLU C 326 -24.47 12.99 -26.61
N LEU C 327 -23.93 14.19 -26.78
CA LEU C 327 -24.66 15.27 -27.42
C LEU C 327 -25.04 14.91 -28.85
N ASN C 328 -24.04 14.64 -29.68
CA ASN C 328 -24.24 14.50 -31.12
C ASN C 328 -24.98 13.24 -31.50
N LEU C 329 -25.19 12.37 -30.52
CA LEU C 329 -26.00 11.19 -30.77
C LEU C 329 -27.36 11.38 -30.13
N GLY C 330 -27.52 12.53 -29.47
CA GLY C 330 -28.79 12.83 -28.81
C GLY C 330 -29.15 11.81 -27.75
N LEU C 331 -28.16 11.41 -26.97
CA LEU C 331 -28.31 10.35 -25.97
C LEU C 331 -28.92 10.83 -24.65
N GLY C 332 -29.68 9.94 -24.00
CA GLY C 332 -30.16 10.18 -22.64
C GLY C 332 -28.99 10.12 -21.68
N LYS C 333 -29.09 10.81 -20.55
CA LYS C 333 -27.95 11.00 -19.64
C LYS C 333 -27.38 9.74 -19.00
N GLU C 334 -28.01 8.60 -19.21
CA GLU C 334 -27.61 7.36 -18.53
C GLU C 334 -26.95 6.42 -19.51
N LYS C 335 -26.93 6.81 -20.78
CA LYS C 335 -26.43 5.97 -21.84
C LYS C 335 -24.93 5.71 -21.75
N LEU C 336 -24.19 6.72 -21.30
CA LEU C 336 -22.75 6.61 -21.24
C LEU C 336 -22.29 6.32 -19.81
N ARG C 337 -23.16 5.75 -18.98
CA ARG C 337 -22.81 5.59 -17.57
C ARG C 337 -21.59 4.70 -17.34
N ALA C 338 -21.47 3.60 -18.10
CA ALA C 338 -20.35 2.70 -17.90
C ALA C 338 -19.02 3.36 -18.30
N SER C 339 -19.05 4.12 -19.38
CA SER C 339 -17.86 4.77 -19.86
C SER C 339 -17.38 5.85 -18.89
N ARG C 340 -18.33 6.66 -18.41
CA ARG C 340 -18.02 7.71 -17.44
C ARG C 340 -17.53 7.07 -16.15
N HIS C 341 -18.08 5.90 -15.85
CA HIS C 341 -17.70 5.20 -14.65
C HIS C 341 -16.22 4.82 -14.73
N VAL C 342 -15.83 4.26 -15.87
CA VAL C 342 -14.42 3.90 -16.07
C VAL C 342 -13.51 5.12 -16.02
N LEU C 343 -13.92 6.20 -16.69
CA LEU C 343 -13.16 7.46 -16.59
C LEU C 343 -13.00 7.91 -15.12
N SER C 344 -14.04 7.65 -14.33
CA SER C 344 -14.07 8.09 -12.94
C SER C 344 -13.15 7.26 -12.03
N GLU C 345 -13.24 5.95 -12.18
CA GLU C 345 -12.57 4.99 -11.29
C GLU C 345 -11.19 4.56 -11.77
N TYR C 346 -10.86 4.92 -13.00
CA TYR C 346 -9.61 4.45 -13.60
C TYR C 346 -8.84 5.45 -14.43
N GLY C 347 -9.51 6.52 -14.86
CA GLY C 347 -8.88 7.49 -15.73
C GLY C 347 -8.84 6.97 -17.16
N ASN C 348 -8.05 7.62 -18.00
CA ASN C 348 -7.87 7.21 -19.38
C ASN C 348 -6.70 6.24 -19.49
N MET C 349 -7.03 4.97 -19.73
CA MET C 349 -6.02 3.94 -19.80
C MET C 349 -5.74 3.51 -21.24
N GLY C 350 -5.91 4.45 -22.18
CA GLY C 350 -5.68 4.20 -23.59
C GLY C 350 -6.52 3.09 -24.22
N GLY C 351 -5.87 2.28 -25.03
CA GLY C 351 -6.56 1.23 -25.76
C GLY C 351 -7.38 0.27 -24.90
N SER C 352 -6.92 0.07 -23.67
CA SER C 352 -7.55 -0.89 -22.79
C SER C 352 -8.90 -0.39 -22.30
N SER C 353 -9.08 0.92 -22.33
CA SER C 353 -10.22 1.55 -21.65
C SER C 353 -11.59 0.98 -22.05
N VAL C 354 -11.84 0.91 -23.35
CA VAL C 354 -13.11 0.44 -23.89
C VAL C 354 -13.46 -0.99 -23.44
N TYR C 355 -12.45 -1.76 -23.00
CA TYR C 355 -12.72 -3.11 -22.47
C TYR C 355 -13.08 -3.20 -20.99
N PHE C 356 -12.59 -2.25 -20.20
CA PHE C 356 -13.08 -2.13 -18.83
C PHE C 356 -14.58 -1.87 -18.92
N ILE C 357 -14.92 -0.91 -19.77
CA ILE C 357 -16.29 -0.44 -19.95
C ILE C 357 -17.16 -1.62 -20.33
N LEU C 358 -16.74 -2.36 -21.35
CA LEU C 358 -17.47 -3.53 -21.78
C LEU C 358 -17.68 -4.43 -20.57
N ASP C 359 -16.58 -4.72 -19.86
CA ASP C 359 -16.62 -5.61 -18.71
C ASP C 359 -17.64 -5.06 -17.74
N GLU C 360 -17.51 -3.77 -17.42
CA GLU C 360 -18.44 -3.13 -16.49
C GLU C 360 -19.90 -3.30 -16.92
N ILE C 361 -20.17 -3.06 -18.20
CA ILE C 361 -21.54 -3.16 -18.69
C ILE C 361 -22.05 -4.55 -18.39
N ARG C 362 -21.21 -5.53 -18.73
CA ARG C 362 -21.55 -6.93 -18.54
C ARG C 362 -21.90 -7.14 -17.08
N LYS C 363 -21.02 -6.65 -16.21
CA LYS C 363 -21.21 -6.86 -14.77
C LYS C 363 -22.52 -6.17 -14.34
N LYS C 364 -22.71 -4.92 -14.75
CA LYS C 364 -23.92 -4.21 -14.34
C LYS C 364 -25.14 -4.96 -14.91
N SER C 365 -24.98 -5.55 -16.09
CA SER C 365 -26.08 -6.30 -16.67
C SER C 365 -26.50 -7.47 -15.76
N MET C 366 -25.51 -8.16 -15.19
CA MET C 366 -25.83 -9.25 -14.28
C MET C 366 -26.37 -8.66 -12.97
N GLN C 367 -25.89 -7.47 -12.60
CA GLN C 367 -26.23 -6.94 -11.28
C GLN C 367 -27.70 -6.54 -11.21
N GLU C 368 -28.19 -6.00 -12.32
CA GLU C 368 -29.56 -5.48 -12.41
C GLU C 368 -30.50 -6.51 -13.06
N ALA C 369 -30.05 -7.76 -13.12
CA ALA C 369 -30.84 -8.89 -13.62
C ALA C 369 -31.48 -8.63 -14.99
N LYS C 370 -30.76 -7.90 -15.83
CA LYS C 370 -31.24 -7.57 -17.16
C LYS C 370 -31.29 -8.82 -18.06
N PRO C 371 -32.12 -8.80 -19.10
CA PRO C 371 -32.19 -9.94 -20.02
C PRO C 371 -30.94 -10.16 -20.87
N THR C 372 -30.17 -9.11 -21.14
CA THR C 372 -28.93 -9.29 -21.90
C THR C 372 -27.73 -8.63 -21.24
N THR C 373 -26.54 -9.07 -21.69
CA THR C 373 -25.25 -8.51 -21.25
C THR C 373 -25.00 -7.05 -21.67
N GLY C 374 -25.79 -6.55 -22.63
CA GLY C 374 -25.68 -5.17 -23.06
C GLY C 374 -26.78 -4.30 -22.47
N ASP C 375 -26.88 -4.35 -21.15
CA ASP C 375 -27.90 -3.61 -20.39
C ASP C 375 -29.34 -4.00 -20.78
N GLY C 376 -29.49 -5.24 -21.25
CA GLY C 376 -30.79 -5.77 -21.63
C GLY C 376 -31.12 -5.54 -23.09
N LEU C 377 -30.24 -4.83 -23.76
CA LEU C 377 -30.42 -4.50 -25.18
C LEU C 377 -29.69 -5.52 -26.03
N GLU C 378 -29.98 -5.56 -27.35
CA GLU C 378 -29.31 -6.57 -28.17
C GLU C 378 -28.17 -6.04 -29.04
N TRP C 379 -28.32 -4.84 -29.60
CA TRP C 379 -27.25 -4.25 -30.43
C TRP C 379 -26.42 -3.23 -29.64
N GLY C 380 -25.11 -3.21 -29.89
CA GLY C 380 -24.23 -2.26 -29.23
C GLY C 380 -23.07 -1.71 -30.05
N VAL C 381 -22.51 -0.61 -29.58
CA VAL C 381 -21.36 -0.02 -30.27
C VAL C 381 -20.22 0.39 -29.33
N LEU C 382 -19.02 0.00 -29.74
CA LEU C 382 -17.79 0.43 -29.10
C LEU C 382 -17.06 1.41 -30.02
N PHE C 383 -16.78 2.62 -29.52
CA PHE C 383 -16.08 3.62 -30.30
C PHE C 383 -14.67 3.77 -29.76
N ALA C 384 -13.69 3.26 -30.51
CA ALA C 384 -12.29 3.36 -30.11
C ALA C 384 -11.67 4.55 -30.81
N ILE C 385 -11.23 5.54 -30.04
CA ILE C 385 -10.73 6.82 -30.59
C ILE C 385 -9.27 7.06 -30.21
N GLY C 386 -8.46 7.42 -31.20
CA GLY C 386 -7.05 7.70 -30.98
C GLY C 386 -6.46 8.67 -31.99
N PRO C 387 -5.15 8.89 -31.93
CA PRO C 387 -4.46 9.78 -32.87
C PRO C 387 -4.68 9.39 -34.34
N GLY C 388 -4.82 10.41 -35.19
CA GLY C 388 -5.22 10.23 -36.58
C GLY C 388 -5.80 11.51 -37.20
N LEU C 389 -6.96 11.98 -36.72
CA LEU C 389 -7.78 11.29 -35.73
C LEU C 389 -8.44 10.08 -36.37
N THR C 390 -8.34 8.94 -35.69
CA THR C 390 -8.84 7.69 -36.22
C THR C 390 -9.82 7.11 -35.23
N VAL C 391 -10.97 6.72 -35.75
CA VAL C 391 -12.02 6.11 -34.96
C VAL C 391 -12.29 4.76 -35.54
N GLU C 392 -12.31 3.76 -34.68
CA GLU C 392 -12.76 2.43 -35.07
C GLU C 392 -14.12 2.26 -34.44
N THR C 393 -15.09 1.91 -35.27
CA THR C 393 -16.45 1.71 -34.81
C THR C 393 -16.76 0.23 -34.85
N VAL C 394 -17.00 -0.35 -33.67
CA VAL C 394 -17.29 -1.77 -33.60
C VAL C 394 -18.74 -2.02 -33.22
N ILE C 395 -19.43 -2.69 -34.14
CA ILE C 395 -20.78 -3.17 -33.96
C ILE C 395 -20.81 -4.56 -33.36
N LEU C 396 -21.42 -4.60 -32.17
CA LEU C 396 -21.56 -5.78 -31.31
C LEU C 396 -23.01 -6.20 -31.15
N LEU C 397 -23.19 -7.45 -30.72
CA LEU C 397 -24.50 -7.97 -30.35
C LEU C 397 -24.36 -8.57 -28.94
N SER C 398 -25.26 -8.19 -28.04
CA SER C 398 -25.19 -8.69 -26.66
C SER C 398 -25.63 -10.14 -26.58
N VAL C 399 -25.52 -10.71 -25.40
CA VAL C 399 -25.90 -12.10 -25.20
C VAL C 399 -27.00 -12.15 -24.13
N PRO C 400 -28.05 -12.96 -24.38
CA PRO C 400 -29.17 -13.13 -23.45
C PRO C 400 -28.77 -13.90 -22.19
N ILE C 401 -29.27 -13.51 -21.03
CA ILE C 401 -28.97 -14.25 -19.80
C ILE C 401 -30.22 -14.84 -19.15
N GLY D 11 -32.15 -13.87 -32.31
CA GLY D 11 -33.09 -13.63 -33.40
C GLY D 11 -32.47 -12.95 -34.61
N SER D 12 -31.86 -11.79 -34.38
CA SER D 12 -31.17 -11.01 -35.41
C SER D 12 -29.84 -11.65 -35.78
N MET D 13 -29.44 -12.62 -34.96
CA MET D 13 -28.28 -13.45 -35.21
C MET D 13 -28.29 -14.02 -36.63
N ALA D 14 -29.48 -14.28 -37.17
CA ALA D 14 -29.61 -14.82 -38.53
C ALA D 14 -28.96 -13.87 -39.52
N LYS D 15 -29.29 -12.58 -39.39
CA LYS D 15 -28.70 -11.56 -40.24
C LYS D 15 -27.19 -11.62 -40.19
N VAL D 16 -26.66 -11.75 -38.97
CA VAL D 16 -25.21 -11.78 -38.80
C VAL D 16 -24.66 -12.98 -39.57
N LYS D 17 -25.29 -14.13 -39.41
CA LYS D 17 -24.76 -15.31 -40.09
C LYS D 17 -24.92 -15.16 -41.60
N ASN D 18 -25.95 -14.43 -42.02
CA ASN D 18 -26.09 -14.15 -43.43
C ASN D 18 -25.03 -13.12 -43.85
N PHE D 19 -24.92 -12.06 -43.05
CA PHE D 19 -23.94 -11.01 -43.31
C PHE D 19 -22.55 -11.63 -43.37
N LEU D 20 -22.25 -12.45 -42.37
CA LEU D 20 -20.96 -13.10 -42.26
C LEU D 20 -20.70 -13.95 -43.48
N ASN D 21 -21.71 -14.69 -43.90
CA ASN D 21 -21.53 -15.55 -45.06
C ASN D 21 -21.38 -14.76 -46.32
N ALA D 22 -22.08 -13.62 -46.38
CA ALA D 22 -22.05 -12.81 -47.58
C ALA D 22 -20.66 -12.21 -47.79
N LYS D 23 -19.92 -11.98 -46.70
CA LYS D 23 -18.62 -11.32 -46.84
C LYS D 23 -17.39 -12.25 -46.78
N ARG D 24 -17.59 -13.56 -46.89
CA ARG D 24 -16.45 -14.45 -47.06
C ARG D 24 -16.03 -14.45 -48.50
N SER D 25 -14.77 -14.74 -48.77
CA SER D 25 -14.29 -14.86 -50.14
C SER D 25 -14.51 -16.32 -50.56
N LYS D 26 -14.59 -16.59 -51.86
CA LYS D 26 -14.79 -17.96 -52.33
C LYS D 26 -13.54 -18.79 -52.19
N GLY D 27 -12.40 -18.19 -52.49
CA GLY D 27 -11.13 -18.90 -52.50
C GLY D 27 -10.03 -18.28 -51.66
N PRO D 28 -8.78 -18.74 -51.87
CA PRO D 28 -7.63 -18.36 -51.05
C PRO D 28 -7.08 -17.00 -51.44
N ALA D 29 -6.43 -16.34 -50.48
CA ALA D 29 -5.77 -15.07 -50.76
C ALA D 29 -4.53 -15.30 -51.62
N SER D 30 -4.30 -14.44 -52.59
CA SER D 30 -3.06 -14.56 -53.34
C SER D 30 -2.33 -13.22 -53.38
N ILE D 31 -1.02 -13.32 -53.59
CA ILE D 31 -0.20 -12.15 -53.78
C ILE D 31 -0.40 -11.70 -55.22
N LEU D 32 -0.90 -10.48 -55.37
CA LEU D 32 -1.25 -9.96 -56.68
C LEU D 32 -0.17 -9.07 -57.26
N ALA D 33 0.71 -8.55 -56.42
CA ALA D 33 1.82 -7.72 -56.90
C ALA D 33 2.89 -7.52 -55.84
N ILE D 34 4.11 -7.28 -56.30
CA ILE D 34 5.26 -7.03 -55.42
C ILE D 34 6.15 -5.92 -56.01
N GLY D 35 6.38 -4.86 -55.25
CA GLY D 35 7.27 -3.77 -55.65
C GLY D 35 8.35 -3.54 -54.61
N THR D 36 9.55 -3.13 -55.02
CA THR D 36 10.61 -2.90 -54.04
C THR D 36 11.27 -1.52 -54.18
N ALA D 37 12.00 -1.11 -53.16
CA ALA D 37 12.64 0.20 -53.14
C ALA D 37 13.89 0.17 -52.29
N ASN D 38 14.82 1.06 -52.59
CA ASN D 38 16.05 1.21 -51.83
C ASN D 38 16.53 2.66 -51.83
N PRO D 39 17.32 3.03 -50.81
CA PRO D 39 17.96 4.36 -50.84
C PRO D 39 18.99 4.47 -51.98
N PRO D 40 19.26 5.72 -52.42
CA PRO D 40 20.13 6.03 -53.56
C PRO D 40 21.58 5.58 -53.43
N THR D 41 22.15 5.66 -52.23
CA THR D 41 23.60 5.44 -52.09
C THR D 41 24.04 3.99 -51.91
N CYS D 42 24.81 3.49 -52.87
CA CYS D 42 25.29 2.12 -52.83
C CYS D 42 26.62 2.04 -52.11
N PHE D 43 26.78 1.03 -51.28
CA PHE D 43 28.01 0.79 -50.56
C PHE D 43 28.48 -0.57 -51.00
N ASN D 44 29.67 -0.62 -51.59
CA ASN D 44 30.24 -1.90 -52.02
C ASN D 44 31.06 -2.50 -50.88
N GLN D 45 30.83 -3.78 -50.62
CA GLN D 45 31.39 -4.39 -49.44
C GLN D 45 32.93 -4.33 -49.46
N SER D 46 33.50 -4.31 -50.66
CA SER D 46 34.95 -4.22 -50.79
C SER D 46 35.46 -2.94 -50.10
N ASP D 47 34.71 -1.86 -50.27
CA ASP D 47 35.14 -0.58 -49.73
C ASP D 47 34.64 -0.32 -48.30
N TYR D 48 33.80 -1.21 -47.77
CA TYR D 48 33.05 -0.85 -46.56
C TYR D 48 33.85 -0.76 -45.24
N PRO D 49 34.72 -1.74 -44.97
CA PRO D 49 35.53 -1.63 -43.76
C PRO D 49 36.40 -0.36 -43.71
N ASP D 50 36.91 0.10 -44.85
CA ASP D 50 37.71 1.31 -44.89
C ASP D 50 36.86 2.51 -44.55
N PHE D 51 35.70 2.59 -45.21
CA PHE D 51 34.73 3.67 -44.96
C PHE D 51 34.33 3.72 -43.50
N TYR D 52 33.91 2.58 -42.98
CA TYR D 52 33.37 2.49 -41.64
C TYR D 52 34.37 2.96 -40.58
N PHE D 53 35.57 2.39 -40.58
CA PHE D 53 36.57 2.69 -39.56
C PHE D 53 37.23 4.07 -39.67
N ARG D 54 37.13 4.66 -40.86
CA ARG D 54 37.69 5.98 -41.10
C ARG D 54 36.68 7.04 -40.66
N VAL D 55 35.43 6.87 -41.10
CA VAL D 55 34.38 7.86 -40.85
C VAL D 55 34.04 7.89 -39.34
N THR D 56 34.50 6.87 -38.61
CA THR D 56 34.26 6.82 -37.17
C THR D 56 35.50 7.13 -36.33
N ASP D 57 36.58 7.58 -36.98
CA ASP D 57 37.85 7.86 -36.29
C ASP D 57 38.37 6.66 -35.51
N CYS D 58 38.34 5.48 -36.13
CA CYS D 58 38.71 4.28 -35.40
C CYS D 58 39.83 3.47 -36.05
N GLU D 59 40.63 4.18 -36.84
CA GLU D 59 41.69 3.58 -37.64
C GLU D 59 42.83 3.02 -36.79
N HIS D 60 42.90 3.47 -35.54
CA HIS D 60 43.91 2.94 -34.62
C HIS D 60 43.53 1.54 -34.12
N LYS D 61 42.25 1.19 -34.21
CA LYS D 61 41.79 -0.13 -33.81
C LYS D 61 42.00 -1.18 -34.91
N THR D 62 43.26 -1.46 -35.18
CA THR D 62 43.65 -2.26 -36.33
C THR D 62 43.25 -3.72 -36.17
N GLU D 63 43.35 -4.23 -34.94
CA GLU D 63 42.94 -5.59 -34.65
C GLU D 63 41.45 -5.75 -34.95
N LEU D 64 40.67 -4.79 -34.45
CA LEU D 64 39.23 -4.76 -34.62
C LEU D 64 38.86 -4.61 -36.11
N LYS D 65 39.64 -3.81 -36.84
CA LYS D 65 39.36 -3.64 -38.26
C LYS D 65 39.67 -4.95 -39.03
N ASP D 66 40.71 -5.67 -38.62
CA ASP D 66 40.98 -6.99 -39.21
C ASP D 66 39.77 -7.89 -39.00
N LYS D 67 39.22 -7.83 -37.78
CA LYS D 67 38.05 -8.63 -37.44
C LYS D 67 36.86 -8.29 -38.35
N PHE D 68 36.59 -7.00 -38.52
CA PHE D 68 35.44 -6.60 -39.32
C PHE D 68 35.65 -6.88 -40.81
N LYS D 69 36.88 -6.68 -41.29
CA LYS D 69 37.22 -6.95 -42.69
C LYS D 69 37.01 -8.43 -42.97
N ARG D 70 37.40 -9.27 -41.99
CA ARG D 70 37.16 -10.70 -42.11
C ARG D 70 35.66 -10.97 -42.23
N ILE D 71 34.88 -10.28 -41.40
CA ILE D 71 33.45 -10.49 -41.45
C ILE D 71 32.86 -10.03 -42.79
N CYS D 72 33.38 -8.96 -43.37
CA CYS D 72 32.86 -8.49 -44.65
C CYS D 72 33.23 -9.43 -45.81
N ASP D 73 34.41 -10.03 -45.74
CA ASP D 73 34.86 -10.99 -46.76
C ASP D 73 34.06 -12.28 -46.74
N ARG D 74 33.66 -12.72 -45.54
CA ARG D 74 32.98 -14.00 -45.37
C ARG D 74 31.45 -13.88 -45.45
N SER D 75 30.93 -12.68 -45.69
CA SER D 75 29.51 -12.38 -45.54
C SER D 75 28.61 -12.78 -46.72
N ALA D 76 29.22 -12.98 -47.89
CA ALA D 76 28.45 -13.15 -49.14
C ALA D 76 27.50 -11.97 -49.40
N VAL D 77 27.86 -10.80 -48.90
CA VAL D 77 27.19 -9.54 -49.24
C VAL D 77 28.14 -8.69 -50.10
N LYS D 78 27.69 -8.35 -51.31
CA LYS D 78 28.55 -7.60 -52.22
C LYS D 78 28.19 -6.11 -52.24
N LYS D 79 26.92 -5.82 -52.02
CA LYS D 79 26.56 -4.42 -51.94
C LYS D 79 25.27 -4.19 -51.18
N ARG D 80 25.15 -2.98 -50.64
CA ARG D 80 23.98 -2.62 -49.85
C ARG D 80 23.59 -1.20 -50.19
N TYR D 81 22.34 -0.84 -49.93
CA TYR D 81 21.90 0.54 -50.09
C TYR D 81 21.55 1.16 -48.74
N LEU D 82 22.24 2.26 -48.36
CA LEU D 82 22.14 2.83 -47.01
C LEU D 82 21.69 4.30 -46.96
N HIS D 83 20.84 4.64 -46.00
CA HIS D 83 20.47 6.04 -45.71
C HIS D 83 21.58 6.70 -44.89
N VAL D 84 22.39 5.90 -44.21
CA VAL D 84 23.48 6.47 -43.44
C VAL D 84 24.64 6.83 -44.38
N THR D 85 24.63 8.08 -44.85
CA THR D 85 25.62 8.57 -45.81
C THR D 85 26.72 9.31 -45.05
N GLU D 86 27.72 9.79 -45.79
CA GLU D 86 28.80 10.54 -45.17
C GLU D 86 28.23 11.85 -44.65
N GLU D 87 27.31 12.41 -45.43
CA GLU D 87 26.62 13.66 -45.10
C GLU D 87 25.88 13.57 -43.78
N VAL D 88 25.09 12.52 -43.66
CA VAL D 88 24.28 12.28 -42.47
C VAL D 88 25.18 12.16 -41.24
N LEU D 89 26.33 11.51 -41.40
CA LEU D 89 27.27 11.34 -40.31
C LEU D 89 27.99 12.65 -39.91
N LYS D 90 28.25 13.53 -40.90
CA LYS D 90 28.85 14.82 -40.57
C LYS D 90 27.82 15.62 -39.79
N GLU D 91 26.56 15.50 -40.21
CA GLU D 91 25.47 16.22 -39.57
C GLU D 91 25.17 15.67 -38.17
N ASN D 92 25.53 14.41 -37.92
CA ASN D 92 25.25 13.83 -36.61
C ASN D 92 26.42 13.13 -35.96
N PRO D 93 27.36 13.90 -35.42
CA PRO D 93 28.52 13.26 -34.80
C PRO D 93 28.12 12.40 -33.62
N SER D 94 26.94 12.64 -33.04
CA SER D 94 26.50 11.84 -31.91
C SER D 94 26.42 10.36 -32.32
N MET D 95 26.16 10.10 -33.60
CA MET D 95 26.11 8.72 -34.07
C MET D 95 27.45 8.00 -34.04
N ARG D 96 28.55 8.76 -34.04
CA ARG D 96 29.85 8.11 -34.16
C ARG D 96 30.69 8.06 -32.89
N SER D 97 30.11 8.53 -31.79
CA SER D 97 30.74 8.29 -30.50
C SER D 97 29.85 7.32 -29.75
N TYR D 98 30.36 6.14 -29.47
CA TYR D 98 29.55 5.07 -28.88
C TYR D 98 28.88 5.50 -27.58
N ASN D 99 27.61 5.15 -27.43
CA ASN D 99 26.79 5.50 -26.25
C ASN D 99 26.40 6.96 -26.09
N ALA D 100 26.77 7.82 -27.03
CA ALA D 100 26.32 9.20 -26.99
C ALA D 100 24.83 9.28 -27.38
N PRO D 101 24.08 10.15 -26.71
CA PRO D 101 22.67 10.39 -27.01
C PRO D 101 22.45 10.87 -28.45
N SER D 102 21.81 10.01 -29.24
CA SER D 102 21.62 10.25 -30.67
C SER D 102 20.24 9.79 -31.17
N LEU D 103 19.38 9.30 -30.26
CA LEU D 103 18.07 8.74 -30.65
C LEU D 103 17.15 9.73 -31.39
N ASP D 104 17.09 10.96 -30.89
CA ASP D 104 16.23 11.99 -31.51
C ASP D 104 16.66 12.22 -32.95
N ALA D 105 17.97 12.21 -33.18
CA ALA D 105 18.50 12.38 -34.54
C ALA D 105 18.09 11.22 -35.47
N ARG D 106 18.38 10.00 -35.03
CA ARG D 106 18.07 8.81 -35.83
C ARG D 106 16.57 8.73 -36.14
N GLN D 107 15.75 9.03 -35.12
CA GLN D 107 14.31 9.02 -35.26
C GLN D 107 13.86 10.07 -36.26
N ALA D 108 14.50 11.24 -36.21
CA ALA D 108 14.15 12.28 -37.17
C ALA D 108 14.40 11.78 -38.61
N LEU D 109 15.48 11.03 -38.83
CA LEU D 109 15.67 10.48 -40.16
C LEU D 109 14.57 9.49 -40.47
N LEU D 110 14.27 8.62 -39.50
CA LEU D 110 13.32 7.50 -39.71
C LEU D 110 11.86 7.89 -39.97
N ILE D 111 11.36 8.86 -39.22
CA ILE D 111 9.96 9.27 -39.31
C ILE D 111 9.67 9.80 -40.71
N GLU D 112 10.68 10.40 -41.34
CA GLU D 112 10.52 10.92 -42.69
C GLU D 112 10.78 9.83 -43.73
N GLN D 113 11.91 9.13 -43.60
CA GLN D 113 12.33 8.16 -44.62
C GLN D 113 11.51 6.86 -44.69
N VAL D 114 11.04 6.38 -43.53
CA VAL D 114 10.27 5.12 -43.48
C VAL D 114 8.99 5.15 -44.33
N PRO D 115 8.13 6.17 -44.17
CA PRO D 115 6.97 6.20 -45.07
C PRO D 115 7.35 6.56 -46.51
N LYS D 116 8.49 7.22 -46.71
CA LYS D 116 8.86 7.55 -48.09
C LYS D 116 9.34 6.36 -48.90
N LEU D 117 10.31 5.62 -48.36
CA LEU D 117 10.83 4.41 -49.00
C LEU D 117 9.71 3.43 -49.21
N GLY D 118 8.78 3.39 -48.25
CA GLY D 118 7.65 2.50 -48.36
C GLY D 118 6.72 2.93 -49.48
N LYS D 119 6.61 4.24 -49.70
CA LYS D 119 5.74 4.73 -50.78
C LYS D 119 6.23 4.28 -52.15
N GLU D 120 7.55 4.38 -52.36
CA GLU D 120 8.14 3.99 -53.63
C GLU D 120 7.87 2.52 -53.94
N ALA D 121 8.09 1.63 -52.96
CA ALA D 121 7.80 0.23 -53.19
C ALA D 121 6.30 0.04 -53.39
N ALA D 122 5.49 0.82 -52.67
CA ALA D 122 4.04 0.70 -52.81
C ALA D 122 3.64 1.18 -54.19
N ALA D 123 4.30 2.25 -54.65
CA ALA D 123 3.96 2.83 -55.96
C ALA D 123 4.26 1.87 -57.09
N LYS D 124 5.40 1.20 -57.01
CA LYS D 124 5.77 0.21 -58.01
C LYS D 124 4.83 -0.99 -57.98
N ALA D 125 4.39 -1.34 -56.80
CA ALA D 125 3.52 -2.50 -56.63
C ALA D 125 2.13 -2.24 -57.19
N ILE D 126 1.58 -1.07 -56.90
CA ILE D 126 0.24 -0.72 -57.36
C ILE D 126 0.21 -0.57 -58.90
N LYS D 127 1.30 -0.05 -59.47
CA LYS D 127 1.40 0.10 -60.93
C LYS D 127 1.30 -1.27 -61.60
N GLU D 128 2.01 -2.26 -61.07
CA GLU D 128 1.90 -3.64 -61.55
C GLU D 128 0.47 -4.14 -61.36
N TRP D 129 -0.11 -3.80 -60.22
CA TRP D 129 -1.43 -4.27 -59.86
C TRP D 129 -2.46 -3.76 -60.85
N GLY D 130 -2.43 -2.46 -61.11
CA GLY D 130 -3.24 -1.85 -62.14
C GLY D 130 -4.56 -1.27 -61.67
N GLN D 131 -5.00 -1.67 -60.48
CA GLN D 131 -6.31 -1.21 -60.00
C GLN D 131 -6.23 0.21 -59.45
N PRO D 132 -7.39 0.88 -59.31
CA PRO D 132 -7.41 2.21 -58.67
C PRO D 132 -7.10 2.12 -57.18
N LEU D 133 -6.50 3.19 -56.64
CA LEU D 133 -6.07 3.23 -55.25
C LEU D 133 -7.22 2.88 -54.34
N SER D 134 -8.40 3.34 -54.72
CA SER D 134 -9.62 3.19 -53.93
C SER D 134 -10.08 1.75 -53.71
N LYS D 135 -9.48 0.81 -54.43
CA LYS D 135 -9.88 -0.59 -54.29
C LYS D 135 -9.07 -1.24 -53.15
N ILE D 136 -8.10 -0.49 -52.63
CA ILE D 136 -7.34 -0.90 -51.44
C ILE D 136 -8.15 -0.66 -50.16
N THR D 137 -8.44 -1.73 -49.41
CA THR D 137 -9.30 -1.63 -48.22
C THR D 137 -8.51 -1.71 -46.92
N HIS D 138 -7.35 -2.34 -46.99
CA HIS D 138 -6.52 -2.61 -45.82
C HIS D 138 -5.09 -2.15 -46.02
N LEU D 139 -4.54 -1.50 -45.00
CA LEU D 139 -3.11 -1.22 -44.98
C LEU D 139 -2.45 -1.85 -43.74
N VAL D 140 -1.44 -2.67 -43.97
CA VAL D 140 -0.62 -3.21 -42.90
C VAL D 140 0.78 -2.69 -43.13
N PHE D 141 1.26 -1.83 -42.24
CA PHE D 141 2.60 -1.28 -42.38
C PHE D 141 3.51 -1.80 -41.26
N SER D 142 4.56 -2.50 -41.70
CA SER D 142 5.61 -3.05 -40.84
C SER D 142 6.95 -2.29 -41.00
N ALA D 143 7.57 -1.93 -39.88
CA ALA D 143 8.89 -1.27 -39.91
C ALA D 143 9.86 -1.74 -38.81
N MET D 144 11.11 -1.94 -39.19
CA MET D 144 12.20 -2.23 -38.26
C MET D 144 12.29 -1.21 -37.11
N ALA D 145 12.13 0.06 -37.46
CA ALA D 145 12.30 1.14 -36.50
C ALA D 145 11.57 2.39 -36.98
N GLY D 146 11.42 3.35 -36.07
CA GLY D 146 10.83 4.62 -36.44
C GLY D 146 9.52 4.90 -35.72
N VAL D 147 9.38 4.36 -34.51
CA VAL D 147 8.15 4.52 -33.73
C VAL D 147 7.71 5.97 -33.68
N ASP D 148 6.49 6.25 -34.09
CA ASP D 148 5.94 7.60 -33.99
C ASP D 148 4.42 7.54 -34.01
N ILE D 149 3.76 8.49 -33.34
CA ILE D 149 2.30 8.48 -33.35
C ILE D 149 1.76 9.84 -33.81
N PRO D 150 0.98 9.87 -34.91
CA PRO D 150 0.60 8.73 -35.75
C PRO D 150 1.80 8.22 -36.52
N GLY D 151 1.73 7.01 -37.05
CA GLY D 151 2.92 6.36 -37.58
C GLY D 151 3.16 6.43 -39.08
N ALA D 152 4.01 5.54 -39.57
CA ALA D 152 4.34 5.55 -40.97
C ALA D 152 3.11 5.19 -41.80
N ASP D 153 2.17 4.43 -41.21
CA ASP D 153 1.01 3.96 -41.94
C ASP D 153 0.09 5.09 -42.38
N LEU D 154 -0.23 6.00 -41.47
CA LEU D 154 -1.05 7.13 -41.87
C LEU D 154 -0.29 8.02 -42.88
N ARG D 155 1.00 8.26 -42.63
CA ARG D 155 1.78 9.05 -43.59
C ARG D 155 1.69 8.42 -44.96
N LEU D 156 1.83 7.10 -45.01
CA LEU D 156 1.76 6.37 -46.26
C LEU D 156 0.41 6.57 -46.91
N MET D 157 -0.65 6.52 -46.09
CA MET D 157 -1.99 6.79 -46.61
C MET D 157 -2.07 8.17 -47.26
N ASN D 158 -1.46 9.18 -46.66
CA ASN D 158 -1.49 10.51 -47.25
C ASN D 158 -0.65 10.63 -48.52
N LEU D 159 0.56 10.07 -48.48
CA LEU D 159 1.48 10.13 -49.61
C LEU D 159 0.90 9.40 -50.81
N LEU D 160 0.06 8.41 -50.57
CA LEU D 160 -0.53 7.63 -51.66
C LEU D 160 -1.92 8.15 -52.00
N GLY D 161 -2.52 8.88 -51.08
CA GLY D 161 -3.88 9.32 -51.27
C GLY D 161 -4.85 8.15 -51.13
N LEU D 162 -4.61 7.28 -50.15
CA LEU D 162 -5.57 6.20 -49.90
C LEU D 162 -6.83 6.76 -49.25
N GLU D 163 -7.94 6.03 -49.39
CA GLU D 163 -9.19 6.37 -48.71
C GLU D 163 -8.98 6.38 -47.18
N PRO D 164 -9.57 7.37 -46.50
CA PRO D 164 -9.55 7.55 -45.05
C PRO D 164 -10.26 6.41 -44.30
N SER D 165 -10.98 5.60 -45.06
CA SER D 165 -11.72 4.47 -44.51
C SER D 165 -10.93 3.19 -44.67
N VAL D 166 -9.67 3.31 -45.07
CA VAL D 166 -8.80 2.13 -45.09
C VAL D 166 -8.52 1.66 -43.66
N LYS D 167 -8.55 0.34 -43.47
CA LYS D 167 -8.28 -0.20 -42.15
C LYS D 167 -6.77 -0.34 -42.02
N ARG D 168 -6.16 0.62 -41.34
CA ARG D 168 -4.72 0.63 -41.19
C ARG D 168 -4.30 -0.09 -39.92
N LEU D 169 -3.13 -0.71 -40.00
CA LEU D 169 -2.51 -1.41 -38.91
C LEU D 169 -1.01 -1.16 -38.97
N MET D 170 -0.49 -0.55 -37.91
CA MET D 170 0.92 -0.19 -37.82
C MET D 170 1.68 -1.14 -36.91
N ILE D 171 2.78 -1.67 -37.41
CA ILE D 171 3.60 -2.63 -36.67
C ILE D 171 5.05 -2.22 -36.56
N TYR D 172 5.42 -1.60 -35.44
CA TYR D 172 6.81 -1.20 -35.22
C TYR D 172 7.64 -2.25 -34.48
N SER D 173 8.78 -2.62 -35.06
CA SER D 173 9.82 -3.35 -34.32
C SER D 173 9.37 -4.70 -33.75
N GLN D 174 8.64 -5.48 -34.55
CA GLN D 174 8.17 -6.80 -34.17
C GLN D 174 9.27 -7.86 -34.22
N GLY D 175 10.21 -7.70 -35.15
CA GLY D 175 11.21 -8.72 -35.43
C GLY D 175 10.96 -9.26 -36.83
N CYS D 176 12.00 -9.75 -37.49
CA CYS D 176 11.95 -10.03 -38.91
C CYS D 176 11.05 -11.16 -39.39
N PHE D 177 10.58 -11.99 -38.50
CA PHE D 177 9.53 -12.97 -38.84
C PHE D 177 8.22 -12.31 -39.25
N ILE D 178 8.08 -11.01 -38.99
CA ILE D 178 6.93 -10.26 -39.46
C ILE D 178 6.72 -10.45 -40.98
N GLY D 179 7.83 -10.63 -41.72
CA GLY D 179 7.73 -10.90 -43.16
C GLY D 179 6.70 -12.00 -43.46
N GLY D 180 6.68 -13.04 -42.62
CA GLY D 180 5.70 -14.08 -42.79
C GLY D 180 4.43 -13.73 -42.06
N ALA D 181 4.58 -13.22 -40.84
CA ALA D 181 3.41 -13.00 -39.98
C ALA D 181 2.40 -12.06 -40.63
N ALA D 182 2.90 -10.94 -41.14
CA ALA D 182 2.03 -9.95 -41.77
C ALA D 182 1.26 -10.62 -42.91
N ILE D 183 1.92 -11.49 -43.66
CA ILE D 183 1.25 -12.11 -44.80
C ILE D 183 0.09 -13.00 -44.33
N ARG D 184 0.29 -13.71 -43.22
CA ARG D 184 -0.77 -14.54 -42.66
C ARG D 184 -1.95 -13.61 -42.35
N CYS D 185 -1.65 -12.47 -41.74
CA CYS D 185 -2.71 -11.57 -41.34
C CYS D 185 -3.43 -11.09 -42.59
N ALA D 186 -2.64 -10.77 -43.62
CA ALA D 186 -3.21 -10.30 -44.87
C ALA D 186 -4.10 -11.42 -45.40
N LYS D 187 -3.60 -12.65 -45.35
CA LYS D 187 -4.39 -13.83 -45.75
C LYS D 187 -5.75 -13.90 -45.02
N ASP D 188 -5.76 -13.66 -43.71
CA ASP D 188 -7.03 -13.73 -42.98
C ASP D 188 -7.95 -12.60 -43.39
N PHE D 189 -7.37 -11.42 -43.65
CA PHE D 189 -8.21 -10.26 -43.96
C PHE D 189 -8.96 -10.43 -45.28
N ALA D 190 -8.23 -10.85 -46.30
CA ALA D 190 -8.76 -10.90 -47.65
C ALA D 190 -9.82 -11.98 -47.72
N GLU D 191 -9.56 -13.06 -46.98
CA GLU D 191 -10.43 -14.22 -47.05
C GLU D 191 -11.65 -13.96 -46.18
N ASN D 192 -11.53 -13.07 -45.20
CA ASN D 192 -12.70 -12.90 -44.33
C ASN D 192 -13.51 -11.71 -44.75
N ASN D 193 -13.02 -11.05 -45.79
CA ASN D 193 -13.66 -9.88 -46.35
C ASN D 193 -13.60 -9.95 -47.87
N ALA D 194 -14.69 -10.41 -48.48
CA ALA D 194 -14.78 -10.49 -49.94
C ALA D 194 -14.47 -9.12 -50.51
N GLY D 195 -13.59 -9.09 -51.51
CA GLY D 195 -13.30 -7.86 -52.21
C GLY D 195 -12.19 -7.05 -51.58
N ALA D 196 -11.80 -7.42 -50.36
CA ALA D 196 -10.76 -6.66 -49.67
C ALA D 196 -9.43 -6.84 -50.37
N ARG D 197 -8.70 -5.73 -50.49
CA ARG D 197 -7.38 -5.74 -51.08
C ARG D 197 -6.40 -5.18 -50.05
N VAL D 198 -5.42 -5.98 -49.66
CA VAL D 198 -4.51 -5.59 -48.58
C VAL D 198 -3.17 -5.09 -49.12
N LEU D 199 -2.86 -3.81 -48.87
CA LEU D 199 -1.51 -3.32 -49.15
C LEU D 199 -0.61 -3.57 -47.93
N VAL D 200 0.41 -4.38 -48.14
CA VAL D 200 1.34 -4.73 -47.08
C VAL D 200 2.70 -4.12 -47.40
N VAL D 201 3.20 -3.27 -46.52
CA VAL D 201 4.44 -2.57 -46.80
C VAL D 201 5.43 -2.83 -45.69
N PHE D 202 6.62 -3.26 -46.09
CA PHE D 202 7.73 -3.40 -45.18
C PHE D 202 8.73 -2.34 -45.54
N SER D 203 9.00 -1.43 -44.62
CA SER D 203 10.06 -0.44 -44.84
C SER D 203 11.08 -0.51 -43.68
N ASP D 204 12.22 -1.14 -43.96
CA ASP D 204 13.23 -1.46 -42.95
C ASP D 204 14.51 -0.68 -43.16
N ILE D 205 14.75 0.26 -42.26
CA ILE D 205 15.91 1.13 -42.33
C ILE D 205 16.76 0.90 -41.09
N MET D 206 18.06 0.72 -41.31
CA MET D 206 18.95 0.15 -40.30
C MET D 206 19.80 1.17 -39.58
N ASN D 207 19.39 2.44 -39.60
CA ASN D 207 20.28 3.48 -39.08
C ASN D 207 20.43 3.42 -37.57
N MET D 208 19.48 2.79 -36.90
CA MET D 208 19.52 2.70 -35.45
C MET D 208 20.62 1.71 -35.02
N TYR D 209 21.09 0.89 -35.97
CA TYR D 209 22.12 -0.10 -35.67
C TYR D 209 23.56 0.37 -35.93
N PHE D 210 23.71 1.53 -36.57
CA PHE D 210 25.03 2.08 -36.84
C PHE D 210 25.67 2.63 -35.58
N HIS D 211 26.84 2.10 -35.26
CA HIS D 211 27.64 2.62 -34.15
C HIS D 211 29.11 2.59 -34.46
N GLU D 212 29.85 3.36 -33.68
CA GLU D 212 31.29 3.38 -33.70
C GLU D 212 31.75 1.97 -33.32
N PRO D 213 32.71 1.41 -34.07
CA PRO D 213 33.21 0.09 -33.66
C PRO D 213 33.91 0.09 -32.31
N GLN D 214 33.58 -0.89 -31.48
CA GLN D 214 34.14 -0.98 -30.14
C GLN D 214 34.43 -2.45 -29.84
N GLU D 215 35.58 -2.75 -29.25
CA GLU D 215 35.93 -4.14 -28.95
C GLU D 215 35.00 -4.80 -27.93
N ALA D 216 34.36 -3.99 -27.09
CA ALA D 216 33.48 -4.54 -26.07
C ALA D 216 32.06 -4.89 -26.59
N HIS D 217 31.75 -4.49 -27.83
CA HIS D 217 30.42 -4.77 -28.39
C HIS D 217 30.51 -5.29 -29.83
N LEU D 218 30.76 -6.60 -29.96
CA LEU D 218 31.06 -7.20 -31.28
C LEU D 218 29.88 -7.68 -32.15
N ASP D 219 28.70 -7.84 -31.55
CA ASP D 219 27.50 -8.31 -32.27
C ASP D 219 27.23 -7.30 -33.37
N ILE D 220 27.50 -6.06 -33.00
CA ILE D 220 27.27 -4.94 -33.88
C ILE D 220 28.16 -4.96 -35.14
N LEU D 221 29.36 -5.54 -35.07
CA LEU D 221 30.18 -5.68 -36.27
C LEU D 221 29.51 -6.58 -37.34
N VAL D 222 28.96 -7.73 -36.92
CA VAL D 222 28.22 -8.60 -37.85
C VAL D 222 27.06 -7.79 -38.41
N GLY D 223 26.35 -7.11 -37.52
CA GLY D 223 25.22 -6.33 -37.97
C GLY D 223 25.62 -5.32 -39.03
N GLN D 224 26.75 -4.65 -38.81
CA GLN D 224 27.25 -3.58 -39.69
C GLN D 224 27.75 -4.17 -41.00
N ALA D 225 28.03 -5.48 -40.98
CA ALA D 225 28.41 -6.15 -42.21
C ALA D 225 27.20 -6.47 -43.07
N VAL D 226 26.08 -6.78 -42.43
CA VAL D 226 24.96 -7.32 -43.23
C VAL D 226 23.70 -6.48 -43.43
N PHE D 227 23.37 -5.60 -42.49
CA PHE D 227 22.12 -4.86 -42.57
C PHE D 227 22.11 -3.91 -43.75
N GLY D 228 21.03 -3.97 -44.53
CA GLY D 228 20.82 -3.05 -45.63
C GLY D 228 19.42 -2.45 -45.60
N ASP D 229 19.25 -1.30 -46.25
CA ASP D 229 17.94 -0.70 -46.28
C ASP D 229 17.19 -1.21 -47.51
N GLY D 230 15.89 -1.38 -47.36
CA GLY D 230 15.06 -1.88 -48.44
C GLY D 230 13.61 -1.80 -48.03
N ALA D 231 12.72 -1.71 -49.02
CA ALA D 231 11.29 -1.75 -48.75
C ALA D 231 10.60 -2.62 -49.79
N ALA D 232 9.61 -3.39 -49.36
CA ALA D 232 8.85 -4.22 -50.30
C ALA D 232 7.37 -4.04 -50.02
N ALA D 233 6.58 -3.95 -51.08
CA ALA D 233 5.15 -3.83 -50.91
C ALA D 233 4.49 -4.94 -51.69
N VAL D 234 3.53 -5.60 -51.05
CA VAL D 234 2.82 -6.72 -51.64
C VAL D 234 1.34 -6.43 -51.55
N ILE D 235 0.62 -6.60 -52.65
CA ILE D 235 -0.83 -6.49 -52.57
C ILE D 235 -1.42 -7.90 -52.54
N VAL D 236 -2.33 -8.13 -51.60
CA VAL D 236 -2.85 -9.47 -51.31
C VAL D 236 -4.34 -9.45 -51.47
N GLY D 237 -4.89 -10.46 -52.14
CA GLY D 237 -6.33 -10.51 -52.35
C GLY D 237 -6.82 -11.89 -52.72
N ALA D 238 -8.08 -12.18 -52.38
CA ALA D 238 -8.73 -13.41 -52.78
C ALA D 238 -9.75 -13.06 -53.87
N ASP D 239 -10.11 -14.06 -54.68
CA ASP D 239 -11.09 -13.86 -55.75
C ASP D 239 -10.70 -12.71 -56.69
N PRO D 240 -9.65 -12.92 -57.50
CA PRO D 240 -9.21 -11.88 -58.43
C PRO D 240 -10.18 -11.71 -59.59
N GLU D 241 -10.36 -10.47 -60.05
CA GLU D 241 -11.07 -10.22 -61.29
C GLU D 241 -10.25 -10.88 -62.39
N VAL D 242 -10.82 -11.94 -62.94
CA VAL D 242 -10.17 -12.87 -63.86
C VAL D 242 -9.38 -12.21 -65.00
N SER D 243 -9.82 -11.02 -65.40
CA SER D 243 -9.16 -10.27 -66.45
C SER D 243 -7.87 -9.61 -65.95
N ILE D 244 -8.04 -8.58 -65.11
CA ILE D 244 -6.96 -7.65 -64.78
C ILE D 244 -6.03 -8.09 -63.67
N GLU D 245 -6.58 -8.66 -62.59
CA GLU D 245 -5.75 -9.10 -61.49
C GLU D 245 -5.05 -10.41 -61.84
N ARG D 246 -3.76 -10.48 -61.53
CA ARG D 246 -2.95 -11.64 -61.85
C ARG D 246 -2.19 -12.15 -60.63
N PRO D 247 -2.68 -13.22 -60.00
CA PRO D 247 -2.00 -13.80 -58.85
C PRO D 247 -0.59 -14.25 -59.20
N LEU D 248 0.37 -13.94 -58.32
CA LEU D 248 1.75 -14.35 -58.52
C LEU D 248 1.98 -15.65 -57.74
N PHE D 249 1.53 -15.69 -56.50
CA PHE D 249 1.62 -16.89 -55.68
C PHE D 249 0.36 -16.99 -54.83
N HIS D 250 -0.06 -18.21 -54.51
CA HIS D 250 -1.15 -18.35 -53.56
C HIS D 250 -0.61 -18.63 -52.17
N VAL D 251 -1.15 -17.89 -51.21
CA VAL D 251 -0.80 -18.04 -49.81
C VAL D 251 -1.70 -19.12 -49.22
N VAL D 252 -1.13 -20.32 -49.08
CA VAL D 252 -1.90 -21.49 -48.69
C VAL D 252 -2.03 -21.60 -47.16
N SER D 253 -0.90 -21.71 -46.47
CA SER D 253 -0.98 -21.73 -45.00
C SER D 253 0.28 -21.26 -44.28
N SER D 254 0.13 -20.80 -43.04
CA SER D 254 1.26 -20.22 -42.33
C SER D 254 1.24 -20.62 -40.87
N THR D 255 2.42 -21.03 -40.39
CA THR D 255 2.55 -21.44 -39.00
C THR D 255 3.67 -20.67 -38.35
N GLN D 256 3.63 -20.59 -37.03
CA GLN D 256 4.62 -19.82 -36.31
C GLN D 256 5.15 -20.66 -35.18
N MET D 257 6.46 -20.60 -34.98
CA MET D 257 7.08 -21.32 -33.88
C MET D 257 8.08 -20.41 -33.18
N SER D 258 7.97 -20.29 -31.86
CA SER D 258 9.02 -19.60 -31.10
C SER D 258 9.75 -20.66 -30.30
N VAL D 259 10.96 -20.95 -30.75
CA VAL D 259 11.77 -21.99 -30.15
C VAL D 259 12.01 -21.66 -28.67
N PRO D 260 11.63 -22.58 -27.78
CA PRO D 260 11.76 -22.37 -26.33
C PRO D 260 13.21 -22.07 -25.90
N ASP D 261 13.35 -21.13 -24.96
CA ASP D 261 14.63 -20.73 -24.37
C ASP D 261 15.64 -20.13 -25.36
N THR D 262 15.13 -19.46 -26.38
CA THR D 262 16.03 -18.80 -27.32
C THR D 262 15.72 -17.32 -27.31
N ASN D 263 14.94 -16.88 -26.32
CA ASN D 263 14.52 -15.49 -26.18
C ASN D 263 15.69 -14.50 -26.20
N LYS D 264 16.88 -14.94 -25.81
CA LYS D 264 18.00 -14.03 -25.76
C LYS D 264 18.98 -14.20 -26.92
N PHE D 265 18.69 -15.09 -27.87
CA PHE D 265 19.62 -15.30 -28.98
C PHE D 265 19.78 -14.00 -29.81
N ILE D 266 18.65 -13.32 -30.06
CA ILE D 266 18.67 -12.00 -30.68
C ILE D 266 17.84 -11.04 -29.85
N ARG D 267 18.46 -9.93 -29.44
CA ARG D 267 17.77 -8.83 -28.75
C ARG D 267 18.13 -7.50 -29.42
N ALA D 268 17.21 -6.54 -29.35
CA ALA D 268 17.49 -5.19 -29.80
C ALA D 268 16.72 -4.24 -28.91
N HIS D 269 17.46 -3.42 -28.16
CA HIS D 269 16.85 -2.49 -27.21
C HIS D 269 16.89 -1.08 -27.72
N VAL D 270 15.75 -0.39 -27.66
CA VAL D 270 15.67 1.01 -28.02
C VAL D 270 16.17 1.81 -26.85
N LYS D 271 17.26 2.55 -27.06
CA LYS D 271 17.93 3.34 -26.01
C LYS D 271 18.33 4.72 -26.51
N GLU D 272 18.95 5.51 -25.64
CA GLU D 272 19.30 6.91 -25.95
C GLU D 272 20.40 7.01 -27.01
N MET D 273 21.17 5.93 -27.16
CA MET D 273 22.27 5.85 -28.15
C MET D 273 21.82 5.21 -29.47
N GLY D 274 20.55 4.82 -29.51
CA GLY D 274 20.00 4.08 -30.65
C GLY D 274 19.57 2.67 -30.29
N MET D 275 19.78 1.73 -31.20
CA MET D 275 19.42 0.35 -30.89
C MET D 275 20.62 -0.54 -30.56
N GLU D 276 20.52 -1.18 -29.41
CA GLU D 276 21.60 -2.01 -28.88
C GLU D 276 21.31 -3.44 -29.25
N LEU D 277 22.20 -4.02 -30.03
CA LEU D 277 21.94 -5.30 -30.65
C LEU D 277 22.77 -6.47 -30.10
N TYR D 278 22.07 -7.57 -29.81
CA TYR D 278 22.68 -8.84 -29.45
C TYR D 278 22.28 -9.85 -30.50
N LEU D 279 23.28 -10.49 -31.11
CA LEU D 279 23.04 -11.44 -32.19
C LEU D 279 23.94 -12.64 -31.96
N SER D 280 23.36 -13.71 -31.43
CA SER D 280 24.16 -14.88 -31.07
C SER D 280 24.71 -15.58 -32.30
N LYS D 281 25.93 -16.08 -32.17
CA LYS D 281 26.60 -16.79 -33.23
C LYS D 281 25.89 -18.12 -33.46
N ASP D 282 25.05 -18.54 -32.51
CA ASP D 282 24.43 -19.84 -32.59
C ASP D 282 23.09 -19.85 -33.32
N VAL D 283 22.63 -18.67 -33.78
CA VAL D 283 21.34 -18.60 -34.46
C VAL D 283 21.19 -19.53 -35.67
N PRO D 284 22.18 -19.51 -36.60
CA PRO D 284 22.02 -20.37 -37.78
C PRO D 284 21.98 -21.88 -37.50
N ALA D 285 22.77 -22.36 -36.56
CA ALA D 285 22.69 -23.77 -36.18
C ALA D 285 21.32 -24.11 -35.58
N THR D 286 20.74 -23.20 -34.80
CA THR D 286 19.45 -23.45 -34.15
C THR D 286 18.33 -23.52 -35.16
N VAL D 287 18.35 -22.54 -36.06
CA VAL D 287 17.46 -22.53 -37.19
C VAL D 287 17.64 -23.85 -37.91
N GLY D 288 18.90 -24.27 -38.02
CA GLY D 288 19.26 -25.54 -38.66
C GLY D 288 18.61 -26.74 -38.04
N LYS D 289 18.67 -26.83 -36.71
CA LYS D 289 18.11 -27.91 -35.92
C LYS D 289 16.59 -27.98 -36.06
N ASN D 290 15.94 -26.82 -36.24
CA ASN D 290 14.47 -26.81 -36.24
C ASN D 290 13.81 -26.83 -37.63
N ILE D 291 14.61 -26.54 -38.66
CA ILE D 291 14.02 -26.29 -39.97
C ILE D 291 13.26 -27.48 -40.57
N GLU D 292 13.83 -28.69 -40.51
CA GLU D 292 13.12 -29.82 -41.08
C GLU D 292 11.77 -30.12 -40.42
N LYS D 293 11.71 -30.07 -39.09
CA LYS D 293 10.45 -30.33 -38.43
C LYS D 293 9.42 -29.25 -38.77
N LEU D 294 9.87 -28.00 -38.77
CA LEU D 294 8.95 -26.92 -39.13
C LEU D 294 8.34 -27.18 -40.52
N LEU D 295 9.19 -27.53 -41.47
CA LEU D 295 8.71 -27.79 -42.84
C LEU D 295 7.76 -29.00 -42.91
N VAL D 296 8.14 -30.10 -42.26
CA VAL D 296 7.33 -31.31 -42.22
C VAL D 296 5.93 -31.05 -41.71
N ASP D 297 5.84 -30.34 -40.59
CA ASP D 297 4.53 -30.05 -40.07
C ASP D 297 3.78 -29.09 -41.01
N ALA D 298 4.51 -28.16 -41.63
CA ALA D 298 3.88 -27.16 -42.49
C ALA D 298 3.24 -27.73 -43.75
N VAL D 299 3.90 -28.71 -44.36
CA VAL D 299 3.39 -29.34 -45.59
C VAL D 299 2.63 -30.64 -45.32
N SER D 300 2.57 -31.09 -44.07
CA SER D 300 1.87 -32.33 -43.74
C SER D 300 0.41 -32.45 -44.26
N PRO D 301 -0.36 -31.34 -44.30
CA PRO D 301 -1.69 -31.59 -44.84
C PRO D 301 -1.73 -31.61 -46.37
N PHE D 302 -0.57 -31.64 -47.03
CA PHE D 302 -0.55 -31.51 -48.49
C PHE D 302 0.19 -32.66 -49.21
N GLY D 303 0.69 -33.61 -48.44
CA GLY D 303 1.33 -34.80 -49.00
C GLY D 303 2.56 -34.43 -49.81
N ILE D 304 3.44 -33.65 -49.19
CA ILE D 304 4.72 -33.25 -49.77
C ILE D 304 5.83 -33.79 -48.87
N SER D 305 6.86 -34.41 -49.44
CA SER D 305 7.92 -35.00 -48.62
C SER D 305 9.28 -34.80 -49.26
N ASP D 306 9.30 -34.45 -50.55
CA ASP D 306 10.55 -34.22 -51.24
C ASP D 306 10.86 -32.73 -51.21
N TRP D 307 11.83 -32.36 -50.37
CA TRP D 307 12.11 -30.94 -50.13
C TRP D 307 12.67 -30.26 -51.39
N ASN D 308 13.29 -31.04 -52.27
CA ASN D 308 13.86 -30.48 -53.49
C ASN D 308 12.78 -30.25 -54.57
N SER D 309 11.53 -30.50 -54.22
CA SER D 309 10.40 -30.22 -55.12
C SER D 309 9.74 -28.88 -54.84
N LEU D 310 10.33 -28.10 -53.94
CA LEU D 310 9.70 -26.85 -53.48
C LEU D 310 10.56 -25.67 -53.92
N PHE D 311 9.94 -24.51 -54.19
CA PHE D 311 10.72 -23.28 -54.34
C PHE D 311 10.86 -22.58 -52.99
N TYR D 312 11.94 -21.81 -52.83
CA TYR D 312 12.31 -21.33 -51.50
C TYR D 312 12.54 -19.83 -51.41
N SER D 313 11.91 -19.22 -50.41
CA SER D 313 12.26 -17.87 -50.00
C SER D 313 12.66 -17.90 -48.55
N VAL D 314 13.96 -17.84 -48.29
CA VAL D 314 14.44 -17.88 -46.93
C VAL D 314 15.02 -16.54 -46.56
N HIS D 315 14.54 -16.01 -45.44
CA HIS D 315 15.06 -14.79 -44.88
C HIS D 315 16.58 -14.84 -44.82
N PRO D 316 17.24 -13.92 -45.53
CA PRO D 316 18.70 -13.91 -45.57
C PRO D 316 19.32 -13.21 -44.36
N GLY D 317 19.18 -13.77 -43.17
CA GLY D 317 19.75 -13.13 -41.99
C GLY D 317 21.27 -13.05 -42.12
N GLY D 318 21.86 -14.03 -42.81
CA GLY D 318 23.28 -14.05 -43.10
C GLY D 318 23.57 -15.25 -43.99
N ARG D 319 24.84 -15.44 -44.36
CA ARG D 319 25.21 -16.60 -45.16
C ARG D 319 24.93 -17.91 -44.41
N ALA D 320 25.30 -17.96 -43.14
CA ALA D 320 25.17 -19.17 -42.34
C ALA D 320 23.73 -19.66 -42.18
N ILE D 321 22.76 -18.75 -42.06
CA ILE D 321 21.37 -19.15 -41.97
C ILE D 321 21.01 -19.89 -43.22
N LEU D 322 21.41 -19.33 -44.36
CA LEU D 322 21.17 -19.96 -45.62
C LEU D 322 21.91 -21.31 -45.76
N ASP D 323 23.20 -21.35 -45.39
CA ASP D 323 23.97 -22.60 -45.47
C ASP D 323 23.30 -23.69 -44.61
N GLN D 324 22.74 -23.26 -43.47
CA GLN D 324 22.17 -24.19 -42.52
C GLN D 324 20.82 -24.74 -42.99
N VAL D 325 20.00 -23.86 -43.58
CA VAL D 325 18.73 -24.31 -44.15
C VAL D 325 18.98 -25.24 -45.34
N GLU D 326 19.89 -24.84 -46.22
CA GLU D 326 20.31 -25.65 -47.37
C GLU D 326 20.75 -27.03 -46.91
N LEU D 327 21.63 -27.03 -45.90
CA LEU D 327 22.17 -28.27 -45.33
C LEU D 327 21.14 -29.21 -44.72
N ASN D 328 20.35 -28.72 -43.77
CA ASN D 328 19.44 -29.60 -43.04
C ASN D 328 18.20 -30.02 -43.86
N LEU D 329 18.02 -29.39 -45.03
CA LEU D 329 16.96 -29.78 -45.92
C LEU D 329 17.48 -30.61 -47.10
N GLY D 330 18.79 -30.84 -47.10
CA GLY D 330 19.43 -31.66 -48.13
C GLY D 330 19.19 -31.10 -49.52
N LEU D 331 19.21 -29.77 -49.64
CA LEU D 331 18.87 -29.14 -50.90
C LEU D 331 20.05 -29.12 -51.86
N GLY D 332 19.76 -29.21 -53.15
CA GLY D 332 20.77 -29.01 -54.18
C GLY D 332 21.18 -27.55 -54.14
N LYS D 333 22.42 -27.28 -54.55
CA LYS D 333 23.05 -25.99 -54.32
C LYS D 333 22.40 -24.80 -55.03
N GLU D 334 21.37 -25.04 -55.83
CA GLU D 334 20.72 -23.99 -56.62
C GLU D 334 19.34 -23.67 -56.05
N LYS D 335 18.97 -24.40 -55.01
CA LYS D 335 17.65 -24.22 -54.43
C LYS D 335 17.53 -22.85 -53.79
N LEU D 336 18.62 -22.39 -53.18
CA LEU D 336 18.58 -21.14 -52.45
C LEU D 336 19.17 -20.00 -53.25
N ARG D 337 19.19 -20.14 -54.57
CA ARG D 337 19.84 -19.16 -55.41
C ARG D 337 19.23 -17.76 -55.29
N ALA D 338 17.91 -17.64 -55.23
CA ALA D 338 17.32 -16.32 -55.14
C ALA D 338 17.64 -15.63 -53.79
N SER D 339 17.61 -16.41 -52.71
CA SER D 339 17.88 -15.88 -51.39
C SER D 339 19.32 -15.38 -51.35
N ARG D 340 20.24 -16.20 -51.86
CA ARG D 340 21.63 -15.79 -51.91
C ARG D 340 21.84 -14.57 -52.80
N HIS D 341 21.09 -14.50 -53.89
CA HIS D 341 21.23 -13.37 -54.81
C HIS D 341 20.86 -12.07 -54.14
N VAL D 342 19.73 -12.08 -53.43
CA VAL D 342 19.28 -10.93 -52.68
C VAL D 342 20.24 -10.58 -51.55
N LEU D 343 20.69 -11.59 -50.80
CA LEU D 343 21.68 -11.34 -49.76
C LEU D 343 22.93 -10.65 -50.32
N SER D 344 23.33 -11.06 -51.52
CA SER D 344 24.54 -10.55 -52.16
C SER D 344 24.36 -9.12 -52.68
N GLU D 345 23.22 -8.87 -53.31
CA GLU D 345 22.98 -7.61 -54.01
C GLU D 345 22.32 -6.53 -53.16
N TYR D 346 21.83 -6.89 -51.96
CA TYR D 346 21.10 -5.94 -51.11
C TYR D 346 21.42 -6.06 -49.61
N GLY D 347 21.95 -7.20 -49.18
CA GLY D 347 22.18 -7.43 -47.77
C GLY D 347 20.93 -7.89 -47.04
N ASN D 348 20.97 -7.83 -45.71
CA ASN D 348 19.83 -8.18 -44.89
C ASN D 348 18.97 -6.97 -44.63
N MET D 349 17.80 -6.94 -45.26
CA MET D 349 16.89 -5.81 -45.15
C MET D 349 15.69 -6.14 -44.25
N GLY D 350 15.91 -7.01 -43.27
CA GLY D 350 14.85 -7.40 -42.35
C GLY D 350 13.63 -8.03 -43.00
N GLY D 351 12.46 -7.60 -42.51
CA GLY D 351 11.19 -8.13 -42.95
C GLY D 351 10.96 -8.02 -44.45
N SER D 352 11.48 -6.98 -45.09
CA SER D 352 11.18 -6.82 -46.51
C SER D 352 11.91 -7.87 -47.34
N SER D 353 12.97 -8.43 -46.78
CA SER D 353 13.86 -9.27 -47.57
C SER D 353 13.18 -10.44 -48.32
N VAL D 354 12.36 -11.21 -47.62
CA VAL D 354 11.71 -12.38 -48.24
C VAL D 354 10.88 -11.99 -49.45
N TYR D 355 10.47 -10.72 -49.52
CA TYR D 355 9.72 -10.24 -50.68
C TYR D 355 10.59 -9.79 -51.83
N PHE D 356 11.80 -9.29 -51.56
CA PHE D 356 12.76 -9.12 -52.65
C PHE D 356 12.98 -10.50 -53.32
N ILE D 357 13.23 -11.53 -52.51
CA ILE D 357 13.54 -12.87 -53.01
C ILE D 357 12.43 -13.41 -53.93
N LEU D 358 11.19 -13.36 -53.42
CA LEU D 358 10.01 -13.78 -54.16
C LEU D 358 9.96 -13.01 -55.48
N ASP D 359 10.18 -11.70 -55.39
CA ASP D 359 10.15 -10.87 -56.57
C ASP D 359 11.14 -11.42 -57.57
N GLU D 360 12.37 -11.62 -57.09
CA GLU D 360 13.43 -12.14 -57.94
C GLU D 360 12.99 -13.44 -58.60
N ILE D 361 12.42 -14.34 -57.79
CA ILE D 361 11.99 -15.64 -58.25
C ILE D 361 11.00 -15.49 -59.41
N ARG D 362 10.08 -14.55 -59.27
CA ARG D 362 9.11 -14.27 -60.31
C ARG D 362 9.83 -13.82 -61.59
N LYS D 363 10.67 -12.81 -61.44
CA LYS D 363 11.31 -12.18 -62.59
C LYS D 363 12.16 -13.20 -63.34
N LYS D 364 13.00 -13.91 -62.60
CA LYS D 364 13.87 -14.94 -63.18
C LYS D 364 13.04 -16.01 -63.88
N SER D 365 11.89 -16.32 -63.29
CA SER D 365 11.02 -17.32 -63.87
C SER D 365 10.57 -16.88 -65.24
N MET D 366 10.23 -15.59 -65.35
CA MET D 366 9.78 -15.07 -66.64
C MET D 366 11.00 -15.02 -67.57
N GLN D 367 12.16 -14.75 -66.97
CA GLN D 367 13.37 -14.49 -67.74
C GLN D 367 13.83 -15.79 -68.37
N GLU D 368 13.64 -16.89 -67.65
CA GLU D 368 14.03 -18.21 -68.11
C GLU D 368 12.85 -18.96 -68.74
N ALA D 369 11.77 -18.23 -69.04
CA ALA D 369 10.60 -18.79 -69.70
C ALA D 369 10.03 -20.07 -69.06
N LYS D 370 10.10 -20.15 -67.73
CA LYS D 370 9.56 -21.27 -66.96
C LYS D 370 8.02 -21.31 -66.98
N PRO D 371 7.44 -22.49 -66.72
CA PRO D 371 5.98 -22.67 -66.65
C PRO D 371 5.29 -22.01 -65.45
N THR D 372 5.99 -21.86 -64.32
CA THR D 372 5.39 -21.24 -63.14
C THR D 372 6.21 -20.08 -62.58
N THR D 373 5.56 -19.24 -61.77
CA THR D 373 6.22 -18.13 -61.07
C THR D 373 7.18 -18.62 -59.99
N GLY D 374 7.07 -19.90 -59.65
CA GLY D 374 7.95 -20.53 -58.68
C GLY D 374 9.00 -21.43 -59.31
N ASP D 375 9.78 -20.89 -60.25
CA ASP D 375 10.87 -21.61 -60.92
C ASP D 375 10.41 -22.88 -61.66
N GLY D 376 9.14 -22.90 -62.06
CA GLY D 376 8.61 -24.06 -62.75
C GLY D 376 7.98 -25.09 -61.83
N LEU D 377 8.14 -24.89 -60.52
CA LEU D 377 7.54 -25.80 -59.54
C LEU D 377 6.22 -25.22 -59.08
N GLU D 378 5.41 -26.04 -58.43
CA GLU D 378 4.10 -25.56 -58.02
C GLU D 378 4.02 -25.23 -56.53
N TRP D 379 4.66 -26.03 -55.68
CA TRP D 379 4.68 -25.73 -54.24
C TRP D 379 5.95 -24.98 -53.76
N GLY D 380 5.76 -24.04 -52.83
CA GLY D 380 6.88 -23.31 -52.30
C GLY D 380 6.78 -22.99 -50.81
N VAL D 381 7.93 -22.63 -50.23
CA VAL D 381 7.96 -22.24 -48.82
C VAL D 381 8.76 -20.96 -48.61
N LEU D 382 8.15 -20.02 -47.88
CA LEU D 382 8.83 -18.82 -47.46
C LEU D 382 9.10 -18.95 -45.96
N PHE D 383 10.39 -18.82 -45.59
CA PHE D 383 10.81 -18.86 -44.20
C PHE D 383 11.15 -17.44 -43.70
N ALA D 384 10.28 -16.90 -42.85
CA ALA D 384 10.51 -15.60 -42.22
C ALA D 384 11.14 -15.82 -40.87
N ILE D 385 12.37 -15.34 -40.67
CA ILE D 385 13.08 -15.65 -39.42
C ILE D 385 13.41 -14.39 -38.61
N GLY D 386 13.14 -14.42 -37.30
CA GLY D 386 13.42 -13.25 -36.47
C GLY D 386 13.72 -13.49 -35.01
N PRO D 387 13.90 -12.40 -34.23
CA PRO D 387 14.15 -12.52 -32.79
C PRO D 387 12.98 -13.24 -32.13
N GLY D 388 13.32 -14.09 -31.16
CA GLY D 388 12.37 -15.01 -30.57
C GLY D 388 13.07 -16.15 -29.88
N LEU D 389 13.76 -17.03 -30.61
CA LEU D 389 13.78 -17.07 -32.07
C LEU D 389 12.44 -17.51 -32.59
N THR D 390 11.92 -16.76 -33.55
CA THR D 390 10.60 -17.04 -34.07
C THR D 390 10.67 -17.25 -35.59
N VAL D 391 10.07 -18.35 -36.03
CA VAL D 391 10.05 -18.67 -37.44
C VAL D 391 8.60 -18.70 -37.89
N GLU D 392 8.30 -17.95 -38.96
CA GLU D 392 7.01 -18.10 -39.61
C GLU D 392 7.29 -18.87 -40.89
N THR D 393 6.58 -19.99 -41.04
CA THR D 393 6.67 -20.84 -42.21
C THR D 393 5.41 -20.65 -43.08
N VAL D 394 5.59 -20.11 -44.29
CA VAL D 394 4.46 -19.90 -45.21
C VAL D 394 4.53 -20.85 -46.41
N ILE D 395 3.54 -21.74 -46.50
CA ILE D 395 3.39 -22.63 -47.63
C ILE D 395 2.58 -21.91 -48.67
N LEU D 396 3.24 -21.70 -49.81
CA LEU D 396 2.72 -20.98 -50.94
C LEU D 396 2.51 -21.91 -52.14
N LEU D 397 1.70 -21.44 -53.09
CA LEU D 397 1.46 -22.13 -54.35
C LEU D 397 1.77 -21.20 -55.49
N SER D 398 2.59 -21.66 -56.43
CA SER D 398 2.96 -20.84 -57.59
C SER D 398 1.80 -20.76 -58.58
N VAL D 399 1.97 -19.91 -59.58
CA VAL D 399 0.97 -19.72 -60.62
C VAL D 399 1.62 -19.95 -61.99
N PRO D 400 0.91 -20.65 -62.91
CA PRO D 400 1.40 -20.91 -64.27
C PRO D 400 1.40 -19.62 -65.10
N ILE D 401 2.37 -19.47 -66.01
CA ILE D 401 2.49 -18.25 -66.82
C ILE D 401 2.29 -18.47 -68.33
C1 GOL E . 11.48 13.65 58.61
O1 GOL E . 12.26 14.31 59.61
C2 GOL E . 10.28 14.50 58.25
O2 GOL E . 9.05 13.76 58.23
C3 GOL E . 10.52 15.17 56.92
O3 GOL E . 10.63 16.57 57.11
C1 GOL F . 20.03 9.61 -17.77
O1 GOL F . 19.78 9.32 -16.40
C2 GOL F . 20.08 8.37 -18.65
O2 GOL F . 18.89 7.59 -18.46
C3 GOL F . 21.35 7.61 -18.36
O3 GOL F . 21.61 6.51 -19.24
#